data_4DNN
# 
_entry.id   4DNN 
# 
_audit_conform.dict_name       mmcif_pdbx.dic 
_audit_conform.dict_version    5.398 
_audit_conform.dict_location   http://mmcif.pdb.org/dictionaries/ascii/mmcif_pdbx.dic 
# 
loop_
_database_2.database_id 
_database_2.database_code 
_database_2.pdbx_database_accession 
_database_2.pdbx_DOI 
PDB   4DNN         pdb_00004dnn 10.2210/pdb4dnn/pdb 
RCSB  RCSB070554   ?            ?                   
WWPDB D_1000070554 ?            ?                   
# 
loop_
_pdbx_audit_revision_history.ordinal 
_pdbx_audit_revision_history.data_content_type 
_pdbx_audit_revision_history.major_revision 
_pdbx_audit_revision_history.minor_revision 
_pdbx_audit_revision_history.revision_date 
1 'Structure model' 1 0 2012-09-12 
2 'Structure model' 1 1 2012-10-17 
3 'Structure model' 1 2 2024-11-06 
# 
_pdbx_audit_revision_details.ordinal             1 
_pdbx_audit_revision_details.revision_ordinal    1 
_pdbx_audit_revision_details.data_content_type   'Structure model' 
_pdbx_audit_revision_details.provider            repository 
_pdbx_audit_revision_details.type                'Initial release' 
_pdbx_audit_revision_details.description         ? 
_pdbx_audit_revision_details.details             ? 
# 
loop_
_pdbx_audit_revision_group.ordinal 
_pdbx_audit_revision_group.revision_ordinal 
_pdbx_audit_revision_group.data_content_type 
_pdbx_audit_revision_group.group 
1 2 'Structure model' 'Database references'  
2 3 'Structure model' 'Data collection'      
3 3 'Structure model' 'Database references'  
4 3 'Structure model' 'Derived calculations' 
5 3 'Structure model' 'Structure summary'    
# 
loop_
_pdbx_audit_revision_category.ordinal 
_pdbx_audit_revision_category.revision_ordinal 
_pdbx_audit_revision_category.data_content_type 
_pdbx_audit_revision_category.category 
1 3 'Structure model' chem_comp_atom            
2 3 'Structure model' chem_comp_bond            
3 3 'Structure model' database_2                
4 3 'Structure model' pdbx_entry_details        
5 3 'Structure model' pdbx_modification_feature 
6 3 'Structure model' struct_conn               
7 3 'Structure model' struct_ref_seq_dif        
8 3 'Structure model' struct_site               
# 
loop_
_pdbx_audit_revision_item.ordinal 
_pdbx_audit_revision_item.revision_ordinal 
_pdbx_audit_revision_item.data_content_type 
_pdbx_audit_revision_item.item 
1 3 'Structure model' '_database_2.pdbx_DOI'                
2 3 'Structure model' '_database_2.pdbx_database_accession' 
3 3 'Structure model' '_struct_conn.pdbx_leaving_atom_flag' 
4 3 'Structure model' '_struct_ref_seq_dif.details'         
5 3 'Structure model' '_struct_site.pdbx_auth_asym_id'      
6 3 'Structure model' '_struct_site.pdbx_auth_comp_id'      
7 3 'Structure model' '_struct_site.pdbx_auth_seq_id'       
# 
_pdbx_database_status.status_code                     REL 
_pdbx_database_status.entry_id                        4DNN 
_pdbx_database_status.recvd_initial_deposition_date   2012-02-08 
_pdbx_database_status.deposit_site                    RCSB 
_pdbx_database_status.process_site                    RCSB 
_pdbx_database_status.status_code_sf                  REL 
_pdbx_database_status.status_code_mr                  ? 
_pdbx_database_status.SG_entry                        ? 
_pdbx_database_status.status_code_cs                  ? 
_pdbx_database_status.methods_development_category    ? 
_pdbx_database_status.pdb_format_compatible           Y 
_pdbx_database_status.status_code_nmr_data            ? 
# 
loop_
_audit_author.name 
_audit_author.pdbx_ordinal 
'Beuck, C.'        1 
'Qu, S.'           2 
'Williamson, J.R.' 3 
# 
_citation.id                        primary 
_citation.title                     'Structural Analysis of the Quaking Homodimerization Interface.' 
_citation.journal_abbrev            J.Mol.Biol. 
_citation.journal_volume            423 
_citation.page_first                766 
_citation.page_last                 781 
_citation.year                      2012 
_citation.journal_id_ASTM           JMOBAK 
_citation.country                   UK 
_citation.journal_id_ISSN           0022-2836 
_citation.journal_id_CSD            0070 
_citation.book_publisher            ? 
_citation.pdbx_database_id_PubMed   22982292 
_citation.pdbx_database_id_DOI      10.1016/j.jmb.2012.08.027 
# 
loop_
_citation_author.citation_id 
_citation_author.name 
_citation_author.ordinal 
_citation_author.identifier_ORCID 
primary 'Beuck, C.'        1 ? 
primary 'Qu, S.'           2 ? 
primary 'Fagg, W.S.'       3 ? 
primary 'Ares, M.'         4 ? 
primary 'Williamson, J.R.' 5 ? 
# 
loop_
_entity.id 
_entity.type 
_entity.src_method 
_entity.pdbx_description 
_entity.formula_weight 
_entity.pdbx_number_of_molecules 
_entity.pdbx_ec 
_entity.pdbx_mutation 
_entity.pdbx_fragment 
_entity.details 
1 polymer     man 'Protein quaking' 6689.929 2  ? C35S 'UNP residues 14-67 domain' ? 
2 non-polymer syn 'CALCIUM ION'     40.078   1  ? ?    ?                           ? 
3 water       nat water             18.015   44 ? ?    ?                           ? 
# 
_entity_name_com.entity_id   1 
_entity_name_com.name        'MqkI, qkI' 
# 
_entity_poly.entity_id                      1 
_entity_poly.type                           'polypeptide(L)' 
_entity_poly.nstd_linkage                   no 
_entity_poly.nstd_monomer                   yes 
_entity_poly.pdbx_seq_one_letter_code       'GSTPDYL(MSE)QL(MSE)NDKKL(MSE)SSLPNFSGIFNHLERLLDEEISRVRKD(MSE)YNDTLNGSTEK' 
_entity_poly.pdbx_seq_one_letter_code_can   GSTPDYLMQLMNDKKLMSSLPNFSGIFNHLERLLDEEISRVRKDMYNDTLNGSTEK 
_entity_poly.pdbx_strand_id                 A,B 
_entity_poly.pdbx_target_identifier         ? 
# 
loop_
_pdbx_entity_nonpoly.entity_id 
_pdbx_entity_nonpoly.name 
_pdbx_entity_nonpoly.comp_id 
2 'CALCIUM ION' CA  
3 water         HOH 
# 
loop_
_entity_poly_seq.entity_id 
_entity_poly_seq.num 
_entity_poly_seq.mon_id 
_entity_poly_seq.hetero 
1 1  GLY n 
1 2  SER n 
1 3  THR n 
1 4  PRO n 
1 5  ASP n 
1 6  TYR n 
1 7  LEU n 
1 8  MSE n 
1 9  GLN n 
1 10 LEU n 
1 11 MSE n 
1 12 ASN n 
1 13 ASP n 
1 14 LYS n 
1 15 LYS n 
1 16 LEU n 
1 17 MSE n 
1 18 SER n 
1 19 SER n 
1 20 LEU n 
1 21 PRO n 
1 22 ASN n 
1 23 PHE n 
1 24 SER n 
1 25 GLY n 
1 26 ILE n 
1 27 PHE n 
1 28 ASN n 
1 29 HIS n 
1 30 LEU n 
1 31 GLU n 
1 32 ARG n 
1 33 LEU n 
1 34 LEU n 
1 35 ASP n 
1 36 GLU n 
1 37 GLU n 
1 38 ILE n 
1 39 SER n 
1 40 ARG n 
1 41 VAL n 
1 42 ARG n 
1 43 LYS n 
1 44 ASP n 
1 45 MSE n 
1 46 TYR n 
1 47 ASN n 
1 48 ASP n 
1 49 THR n 
1 50 LEU n 
1 51 ASN n 
1 52 GLY n 
1 53 SER n 
1 54 THR n 
1 55 GLU n 
1 56 LYS n 
# 
_entity_src_gen.entity_id                          1 
_entity_src_gen.pdbx_src_id                        1 
_entity_src_gen.pdbx_alt_source_flag               sample 
_entity_src_gen.pdbx_seq_type                      ? 
_entity_src_gen.pdbx_beg_seq_num                   ? 
_entity_src_gen.pdbx_end_seq_num                   ? 
_entity_src_gen.gene_src_common_name               mouse 
_entity_src_gen.gene_src_genus                     ? 
_entity_src_gen.pdbx_gene_src_gene                 'Qk, Qk1, Qka1, Qki, Quaking' 
_entity_src_gen.gene_src_species                   ? 
_entity_src_gen.gene_src_strain                    ? 
_entity_src_gen.gene_src_tissue                    ? 
_entity_src_gen.gene_src_tissue_fraction           ? 
_entity_src_gen.gene_src_details                   ? 
_entity_src_gen.pdbx_gene_src_fragment             ? 
_entity_src_gen.pdbx_gene_src_scientific_name      'Mus musculus' 
_entity_src_gen.pdbx_gene_src_ncbi_taxonomy_id     10090 
_entity_src_gen.pdbx_gene_src_variant              ? 
_entity_src_gen.pdbx_gene_src_cell_line            ? 
_entity_src_gen.pdbx_gene_src_atcc                 ? 
_entity_src_gen.pdbx_gene_src_organ                ? 
_entity_src_gen.pdbx_gene_src_organelle            ? 
_entity_src_gen.pdbx_gene_src_cell                 ? 
_entity_src_gen.pdbx_gene_src_cellular_location    ? 
_entity_src_gen.host_org_common_name               ? 
_entity_src_gen.pdbx_host_org_scientific_name      'Escherichia coli' 
_entity_src_gen.pdbx_host_org_ncbi_taxonomy_id     469008 
_entity_src_gen.host_org_genus                     ? 
_entity_src_gen.pdbx_host_org_gene                 ? 
_entity_src_gen.pdbx_host_org_organ                ? 
_entity_src_gen.host_org_species                   ? 
_entity_src_gen.pdbx_host_org_tissue               ? 
_entity_src_gen.pdbx_host_org_tissue_fraction      ? 
_entity_src_gen.pdbx_host_org_strain               'BL21 Gold (DE3)' 
_entity_src_gen.pdbx_host_org_variant              ? 
_entity_src_gen.pdbx_host_org_cell_line            ? 
_entity_src_gen.pdbx_host_org_atcc                 ? 
_entity_src_gen.pdbx_host_org_culture_collection   ? 
_entity_src_gen.pdbx_host_org_cell                 ? 
_entity_src_gen.pdbx_host_org_organelle            ? 
_entity_src_gen.pdbx_host_org_cellular_location    ? 
_entity_src_gen.pdbx_host_org_vector_type          Plasmid 
_entity_src_gen.pdbx_host_org_vector               ? 
_entity_src_gen.host_org_details                   ? 
_entity_src_gen.expression_system_id               ? 
_entity_src_gen.plasmid_name                       'modified pET22b' 
_entity_src_gen.plasmid_details                    ? 
_entity_src_gen.pdbx_description                   ? 
# 
loop_
_chem_comp.id 
_chem_comp.type 
_chem_comp.mon_nstd_flag 
_chem_comp.name 
_chem_comp.pdbx_synonyms 
_chem_comp.formula 
_chem_comp.formula_weight 
ARG 'L-peptide linking' y ARGININE         ? 'C6 H15 N4 O2 1' 175.209 
ASN 'L-peptide linking' y ASPARAGINE       ? 'C4 H8 N2 O3'    132.118 
ASP 'L-peptide linking' y 'ASPARTIC ACID'  ? 'C4 H7 N O4'     133.103 
CA  non-polymer         . 'CALCIUM ION'    ? 'Ca 2'           40.078  
CYS 'L-peptide linking' y CYSTEINE         ? 'C3 H7 N O2 S'   121.158 
GLN 'L-peptide linking' y GLUTAMINE        ? 'C5 H10 N2 O3'   146.144 
GLU 'L-peptide linking' y 'GLUTAMIC ACID'  ? 'C5 H9 N O4'     147.129 
GLY 'peptide linking'   y GLYCINE          ? 'C2 H5 N O2'     75.067  
HIS 'L-peptide linking' y HISTIDINE        ? 'C6 H10 N3 O2 1' 156.162 
HOH non-polymer         . WATER            ? 'H2 O'           18.015  
ILE 'L-peptide linking' y ISOLEUCINE       ? 'C6 H13 N O2'    131.173 
LEU 'L-peptide linking' y LEUCINE          ? 'C6 H13 N O2'    131.173 
LYS 'L-peptide linking' y LYSINE           ? 'C6 H15 N2 O2 1' 147.195 
MSE 'L-peptide linking' n SELENOMETHIONINE ? 'C5 H11 N O2 Se' 196.106 
PHE 'L-peptide linking' y PHENYLALANINE    ? 'C9 H11 N O2'    165.189 
PRO 'L-peptide linking' y PROLINE          ? 'C5 H9 N O2'     115.130 
SER 'L-peptide linking' y SERINE           ? 'C3 H7 N O3'     105.093 
THR 'L-peptide linking' y THREONINE        ? 'C4 H9 N O3'     119.119 
TYR 'L-peptide linking' y TYROSINE         ? 'C9 H11 N O3'    181.189 
VAL 'L-peptide linking' y VALINE           ? 'C5 H11 N O2'    117.146 
# 
loop_
_pdbx_poly_seq_scheme.asym_id 
_pdbx_poly_seq_scheme.entity_id 
_pdbx_poly_seq_scheme.seq_id 
_pdbx_poly_seq_scheme.mon_id 
_pdbx_poly_seq_scheme.ndb_seq_num 
_pdbx_poly_seq_scheme.pdb_seq_num 
_pdbx_poly_seq_scheme.auth_seq_num 
_pdbx_poly_seq_scheme.pdb_mon_id 
_pdbx_poly_seq_scheme.auth_mon_id 
_pdbx_poly_seq_scheme.pdb_strand_id 
_pdbx_poly_seq_scheme.pdb_ins_code 
_pdbx_poly_seq_scheme.hetero 
A 1 1  GLY 1  -2 -2 GLY GLY A . n 
A 1 2  SER 2  -1 -1 SER SER A . n 
A 1 3  THR 3  14 14 THR THR A . n 
A 1 4  PRO 4  15 15 PRO PRO A . n 
A 1 5  ASP 5  16 16 ASP ASP A . n 
A 1 6  TYR 6  17 17 TYR TYR A . n 
A 1 7  LEU 7  18 18 LEU LEU A . n 
A 1 8  MSE 8  19 19 MSE MSE A . n 
A 1 9  GLN 9  20 20 GLN GLN A . n 
A 1 10 LEU 10 21 21 LEU LEU A . n 
A 1 11 MSE 11 22 22 MSE MSE A . n 
A 1 12 ASN 12 23 23 ASN ASN A . n 
A 1 13 ASP 13 24 24 ASP ASP A . n 
A 1 14 LYS 14 25 25 LYS LYS A . n 
A 1 15 LYS 15 26 26 LYS LYS A . n 
A 1 16 LEU 16 27 27 LEU LEU A . n 
A 1 17 MSE 17 28 28 MSE MSE A . n 
A 1 18 SER 18 29 29 SER SER A . n 
A 1 19 SER 19 30 30 SER SER A . n 
A 1 20 LEU 20 31 31 LEU LEU A . n 
A 1 21 PRO 21 32 32 PRO PRO A . n 
A 1 22 ASN 22 33 33 ASN ASN A . n 
A 1 23 PHE 23 34 34 PHE PHE A . n 
A 1 24 SER 24 35 35 SER SER A . n 
A 1 25 GLY 25 36 36 GLY GLY A . n 
A 1 26 ILE 26 37 37 ILE ILE A . n 
A 1 27 PHE 27 38 38 PHE PHE A . n 
A 1 28 ASN 28 39 39 ASN ASN A . n 
A 1 29 HIS 29 40 40 HIS HIS A . n 
A 1 30 LEU 30 41 41 LEU LEU A . n 
A 1 31 GLU 31 42 42 GLU GLU A . n 
A 1 32 ARG 32 43 43 ARG ARG A . n 
A 1 33 LEU 33 44 44 LEU LEU A . n 
A 1 34 LEU 34 45 45 LEU LEU A . n 
A 1 35 ASP 35 46 46 ASP ASP A . n 
A 1 36 GLU 36 47 47 GLU GLU A . n 
A 1 37 GLU 37 48 48 GLU GLU A . n 
A 1 38 ILE 38 49 49 ILE ILE A . n 
A 1 39 SER 39 50 50 SER SER A . n 
A 1 40 ARG 40 51 51 ARG ARG A . n 
A 1 41 VAL 41 52 52 VAL VAL A . n 
A 1 42 ARG 42 53 53 ARG ARG A . n 
A 1 43 LYS 43 54 54 LYS LYS A . n 
A 1 44 ASP 44 55 55 ASP ASP A . n 
A 1 45 MSE 45 56 56 MSE MSE A . n 
A 1 46 TYR 46 57 57 TYR TYR A . n 
A 1 47 ASN 47 58 58 ASN ASN A . n 
A 1 48 ASP 48 59 59 ASP ASP A . n 
A 1 49 THR 49 60 60 THR THR A . n 
A 1 50 LEU 50 61 61 LEU LEU A . n 
A 1 51 ASN 51 62 ?  ?   ?   A . n 
A 1 52 GLY 52 63 ?  ?   ?   A . n 
A 1 53 SER 53 64 ?  ?   ?   A . n 
A 1 54 THR 54 65 ?  ?   ?   A . n 
A 1 55 GLU 55 66 ?  ?   ?   A . n 
A 1 56 LYS 56 67 ?  ?   ?   A . n 
B 1 1  GLY 1  -2 -2 GLY GLY B . n 
B 1 2  SER 2  -1 -1 SER SER B . n 
B 1 3  THR 3  14 14 THR THR B . n 
B 1 4  PRO 4  15 15 PRO PRO B . n 
B 1 5  ASP 5  16 16 ASP ASP B . n 
B 1 6  TYR 6  17 17 TYR TYR B . n 
B 1 7  LEU 7  18 18 LEU LEU B . n 
B 1 8  MSE 8  19 19 MSE MSE B . n 
B 1 9  GLN 9  20 20 GLN GLN B . n 
B 1 10 LEU 10 21 21 LEU LEU B . n 
B 1 11 MSE 11 22 22 MSE MSE B . n 
B 1 12 ASN 12 23 23 ASN ASN B . n 
B 1 13 ASP 13 24 24 ASP ASP B . n 
B 1 14 LYS 14 25 25 LYS LYS B . n 
B 1 15 LYS 15 26 26 LYS LYS B . n 
B 1 16 LEU 16 27 27 LEU LEU B . n 
B 1 17 MSE 17 28 28 MSE MSE B . n 
B 1 18 SER 18 29 29 SER SER B . n 
B 1 19 SER 19 30 30 SER SER B . n 
B 1 20 LEU 20 31 31 LEU LEU B . n 
B 1 21 PRO 21 32 32 PRO PRO B . n 
B 1 22 ASN 22 33 33 ASN ASN B . n 
B 1 23 PHE 23 34 34 PHE PHE B . n 
B 1 24 SER 24 35 35 SER SER B . n 
B 1 25 GLY 25 36 36 GLY GLY B . n 
B 1 26 ILE 26 37 37 ILE ILE B . n 
B 1 27 PHE 27 38 38 PHE PHE B . n 
B 1 28 ASN 28 39 39 ASN ASN B . n 
B 1 29 HIS 29 40 40 HIS HIS B . n 
B 1 30 LEU 30 41 41 LEU LEU B . n 
B 1 31 GLU 31 42 42 GLU GLU B . n 
B 1 32 ARG 32 43 43 ARG ARG B . n 
B 1 33 LEU 33 44 44 LEU LEU B . n 
B 1 34 LEU 34 45 45 LEU LEU B . n 
B 1 35 ASP 35 46 46 ASP ASP B . n 
B 1 36 GLU 36 47 47 GLU GLU B . n 
B 1 37 GLU 37 48 48 GLU GLU B . n 
B 1 38 ILE 38 49 49 ILE ILE B . n 
B 1 39 SER 39 50 50 SER SER B . n 
B 1 40 ARG 40 51 51 ARG ARG B . n 
B 1 41 VAL 41 52 52 VAL VAL B . n 
B 1 42 ARG 42 53 53 ARG ARG B . n 
B 1 43 LYS 43 54 54 LYS LYS B . n 
B 1 44 ASP 44 55 55 ASP ASP B . n 
B 1 45 MSE 45 56 56 MSE MSE B . n 
B 1 46 TYR 46 57 57 TYR TYR B . n 
B 1 47 ASN 47 58 58 ASN ASN B . n 
B 1 48 ASP 48 59 59 ASP ASP B . n 
B 1 49 THR 49 60 60 THR THR B . n 
B 1 50 LEU 50 61 61 LEU LEU B . n 
B 1 51 ASN 51 62 62 ASN ASN B . n 
B 1 52 GLY 52 63 ?  ?   ?   B . n 
B 1 53 SER 53 64 ?  ?   ?   B . n 
B 1 54 THR 54 65 ?  ?   ?   B . n 
B 1 55 GLU 55 66 ?  ?   ?   B . n 
B 1 56 LYS 56 67 ?  ?   ?   B . n 
# 
loop_
_pdbx_nonpoly_scheme.asym_id 
_pdbx_nonpoly_scheme.entity_id 
_pdbx_nonpoly_scheme.mon_id 
_pdbx_nonpoly_scheme.ndb_seq_num 
_pdbx_nonpoly_scheme.pdb_seq_num 
_pdbx_nonpoly_scheme.auth_seq_num 
_pdbx_nonpoly_scheme.pdb_mon_id 
_pdbx_nonpoly_scheme.auth_mon_id 
_pdbx_nonpoly_scheme.pdb_strand_id 
_pdbx_nonpoly_scheme.pdb_ins_code 
C 2 CA  1  101 1  CA  CA  B . 
D 3 HOH 1  101 1  HOH HOH A . 
D 3 HOH 2  102 2  HOH HOH A . 
D 3 HOH 3  103 4  HOH HOH A . 
D 3 HOH 4  104 7  HOH HOH A . 
D 3 HOH 5  105 11 HOH HOH A . 
D 3 HOH 6  106 14 HOH HOH A . 
D 3 HOH 7  107 17 HOH HOH A . 
D 3 HOH 8  108 19 HOH HOH A . 
D 3 HOH 9  109 28 HOH HOH A . 
D 3 HOH 10 110 29 HOH HOH A . 
D 3 HOH 11 111 30 HOH HOH A . 
D 3 HOH 12 112 31 HOH HOH A . 
D 3 HOH 13 113 32 HOH HOH A . 
D 3 HOH 14 114 33 HOH HOH A . 
D 3 HOH 15 115 34 HOH HOH A . 
D 3 HOH 16 116 35 HOH HOH A . 
D 3 HOH 17 117 42 HOH HOH A . 
D 3 HOH 18 118 43 HOH HOH A . 
E 3 HOH 1  201 3  HOH HOH B . 
E 3 HOH 2  202 5  HOH HOH B . 
E 3 HOH 3  203 6  HOH HOH B . 
E 3 HOH 4  204 8  HOH HOH B . 
E 3 HOH 5  205 9  HOH HOH B . 
E 3 HOH 6  206 10 HOH HOH B . 
E 3 HOH 7  207 12 HOH HOH B . 
E 3 HOH 8  208 13 HOH HOH B . 
E 3 HOH 9  209 15 HOH HOH B . 
E 3 HOH 10 210 16 HOH HOH B . 
E 3 HOH 11 211 18 HOH HOH B . 
E 3 HOH 12 212 20 HOH HOH B . 
E 3 HOH 13 213 21 HOH HOH B . 
E 3 HOH 14 214 22 HOH HOH B . 
E 3 HOH 15 215 23 HOH HOH B . 
E 3 HOH 16 216 24 HOH HOH B . 
E 3 HOH 17 217 25 HOH HOH B . 
E 3 HOH 18 218 26 HOH HOH B . 
E 3 HOH 19 219 27 HOH HOH B . 
E 3 HOH 20 220 36 HOH HOH B . 
E 3 HOH 21 221 37 HOH HOH B . 
E 3 HOH 22 222 38 HOH HOH B . 
E 3 HOH 23 223 39 HOH HOH B . 
E 3 HOH 24 224 40 HOH HOH B . 
E 3 HOH 25 225 41 HOH HOH B . 
E 3 HOH 26 226 44 HOH HOH B . 
# 
loop_
_software.name 
_software.classification 
_software.version 
_software.citation_id 
_software.pdbx_ordinal 
Blu-Ice  'data collection' .                            ? 1 
PHENIX   'model building'  '(phenix.autosol)'           ? 2 
PHENIX   refinement        '(phenix.refine: 1.7.2_869)' ? 3 
HKL-2000 'data reduction'  .                            ? 4 
HKL-2000 'data scaling'    .                            ? 5 
PHENIX   phasing           .                            ? 6 
# 
_cell.entry_id           4DNN 
_cell.length_a           33.983 
_cell.length_b           36.024 
_cell.length_c           92.814 
_cell.angle_alpha        90.00 
_cell.angle_beta         90.00 
_cell.angle_gamma        90.00 
_cell.Z_PDB              8 
_cell.pdbx_unique_axis   ? 
_cell.length_a_esd       ? 
_cell.length_b_esd       ? 
_cell.length_c_esd       ? 
_cell.angle_alpha_esd    ? 
_cell.angle_beta_esd     ? 
_cell.angle_gamma_esd    ? 
# 
_symmetry.entry_id                         4DNN 
_symmetry.space_group_name_H-M             'P 21 21 21' 
_symmetry.pdbx_full_space_group_name_H-M   ? 
_symmetry.cell_setting                     ? 
_symmetry.Int_Tables_number                19 
_symmetry.space_group_name_Hall            ? 
# 
_exptl.entry_id          4DNN 
_exptl.method            'X-RAY DIFFRACTION' 
_exptl.crystals_number   1 
# 
_exptl_crystal.id                    1 
_exptl_crystal.density_meas          ? 
_exptl_crystal.density_Matthews      2.12 
_exptl_crystal.density_percent_sol   42.06 
_exptl_crystal.description           ? 
_exptl_crystal.F_000                 ? 
_exptl_crystal.preparation           ? 
# 
_exptl_crystal_grow.crystal_id      1 
_exptl_crystal_grow.method          'VAPOR DIFFUSION, SITTING DROP' 
_exptl_crystal_grow.temp            295 
_exptl_crystal_grow.temp_details    ? 
_exptl_crystal_grow.pH              6.5 
_exptl_crystal_grow.pdbx_details    
'sodium cacodylate, calcium acetate, PEG 600, pH 6.5, VAPOR DIFFUSION, SITTING DROP, temperature 295K' 
_exptl_crystal_grow.pdbx_pH_range   ? 
# 
_diffrn.id                     1 
_diffrn.ambient_temp           100 
_diffrn.ambient_temp_details   ? 
_diffrn.crystal_id             1 
# 
_diffrn_detector.diffrn_id              1 
_diffrn_detector.detector               PIXEL 
_diffrn_detector.type                   'DECTRIS PILATUS 6M' 
_diffrn_detector.pdbx_collection_date   2011-02-01 
_diffrn_detector.details                'Rh coated flat mirror' 
# 
_diffrn_radiation.diffrn_id                        1 
_diffrn_radiation.wavelength_id                    1 
_diffrn_radiation.pdbx_monochromatic_or_laue_m_l   M 
_diffrn_radiation.monochromator                    
'Side scattering bent cube-root I-beam single crystal, asymmetric cut 4.965 degs' 
_diffrn_radiation.pdbx_diffrn_protocol             MAD 
_diffrn_radiation.pdbx_scattering_type             x-ray 
# 
loop_
_diffrn_radiation_wavelength.id 
_diffrn_radiation_wavelength.wavelength 
_diffrn_radiation_wavelength.wt 
1 0.9791358 1.0 
2 0.9184018 1.0 
3 0.979569  1.0 
# 
_diffrn_source.diffrn_id                   1 
_diffrn_source.source                      SYNCHROTRON 
_diffrn_source.type                        'SSRL BEAMLINE BL11-1' 
_diffrn_source.pdbx_synchrotron_site       SSRL 
_diffrn_source.pdbx_synchrotron_beamline   BL11-1 
_diffrn_source.pdbx_wavelength             ? 
_diffrn_source.pdbx_wavelength_list        '0.9791358, 0.9184018, 0.979569' 
# 
_reflns.entry_id                     4DNN 
_reflns.observed_criterion_sigma_I   2 
_reflns.observed_criterion_sigma_F   2 
_reflns.d_resolution_low             50 
_reflns.d_resolution_high            2.10 
_reflns.number_obs                   7046 
_reflns.number_all                   ? 
_reflns.percent_possible_obs         ? 
_reflns.pdbx_Rsym_value              0.036 
_reflns.pdbx_netI_over_sigmaI        35.1 
_reflns.B_iso_Wilson_estimate        41.1 
_reflns.pdbx_redundancy              4.3 
_reflns.R_free_details               ? 
_reflns.limit_h_max                  ? 
_reflns.limit_h_min                  ? 
_reflns.limit_k_max                  ? 
_reflns.limit_k_min                  ? 
_reflns.limit_l_max                  ? 
_reflns.limit_l_min                  ? 
_reflns.observed_criterion_F_max     ? 
_reflns.observed_criterion_F_min     ? 
_reflns.pdbx_chi_squared             ? 
_reflns.pdbx_scaling_rejects         ? 
_reflns.pdbx_Rmerge_I_obs            ? 
_reflns.pdbx_ordinal                 1 
_reflns.pdbx_diffrn_id               1 
# 
_reflns_shell.d_res_high             2.10 
_reflns_shell.d_res_low              2.65 
_reflns_shell.percent_possible_all   ? 
_reflns_shell.Rmerge_I_obs           ? 
_reflns_shell.pdbx_Rsym_value        0.288 
_reflns_shell.meanI_over_sigI_obs    5.2 
_reflns_shell.pdbx_redundancy        4.3 
_reflns_shell.percent_possible_obs   ? 
_reflns_shell.number_unique_all      578 
_reflns_shell.number_measured_all    ? 
_reflns_shell.number_measured_obs    ? 
_reflns_shell.number_unique_obs      ? 
_reflns_shell.pdbx_chi_squared       ? 
_reflns_shell.pdbx_ordinal           1 
_reflns_shell.pdbx_diffrn_id         1 
# 
_refine.entry_id                                 4DNN 
_refine.ls_number_reflns_obs                     7067 
_refine.ls_number_reflns_all                     7067 
_refine.pdbx_ls_sigma_I                          ? 
_refine.pdbx_ls_sigma_F                          0.00 
_refine.pdbx_data_cutoff_high_absF               ? 
_refine.pdbx_data_cutoff_low_absF                ? 
_refine.pdbx_data_cutoff_high_rms_absF           ? 
_refine.ls_d_res_low                             31.911 
_refine.ls_d_res_high                            2.100 
_refine.ls_percent_reflns_obs                    99.69 
_refine.ls_R_factor_obs                          0.2179 
_refine.ls_R_factor_R_work                       0.2163 
_refine.ls_R_factor_R_free                       0.2515 
_refine.ls_R_factor_R_free_error                 ? 
_refine.ls_R_factor_R_free_error_details         ? 
_refine.ls_percent_reflns_R_free                 4.47 
_refine.ls_number_reflns_R_free                  316 
_refine.ls_number_parameters                     ? 
_refine.ls_number_restraints                     ? 
_refine.occupancy_min                            ? 
_refine.occupancy_max                            ? 
_refine.correlation_coeff_Fo_to_Fc               ? 
_refine.correlation_coeff_Fo_to_Fc_free          ? 
_refine.B_iso_mean                               ? 
_refine.aniso_B[1][1]                            0.3079 
_refine.aniso_B[2][2]                            1.7713 
_refine.aniso_B[3][3]                            -2.0792 
_refine.aniso_B[1][2]                            0.0000 
_refine.aniso_B[1][3]                            -0.0000 
_refine.aniso_B[2][3]                            0.0000 
_refine.solvent_model_details                    'FLAT BULK SOLVENT MODEL' 
_refine.solvent_model_param_ksol                 0.357 
_refine.solvent_model_param_bsol                 38.555 
_refine.pdbx_solvent_vdw_probe_radii             1.10 
_refine.pdbx_solvent_ion_probe_radii             ? 
_refine.pdbx_solvent_shrinkage_radii             0.86 
_refine.pdbx_ls_cross_valid_method               ? 
_refine.details                                  ? 
_refine.pdbx_starting_model                      ? 
_refine.pdbx_method_to_determine_struct          MAD 
_refine.pdbx_isotropic_thermal_model             ? 
_refine.pdbx_stereochemistry_target_values       MLHL 
_refine.pdbx_stereochem_target_val_spec_case     ? 
_refine.pdbx_R_Free_selection_details            'random 5%' 
_refine.pdbx_overall_ESU_R                       ? 
_refine.pdbx_overall_ESU_R_Free                  ? 
_refine.overall_SU_ML                            0.49 
_refine.pdbx_overall_phase_error                 24.97 
_refine.overall_SU_B                             ? 
_refine.overall_SU_R_Cruickshank_DPI             ? 
_refine.ls_redundancy_reflns_obs                 ? 
_refine.B_iso_min                                ? 
_refine.B_iso_max                                ? 
_refine.overall_SU_R_free                        ? 
_refine.ls_wR_factor_R_free                      ? 
_refine.ls_wR_factor_R_work                      ? 
_refine.overall_FOM_free_R_set                   ? 
_refine.overall_FOM_work_R_set                   ? 
_refine.ls_R_factor_all                          ? 
_refine.pdbx_diffrn_id                           1 
_refine.pdbx_refine_id                           'X-RAY DIFFRACTION' 
_refine.pdbx_TLS_residual_ADP_flag               ? 
_refine.pdbx_overall_SU_R_free_Cruickshank_DPI   ? 
_refine.pdbx_overall_SU_R_Blow_DPI               ? 
_refine.pdbx_overall_SU_R_free_Blow_DPI          ? 
# 
_refine_hist.pdbx_refine_id                   'X-RAY DIFFRACTION' 
_refine_hist.cycle_id                         LAST 
_refine_hist.pdbx_number_atoms_protein        826 
_refine_hist.pdbx_number_atoms_nucleic_acid   0 
_refine_hist.pdbx_number_atoms_ligand         1 
_refine_hist.number_atoms_solvent             44 
_refine_hist.number_atoms_total               871 
_refine_hist.d_res_high                       2.100 
_refine_hist.d_res_low                        31.911 
# 
loop_
_refine_ls_restr.type 
_refine_ls_restr.dev_ideal 
_refine_ls_restr.dev_ideal_target 
_refine_ls_restr.weight 
_refine_ls_restr.number 
_refine_ls_restr.pdbx_restraint_function 
_refine_ls_restr.pdbx_refine_id 
f_bond_d           0.008  ? ? 871  ? 'X-RAY DIFFRACTION' 
f_angle_d          1.102  ? ? 1172 ? 'X-RAY DIFFRACTION' 
f_dihedral_angle_d 12.149 ? ? 352  ? 'X-RAY DIFFRACTION' 
f_chiral_restr     0.068  ? ? 129  ? 'X-RAY DIFFRACTION' 
f_plane_restr      0.006  ? ? 152  ? 'X-RAY DIFFRACTION' 
# 
_refine_ls_shell.pdbx_total_number_of_bins_used   ? 
_refine_ls_shell.d_res_high                       2.1000 
_refine_ls_shell.d_res_low                        2.6456 
_refine_ls_shell.number_reflns_R_work             3313 
_refine_ls_shell.R_factor_R_work                  0.2203 
_refine_ls_shell.percent_reflns_obs               100.00 
_refine_ls_shell.R_factor_R_free                  0.2466 
_refine_ls_shell.R_factor_R_free_error            ? 
_refine_ls_shell.percent_reflns_R_free            ? 
_refine_ls_shell.number_reflns_R_free             149 
_refine_ls_shell.number_reflns_all                ? 
_refine_ls_shell.R_factor_all                     ? 
_refine_ls_shell.number_reflns_obs                3462 
_refine_ls_shell.redundancy_reflns_obs            ? 
_refine_ls_shell.pdbx_refine_id                   'X-RAY DIFFRACTION' 
# 
_struct.entry_id                  4DNN 
_struct.title                     'Crystal structure of the Quaking Qua1 homodimerization domain' 
_struct.pdbx_model_details        ? 
_struct.pdbx_CASP_flag            ? 
_struct.pdbx_model_type_details   ? 
# 
_struct_keywords.entry_id        4DNN 
_struct_keywords.pdbx_keywords   SPLICING 
_struct_keywords.text            
;Helix-turn-helix, HYDROPHOBIC HOMODIMER INTERFACE, PERPENDICULAR STACKING OF Protomers, DEVELOPMENTAL PROTEIN, RNA-binding, splicing, TRANSLATION REGULATION
;
# 
loop_
_struct_asym.id 
_struct_asym.pdbx_blank_PDB_chainid_flag 
_struct_asym.pdbx_modified 
_struct_asym.entity_id 
_struct_asym.details 
A N N 1 ? 
B N N 1 ? 
C N N 2 ? 
D N N 3 ? 
E N N 3 ? 
# 
_struct_ref.id                         1 
_struct_ref.db_name                    UNP 
_struct_ref.db_code                    QKI_MOUSE 
_struct_ref.pdbx_db_accession          Q9QYS9 
_struct_ref.entity_id                  1 
_struct_ref.pdbx_seq_one_letter_code   TPDYLMQLMNDKKLMSSLPNFCGIFNHLERLLDEEISRVRKDMYNDTLNGSTEK 
_struct_ref.pdbx_align_begin           14 
_struct_ref.pdbx_db_isoform            ? 
# 
loop_
_struct_ref_seq.align_id 
_struct_ref_seq.ref_id 
_struct_ref_seq.pdbx_PDB_id_code 
_struct_ref_seq.pdbx_strand_id 
_struct_ref_seq.seq_align_beg 
_struct_ref_seq.pdbx_seq_align_beg_ins_code 
_struct_ref_seq.seq_align_end 
_struct_ref_seq.pdbx_seq_align_end_ins_code 
_struct_ref_seq.pdbx_db_accession 
_struct_ref_seq.db_align_beg 
_struct_ref_seq.pdbx_db_align_beg_ins_code 
_struct_ref_seq.db_align_end 
_struct_ref_seq.pdbx_db_align_end_ins_code 
_struct_ref_seq.pdbx_auth_seq_align_beg 
_struct_ref_seq.pdbx_auth_seq_align_end 
1 1 4DNN A 3 ? 56 ? Q9QYS9 14 ? 67 ? 14 67 
2 1 4DNN B 3 ? 56 ? Q9QYS9 14 ? 67 ? 14 67 
# 
loop_
_struct_ref_seq_dif.align_id 
_struct_ref_seq_dif.pdbx_pdb_id_code 
_struct_ref_seq_dif.mon_id 
_struct_ref_seq_dif.pdbx_pdb_strand_id 
_struct_ref_seq_dif.seq_num 
_struct_ref_seq_dif.pdbx_pdb_ins_code 
_struct_ref_seq_dif.pdbx_seq_db_name 
_struct_ref_seq_dif.pdbx_seq_db_accession_code 
_struct_ref_seq_dif.db_mon_id 
_struct_ref_seq_dif.pdbx_seq_db_seq_num 
_struct_ref_seq_dif.details 
_struct_ref_seq_dif.pdbx_auth_seq_num 
_struct_ref_seq_dif.pdbx_ordinal 
1 4DNN GLY A 1  ? UNP Q9QYS9 ?   ?  'expression tag'      -2 1 
1 4DNN SER A 2  ? UNP Q9QYS9 ?   ?  'expression tag'      -1 2 
1 4DNN SER A 24 ? UNP Q9QYS9 CYS 35 'engineered mutation' 35 3 
2 4DNN GLY B 1  ? UNP Q9QYS9 ?   ?  'expression tag'      -2 4 
2 4DNN SER B 2  ? UNP Q9QYS9 ?   ?  'expression tag'      -1 5 
2 4DNN SER B 24 ? UNP Q9QYS9 CYS 35 'engineered mutation' 35 6 
# 
_pdbx_struct_assembly.id                   1 
_pdbx_struct_assembly.details              author_and_software_defined_assembly 
_pdbx_struct_assembly.method_details       PISA 
_pdbx_struct_assembly.oligomeric_details   dimeric 
_pdbx_struct_assembly.oligomeric_count     2 
# 
loop_
_pdbx_struct_assembly_prop.biol_id 
_pdbx_struct_assembly_prop.type 
_pdbx_struct_assembly_prop.value 
_pdbx_struct_assembly_prop.details 
1 'ABSA (A^2)' 1700 ? 
1 MORE         -20  ? 
1 'SSA (A^2)'  6830 ? 
# 
_pdbx_struct_assembly_gen.assembly_id       1 
_pdbx_struct_assembly_gen.oper_expression   1 
_pdbx_struct_assembly_gen.asym_id_list      A,B,C,D,E 
# 
_pdbx_struct_oper_list.id                   1 
_pdbx_struct_oper_list.type                 'identity operation' 
_pdbx_struct_oper_list.name                 1_555 
_pdbx_struct_oper_list.symmetry_operation   x,y,z 
_pdbx_struct_oper_list.matrix[1][1]         1.0000000000 
_pdbx_struct_oper_list.matrix[1][2]         0.0000000000 
_pdbx_struct_oper_list.matrix[1][3]         0.0000000000 
_pdbx_struct_oper_list.vector[1]            0.0000000000 
_pdbx_struct_oper_list.matrix[2][1]         0.0000000000 
_pdbx_struct_oper_list.matrix[2][2]         1.0000000000 
_pdbx_struct_oper_list.matrix[2][3]         0.0000000000 
_pdbx_struct_oper_list.vector[2]            0.0000000000 
_pdbx_struct_oper_list.matrix[3][1]         0.0000000000 
_pdbx_struct_oper_list.matrix[3][2]         0.0000000000 
_pdbx_struct_oper_list.matrix[3][3]         1.0000000000 
_pdbx_struct_oper_list.vector[3]            0.0000000000 
# 
_struct_biol.id        1 
_struct_biol.details   ? 
# 
loop_
_struct_conf.conf_type_id 
_struct_conf.id 
_struct_conf.pdbx_PDB_helix_id 
_struct_conf.beg_label_comp_id 
_struct_conf.beg_label_asym_id 
_struct_conf.beg_label_seq_id 
_struct_conf.pdbx_beg_PDB_ins_code 
_struct_conf.end_label_comp_id 
_struct_conf.end_label_asym_id 
_struct_conf.end_label_seq_id 
_struct_conf.pdbx_end_PDB_ins_code 
_struct_conf.beg_auth_comp_id 
_struct_conf.beg_auth_asym_id 
_struct_conf.beg_auth_seq_id 
_struct_conf.end_auth_comp_id 
_struct_conf.end_auth_asym_id 
_struct_conf.end_auth_seq_id 
_struct_conf.pdbx_PDB_helix_class 
_struct_conf.details 
_struct_conf.pdbx_PDB_helix_length 
HELX_P HELX_P1 1 THR A 3  ? LEU A 20 ? THR A 14 LEU A 31 1 ? 18 
HELX_P HELX_P2 2 LEU A 20 ? GLY A 25 ? LEU A 31 GLY A 36 1 ? 6  
HELX_P HELX_P3 3 HIS A 29 ? ASP A 48 ? HIS A 40 ASP A 59 1 ? 20 
HELX_P HELX_P4 4 PRO B 4  ? LEU B 20 ? PRO B 15 LEU B 31 1 ? 17 
HELX_P HELX_P5 5 LEU B 20 ? GLY B 25 ? LEU B 31 GLY B 36 1 ? 6  
HELX_P HELX_P6 6 HIS B 29 ? ASP B 48 ? HIS B 40 ASP B 59 1 ? 20 
# 
_struct_conf_type.id          HELX_P 
_struct_conf_type.criteria    ? 
_struct_conf_type.reference   ? 
# 
loop_
_struct_conn.id 
_struct_conn.conn_type_id 
_struct_conn.pdbx_leaving_atom_flag 
_struct_conn.pdbx_PDB_id 
_struct_conn.ptnr1_label_asym_id 
_struct_conn.ptnr1_label_comp_id 
_struct_conn.ptnr1_label_seq_id 
_struct_conn.ptnr1_label_atom_id 
_struct_conn.pdbx_ptnr1_label_alt_id 
_struct_conn.pdbx_ptnr1_PDB_ins_code 
_struct_conn.pdbx_ptnr1_standard_comp_id 
_struct_conn.ptnr1_symmetry 
_struct_conn.ptnr2_label_asym_id 
_struct_conn.ptnr2_label_comp_id 
_struct_conn.ptnr2_label_seq_id 
_struct_conn.ptnr2_label_atom_id 
_struct_conn.pdbx_ptnr2_label_alt_id 
_struct_conn.pdbx_ptnr2_PDB_ins_code 
_struct_conn.ptnr1_auth_asym_id 
_struct_conn.ptnr1_auth_comp_id 
_struct_conn.ptnr1_auth_seq_id 
_struct_conn.ptnr2_auth_asym_id 
_struct_conn.ptnr2_auth_comp_id 
_struct_conn.ptnr2_auth_seq_id 
_struct_conn.ptnr2_symmetry 
_struct_conn.pdbx_ptnr3_label_atom_id 
_struct_conn.pdbx_ptnr3_label_seq_id 
_struct_conn.pdbx_ptnr3_label_comp_id 
_struct_conn.pdbx_ptnr3_label_asym_id 
_struct_conn.pdbx_ptnr3_label_alt_id 
_struct_conn.pdbx_ptnr3_PDB_ins_code 
_struct_conn.details 
_struct_conn.pdbx_dist_value 
_struct_conn.pdbx_value_order 
_struct_conn.pdbx_role 
covale1  covale both ? A LEU 7  C ? ? ? 1_555 A MSE 8  N ? ? A LEU 18 A MSE 19 1_555 ? ? ? ? ? ? ? 1.336 ? ? 
covale2  covale both ? A MSE 8  C ? ? ? 1_555 A GLN 9  N ? ? A MSE 19 A GLN 20 1_555 ? ? ? ? ? ? ? 1.331 ? ? 
covale3  covale both ? A LEU 10 C ? ? ? 1_555 A MSE 11 N ? ? A LEU 21 A MSE 22 1_555 ? ? ? ? ? ? ? 1.326 ? ? 
covale4  covale both ? A MSE 11 C ? ? ? 1_555 A ASN 12 N ? ? A MSE 22 A ASN 23 1_555 ? ? ? ? ? ? ? 1.334 ? ? 
covale5  covale both ? A LEU 16 C ? ? ? 1_555 A MSE 17 N ? ? A LEU 27 A MSE 28 1_555 ? ? ? ? ? ? ? 1.334 ? ? 
covale6  covale both ? A MSE 17 C ? ? ? 1_555 A SER 18 N ? ? A MSE 28 A SER 29 1_555 ? ? ? ? ? ? ? 1.332 ? ? 
covale7  covale both ? A ASP 44 C ? ? ? 1_555 A MSE 45 N ? ? A ASP 55 A MSE 56 1_555 ? ? ? ? ? ? ? 1.333 ? ? 
covale8  covale both ? A MSE 45 C ? ? ? 1_555 A TYR 46 N ? ? A MSE 56 A TYR 57 1_555 ? ? ? ? ? ? ? 1.327 ? ? 
covale9  covale both ? B LEU 7  C ? ? ? 1_555 B MSE 8  N ? ? B LEU 18 B MSE 19 1_555 ? ? ? ? ? ? ? 1.328 ? ? 
covale10 covale both ? B MSE 8  C ? ? ? 1_555 B GLN 9  N ? ? B MSE 19 B GLN 20 1_555 ? ? ? ? ? ? ? 1.327 ? ? 
covale11 covale both ? B LEU 10 C ? ? ? 1_555 B MSE 11 N ? ? B LEU 21 B MSE 22 1_555 ? ? ? ? ? ? ? 1.326 ? ? 
covale12 covale both ? B MSE 11 C ? ? ? 1_555 B ASN 12 N ? ? B MSE 22 B ASN 23 1_555 ? ? ? ? ? ? ? 1.328 ? ? 
covale13 covale both ? B LEU 16 C ? ? ? 1_555 B MSE 17 N ? ? B LEU 27 B MSE 28 1_555 ? ? ? ? ? ? ? 1.330 ? ? 
covale14 covale both ? B MSE 17 C ? ? ? 1_555 B SER 18 N ? ? B MSE 28 B SER 29 1_555 ? ? ? ? ? ? ? 1.336 ? ? 
covale15 covale both ? B ASP 44 C ? ? ? 1_555 B MSE 45 N ? ? B ASP 55 B MSE 56 1_555 ? ? ? ? ? ? ? 1.333 ? ? 
covale16 covale both ? B MSE 45 C ? ? ? 1_555 B TYR 46 N ? ? B MSE 56 B TYR 57 1_555 ? ? ? ? ? ? ? 1.326 ? ? 
# 
_struct_conn_type.id          covale 
_struct_conn_type.criteria    ? 
_struct_conn_type.reference   ? 
# 
loop_
_pdbx_modification_feature.ordinal 
_pdbx_modification_feature.label_comp_id 
_pdbx_modification_feature.label_asym_id 
_pdbx_modification_feature.label_seq_id 
_pdbx_modification_feature.label_alt_id 
_pdbx_modification_feature.modified_residue_label_comp_id 
_pdbx_modification_feature.modified_residue_label_asym_id 
_pdbx_modification_feature.modified_residue_label_seq_id 
_pdbx_modification_feature.modified_residue_label_alt_id 
_pdbx_modification_feature.auth_comp_id 
_pdbx_modification_feature.auth_asym_id 
_pdbx_modification_feature.auth_seq_id 
_pdbx_modification_feature.PDB_ins_code 
_pdbx_modification_feature.symmetry 
_pdbx_modification_feature.modified_residue_auth_comp_id 
_pdbx_modification_feature.modified_residue_auth_asym_id 
_pdbx_modification_feature.modified_residue_auth_seq_id 
_pdbx_modification_feature.modified_residue_PDB_ins_code 
_pdbx_modification_feature.modified_residue_symmetry 
_pdbx_modification_feature.comp_id_linking_atom 
_pdbx_modification_feature.modified_residue_id_linking_atom 
_pdbx_modification_feature.modified_residue_id 
_pdbx_modification_feature.ref_pcm_id 
_pdbx_modification_feature.ref_comp_id 
_pdbx_modification_feature.type 
_pdbx_modification_feature.category 
1 MSE A 8  ? . . . . MSE A 19 ? 1_555 . . . . . . . MET 1 MSE Selenomethionine 'Named protein modification' 
2 MSE A 11 ? . . . . MSE A 22 ? 1_555 . . . . . . . MET 1 MSE Selenomethionine 'Named protein modification' 
3 MSE A 17 ? . . . . MSE A 28 ? 1_555 . . . . . . . MET 1 MSE Selenomethionine 'Named protein modification' 
4 MSE A 45 ? . . . . MSE A 56 ? 1_555 . . . . . . . MET 1 MSE Selenomethionine 'Named protein modification' 
5 MSE B 8  ? . . . . MSE B 19 ? 1_555 . . . . . . . MET 1 MSE Selenomethionine 'Named protein modification' 
6 MSE B 11 ? . . . . MSE B 22 ? 1_555 . . . . . . . MET 1 MSE Selenomethionine 'Named protein modification' 
7 MSE B 17 ? . . . . MSE B 28 ? 1_555 . . . . . . . MET 1 MSE Selenomethionine 'Named protein modification' 
8 MSE B 45 ? . . . . MSE B 56 ? 1_555 . . . . . . . MET 1 MSE Selenomethionine 'Named protein modification' 
# 
_struct_mon_prot_cis.pdbx_id                1 
_struct_mon_prot_cis.label_comp_id          SER 
_struct_mon_prot_cis.label_seq_id           2 
_struct_mon_prot_cis.label_asym_id          B 
_struct_mon_prot_cis.label_alt_id           . 
_struct_mon_prot_cis.pdbx_PDB_ins_code      ? 
_struct_mon_prot_cis.auth_comp_id           SER 
_struct_mon_prot_cis.auth_seq_id            -1 
_struct_mon_prot_cis.auth_asym_id           B 
_struct_mon_prot_cis.pdbx_label_comp_id_2   THR 
_struct_mon_prot_cis.pdbx_label_seq_id_2    3 
_struct_mon_prot_cis.pdbx_label_asym_id_2   B 
_struct_mon_prot_cis.pdbx_PDB_ins_code_2    ? 
_struct_mon_prot_cis.pdbx_auth_comp_id_2    THR 
_struct_mon_prot_cis.pdbx_auth_seq_id_2     14 
_struct_mon_prot_cis.pdbx_auth_asym_id_2    B 
_struct_mon_prot_cis.pdbx_PDB_model_num     1 
_struct_mon_prot_cis.pdbx_omega_angle       3.56 
# 
_struct_site.id                   AC1 
_struct_site.pdbx_evidence_code   Software 
_struct_site.pdbx_auth_asym_id    B 
_struct_site.pdbx_auth_comp_id    CA 
_struct_site.pdbx_auth_seq_id     101 
_struct_site.pdbx_auth_ins_code   ? 
_struct_site.pdbx_num_residues    3 
_struct_site.details              'BINDING SITE FOR RESIDUE CA B 101' 
# 
loop_
_struct_site_gen.id 
_struct_site_gen.site_id 
_struct_site_gen.pdbx_num_res 
_struct_site_gen.label_comp_id 
_struct_site_gen.label_asym_id 
_struct_site_gen.label_seq_id 
_struct_site_gen.pdbx_auth_ins_code 
_struct_site_gen.auth_comp_id 
_struct_site_gen.auth_asym_id 
_struct_site_gen.auth_seq_id 
_struct_site_gen.label_atom_id 
_struct_site_gen.label_alt_id 
_struct_site_gen.symmetry 
_struct_site_gen.details 
1 AC1 3 LYS B 14 ? LYS B 25 . ? 1_555 ? 
2 AC1 3 GLU B 31 ? GLU B 42 . ? 1_555 ? 
3 AC1 3 ASP B 35 ? ASP B 46 . ? 1_555 ? 
# 
_pdbx_entry_details.entry_id                   4DNN 
_pdbx_entry_details.compound_details           ? 
_pdbx_entry_details.source_details             ? 
_pdbx_entry_details.nonpolymer_details         ? 
_pdbx_entry_details.sequence_details           ? 
_pdbx_entry_details.has_ligand_of_interest     ? 
_pdbx_entry_details.has_protein_modification   Y 
# 
_pdbx_validate_torsion.id              1 
_pdbx_validate_torsion.PDB_model_num   1 
_pdbx_validate_torsion.auth_comp_id    ASP 
_pdbx_validate_torsion.auth_asym_id    A 
_pdbx_validate_torsion.auth_seq_id     59 
_pdbx_validate_torsion.PDB_ins_code    ? 
_pdbx_validate_torsion.label_alt_id    ? 
_pdbx_validate_torsion.phi             -75.85 
_pdbx_validate_torsion.psi             20.59 
# 
loop_
_pdbx_struct_mod_residue.id 
_pdbx_struct_mod_residue.label_asym_id 
_pdbx_struct_mod_residue.label_comp_id 
_pdbx_struct_mod_residue.label_seq_id 
_pdbx_struct_mod_residue.auth_asym_id 
_pdbx_struct_mod_residue.auth_comp_id 
_pdbx_struct_mod_residue.auth_seq_id 
_pdbx_struct_mod_residue.PDB_ins_code 
_pdbx_struct_mod_residue.parent_comp_id 
_pdbx_struct_mod_residue.details 
1 A MSE 8  A MSE 19 ? MET SELENOMETHIONINE 
2 A MSE 11 A MSE 22 ? MET SELENOMETHIONINE 
3 A MSE 17 A MSE 28 ? MET SELENOMETHIONINE 
4 A MSE 45 A MSE 56 ? MET SELENOMETHIONINE 
5 B MSE 8  B MSE 19 ? MET SELENOMETHIONINE 
6 B MSE 11 B MSE 22 ? MET SELENOMETHIONINE 
7 B MSE 17 B MSE 28 ? MET SELENOMETHIONINE 
8 B MSE 45 B MSE 56 ? MET SELENOMETHIONINE 
# 
loop_
_pdbx_refine_tls.pdbx_refine_id 
_pdbx_refine_tls.id 
_pdbx_refine_tls.details 
_pdbx_refine_tls.method 
_pdbx_refine_tls.origin_x 
_pdbx_refine_tls.origin_y 
_pdbx_refine_tls.origin_z 
_pdbx_refine_tls.T[1][1] 
_pdbx_refine_tls.T[2][2] 
_pdbx_refine_tls.T[3][3] 
_pdbx_refine_tls.T[1][2] 
_pdbx_refine_tls.T[1][3] 
_pdbx_refine_tls.T[2][3] 
_pdbx_refine_tls.L[1][1] 
_pdbx_refine_tls.L[2][2] 
_pdbx_refine_tls.L[3][3] 
_pdbx_refine_tls.L[1][2] 
_pdbx_refine_tls.L[1][3] 
_pdbx_refine_tls.L[2][3] 
_pdbx_refine_tls.S[1][1] 
_pdbx_refine_tls.S[1][2] 
_pdbx_refine_tls.S[1][3] 
_pdbx_refine_tls.S[2][1] 
_pdbx_refine_tls.S[2][2] 
_pdbx_refine_tls.S[2][3] 
_pdbx_refine_tls.S[3][1] 
_pdbx_refine_tls.S[3][2] 
_pdbx_refine_tls.S[3][3] 
'X-RAY DIFFRACTION' 1 ? refined -1.3456 -8.1514 2.1158  0.1914 0.1930 0.2920 -0.0334 -0.0179 0.0234  2.3213 5.1838 3.0479 -0.0314 -0.2923 -1.7191 -0.0553 -0.3371 -0.4250 0.1584  -0.0241 -0.2766 0.2025 -0.1960 -0.0128 
'X-RAY DIFFRACTION' 2 ? refined 1.4259  7.6773  -1.8171 0.1430 0.1287 0.1228 0.0260  -0.0127 -0.0112 2.4978 5.9916 3.4286 1.3228  0.1441  -0.5542 -0.0685 -0.0955 -0.2159 -0.1607 -0.0298 -0.2610 0.1783 -0.0381 0.0700 
# 
loop_
_pdbx_refine_tls_group.pdbx_refine_id 
_pdbx_refine_tls_group.id 
_pdbx_refine_tls_group.refine_tls_id 
_pdbx_refine_tls_group.beg_auth_asym_id 
_pdbx_refine_tls_group.beg_auth_seq_id 
_pdbx_refine_tls_group.beg_label_asym_id 
_pdbx_refine_tls_group.beg_label_seq_id 
_pdbx_refine_tls_group.end_auth_asym_id 
_pdbx_refine_tls_group.end_auth_seq_id 
_pdbx_refine_tls_group.end_label_asym_id 
_pdbx_refine_tls_group.end_label_seq_id 
_pdbx_refine_tls_group.selection 
_pdbx_refine_tls_group.selection_details 
'X-RAY DIFFRACTION' 1 1 ? ? ? ? ? ? ? ? ? 'chain A' 
'X-RAY DIFFRACTION' 2 2 ? ? ? ? ? ? ? ? ? 'chain B' 
# 
loop_
_pdbx_unobs_or_zero_occ_residues.id 
_pdbx_unobs_or_zero_occ_residues.PDB_model_num 
_pdbx_unobs_or_zero_occ_residues.polymer_flag 
_pdbx_unobs_or_zero_occ_residues.occupancy_flag 
_pdbx_unobs_or_zero_occ_residues.auth_asym_id 
_pdbx_unobs_or_zero_occ_residues.auth_comp_id 
_pdbx_unobs_or_zero_occ_residues.auth_seq_id 
_pdbx_unobs_or_zero_occ_residues.PDB_ins_code 
_pdbx_unobs_or_zero_occ_residues.label_asym_id 
_pdbx_unobs_or_zero_occ_residues.label_comp_id 
_pdbx_unobs_or_zero_occ_residues.label_seq_id 
1  1 Y 1 A ASN 62 ? A ASN 51 
2  1 Y 1 A GLY 63 ? A GLY 52 
3  1 Y 1 A SER 64 ? A SER 53 
4  1 Y 1 A THR 65 ? A THR 54 
5  1 Y 1 A GLU 66 ? A GLU 55 
6  1 Y 1 A LYS 67 ? A LYS 56 
7  1 Y 1 B GLY 63 ? B GLY 52 
8  1 Y 1 B SER 64 ? B SER 53 
9  1 Y 1 B THR 65 ? B THR 54 
10 1 Y 1 B GLU 66 ? B GLU 55 
11 1 Y 1 B LYS 67 ? B LYS 56 
# 
loop_
_chem_comp_atom.comp_id 
_chem_comp_atom.atom_id 
_chem_comp_atom.type_symbol 
_chem_comp_atom.pdbx_aromatic_flag 
_chem_comp_atom.pdbx_stereo_config 
_chem_comp_atom.pdbx_ordinal 
ARG N    N  N N 1   
ARG CA   C  N S 2   
ARG C    C  N N 3   
ARG O    O  N N 4   
ARG CB   C  N N 5   
ARG CG   C  N N 6   
ARG CD   C  N N 7   
ARG NE   N  N N 8   
ARG CZ   C  N N 9   
ARG NH1  N  N N 10  
ARG NH2  N  N N 11  
ARG OXT  O  N N 12  
ARG H    H  N N 13  
ARG H2   H  N N 14  
ARG HA   H  N N 15  
ARG HB2  H  N N 16  
ARG HB3  H  N N 17  
ARG HG2  H  N N 18  
ARG HG3  H  N N 19  
ARG HD2  H  N N 20  
ARG HD3  H  N N 21  
ARG HE   H  N N 22  
ARG HH11 H  N N 23  
ARG HH12 H  N N 24  
ARG HH21 H  N N 25  
ARG HH22 H  N N 26  
ARG HXT  H  N N 27  
ASN N    N  N N 28  
ASN CA   C  N S 29  
ASN C    C  N N 30  
ASN O    O  N N 31  
ASN CB   C  N N 32  
ASN CG   C  N N 33  
ASN OD1  O  N N 34  
ASN ND2  N  N N 35  
ASN OXT  O  N N 36  
ASN H    H  N N 37  
ASN H2   H  N N 38  
ASN HA   H  N N 39  
ASN HB2  H  N N 40  
ASN HB3  H  N N 41  
ASN HD21 H  N N 42  
ASN HD22 H  N N 43  
ASN HXT  H  N N 44  
ASP N    N  N N 45  
ASP CA   C  N S 46  
ASP C    C  N N 47  
ASP O    O  N N 48  
ASP CB   C  N N 49  
ASP CG   C  N N 50  
ASP OD1  O  N N 51  
ASP OD2  O  N N 52  
ASP OXT  O  N N 53  
ASP H    H  N N 54  
ASP H2   H  N N 55  
ASP HA   H  N N 56  
ASP HB2  H  N N 57  
ASP HB3  H  N N 58  
ASP HD2  H  N N 59  
ASP HXT  H  N N 60  
CA  CA   CA N N 61  
CYS N    N  N N 62  
CYS CA   C  N R 63  
CYS C    C  N N 64  
CYS O    O  N N 65  
CYS CB   C  N N 66  
CYS SG   S  N N 67  
CYS OXT  O  N N 68  
CYS H    H  N N 69  
CYS H2   H  N N 70  
CYS HA   H  N N 71  
CYS HB2  H  N N 72  
CYS HB3  H  N N 73  
CYS HG   H  N N 74  
CYS HXT  H  N N 75  
GLN N    N  N N 76  
GLN CA   C  N S 77  
GLN C    C  N N 78  
GLN O    O  N N 79  
GLN CB   C  N N 80  
GLN CG   C  N N 81  
GLN CD   C  N N 82  
GLN OE1  O  N N 83  
GLN NE2  N  N N 84  
GLN OXT  O  N N 85  
GLN H    H  N N 86  
GLN H2   H  N N 87  
GLN HA   H  N N 88  
GLN HB2  H  N N 89  
GLN HB3  H  N N 90  
GLN HG2  H  N N 91  
GLN HG3  H  N N 92  
GLN HE21 H  N N 93  
GLN HE22 H  N N 94  
GLN HXT  H  N N 95  
GLU N    N  N N 96  
GLU CA   C  N S 97  
GLU C    C  N N 98  
GLU O    O  N N 99  
GLU CB   C  N N 100 
GLU CG   C  N N 101 
GLU CD   C  N N 102 
GLU OE1  O  N N 103 
GLU OE2  O  N N 104 
GLU OXT  O  N N 105 
GLU H    H  N N 106 
GLU H2   H  N N 107 
GLU HA   H  N N 108 
GLU HB2  H  N N 109 
GLU HB3  H  N N 110 
GLU HG2  H  N N 111 
GLU HG3  H  N N 112 
GLU HE2  H  N N 113 
GLU HXT  H  N N 114 
GLY N    N  N N 115 
GLY CA   C  N N 116 
GLY C    C  N N 117 
GLY O    O  N N 118 
GLY OXT  O  N N 119 
GLY H    H  N N 120 
GLY H2   H  N N 121 
GLY HA2  H  N N 122 
GLY HA3  H  N N 123 
GLY HXT  H  N N 124 
HIS N    N  N N 125 
HIS CA   C  N S 126 
HIS C    C  N N 127 
HIS O    O  N N 128 
HIS CB   C  N N 129 
HIS CG   C  Y N 130 
HIS ND1  N  Y N 131 
HIS CD2  C  Y N 132 
HIS CE1  C  Y N 133 
HIS NE2  N  Y N 134 
HIS OXT  O  N N 135 
HIS H    H  N N 136 
HIS H2   H  N N 137 
HIS HA   H  N N 138 
HIS HB2  H  N N 139 
HIS HB3  H  N N 140 
HIS HD1  H  N N 141 
HIS HD2  H  N N 142 
HIS HE1  H  N N 143 
HIS HE2  H  N N 144 
HIS HXT  H  N N 145 
HOH O    O  N N 146 
HOH H1   H  N N 147 
HOH H2   H  N N 148 
ILE N    N  N N 149 
ILE CA   C  N S 150 
ILE C    C  N N 151 
ILE O    O  N N 152 
ILE CB   C  N S 153 
ILE CG1  C  N N 154 
ILE CG2  C  N N 155 
ILE CD1  C  N N 156 
ILE OXT  O  N N 157 
ILE H    H  N N 158 
ILE H2   H  N N 159 
ILE HA   H  N N 160 
ILE HB   H  N N 161 
ILE HG12 H  N N 162 
ILE HG13 H  N N 163 
ILE HG21 H  N N 164 
ILE HG22 H  N N 165 
ILE HG23 H  N N 166 
ILE HD11 H  N N 167 
ILE HD12 H  N N 168 
ILE HD13 H  N N 169 
ILE HXT  H  N N 170 
LEU N    N  N N 171 
LEU CA   C  N S 172 
LEU C    C  N N 173 
LEU O    O  N N 174 
LEU CB   C  N N 175 
LEU CG   C  N N 176 
LEU CD1  C  N N 177 
LEU CD2  C  N N 178 
LEU OXT  O  N N 179 
LEU H    H  N N 180 
LEU H2   H  N N 181 
LEU HA   H  N N 182 
LEU HB2  H  N N 183 
LEU HB3  H  N N 184 
LEU HG   H  N N 185 
LEU HD11 H  N N 186 
LEU HD12 H  N N 187 
LEU HD13 H  N N 188 
LEU HD21 H  N N 189 
LEU HD22 H  N N 190 
LEU HD23 H  N N 191 
LEU HXT  H  N N 192 
LYS N    N  N N 193 
LYS CA   C  N S 194 
LYS C    C  N N 195 
LYS O    O  N N 196 
LYS CB   C  N N 197 
LYS CG   C  N N 198 
LYS CD   C  N N 199 
LYS CE   C  N N 200 
LYS NZ   N  N N 201 
LYS OXT  O  N N 202 
LYS H    H  N N 203 
LYS H2   H  N N 204 
LYS HA   H  N N 205 
LYS HB2  H  N N 206 
LYS HB3  H  N N 207 
LYS HG2  H  N N 208 
LYS HG3  H  N N 209 
LYS HD2  H  N N 210 
LYS HD3  H  N N 211 
LYS HE2  H  N N 212 
LYS HE3  H  N N 213 
LYS HZ1  H  N N 214 
LYS HZ2  H  N N 215 
LYS HZ3  H  N N 216 
LYS HXT  H  N N 217 
MSE N    N  N N 218 
MSE CA   C  N S 219 
MSE C    C  N N 220 
MSE O    O  N N 221 
MSE OXT  O  N N 222 
MSE CB   C  N N 223 
MSE CG   C  N N 224 
MSE SE   SE N N 225 
MSE CE   C  N N 226 
MSE H    H  N N 227 
MSE H2   H  N N 228 
MSE HA   H  N N 229 
MSE HXT  H  N N 230 
MSE HB2  H  N N 231 
MSE HB3  H  N N 232 
MSE HG2  H  N N 233 
MSE HG3  H  N N 234 
MSE HE1  H  N N 235 
MSE HE2  H  N N 236 
MSE HE3  H  N N 237 
PHE N    N  N N 238 
PHE CA   C  N S 239 
PHE C    C  N N 240 
PHE O    O  N N 241 
PHE CB   C  N N 242 
PHE CG   C  Y N 243 
PHE CD1  C  Y N 244 
PHE CD2  C  Y N 245 
PHE CE1  C  Y N 246 
PHE CE2  C  Y N 247 
PHE CZ   C  Y N 248 
PHE OXT  O  N N 249 
PHE H    H  N N 250 
PHE H2   H  N N 251 
PHE HA   H  N N 252 
PHE HB2  H  N N 253 
PHE HB3  H  N N 254 
PHE HD1  H  N N 255 
PHE HD2  H  N N 256 
PHE HE1  H  N N 257 
PHE HE2  H  N N 258 
PHE HZ   H  N N 259 
PHE HXT  H  N N 260 
PRO N    N  N N 261 
PRO CA   C  N S 262 
PRO C    C  N N 263 
PRO O    O  N N 264 
PRO CB   C  N N 265 
PRO CG   C  N N 266 
PRO CD   C  N N 267 
PRO OXT  O  N N 268 
PRO H    H  N N 269 
PRO HA   H  N N 270 
PRO HB2  H  N N 271 
PRO HB3  H  N N 272 
PRO HG2  H  N N 273 
PRO HG3  H  N N 274 
PRO HD2  H  N N 275 
PRO HD3  H  N N 276 
PRO HXT  H  N N 277 
SER N    N  N N 278 
SER CA   C  N S 279 
SER C    C  N N 280 
SER O    O  N N 281 
SER CB   C  N N 282 
SER OG   O  N N 283 
SER OXT  O  N N 284 
SER H    H  N N 285 
SER H2   H  N N 286 
SER HA   H  N N 287 
SER HB2  H  N N 288 
SER HB3  H  N N 289 
SER HG   H  N N 290 
SER HXT  H  N N 291 
THR N    N  N N 292 
THR CA   C  N S 293 
THR C    C  N N 294 
THR O    O  N N 295 
THR CB   C  N R 296 
THR OG1  O  N N 297 
THR CG2  C  N N 298 
THR OXT  O  N N 299 
THR H    H  N N 300 
THR H2   H  N N 301 
THR HA   H  N N 302 
THR HB   H  N N 303 
THR HG1  H  N N 304 
THR HG21 H  N N 305 
THR HG22 H  N N 306 
THR HG23 H  N N 307 
THR HXT  H  N N 308 
TYR N    N  N N 309 
TYR CA   C  N S 310 
TYR C    C  N N 311 
TYR O    O  N N 312 
TYR CB   C  N N 313 
TYR CG   C  Y N 314 
TYR CD1  C  Y N 315 
TYR CD2  C  Y N 316 
TYR CE1  C  Y N 317 
TYR CE2  C  Y N 318 
TYR CZ   C  Y N 319 
TYR OH   O  N N 320 
TYR OXT  O  N N 321 
TYR H    H  N N 322 
TYR H2   H  N N 323 
TYR HA   H  N N 324 
TYR HB2  H  N N 325 
TYR HB3  H  N N 326 
TYR HD1  H  N N 327 
TYR HD2  H  N N 328 
TYR HE1  H  N N 329 
TYR HE2  H  N N 330 
TYR HH   H  N N 331 
TYR HXT  H  N N 332 
VAL N    N  N N 333 
VAL CA   C  N S 334 
VAL C    C  N N 335 
VAL O    O  N N 336 
VAL CB   C  N N 337 
VAL CG1  C  N N 338 
VAL CG2  C  N N 339 
VAL OXT  O  N N 340 
VAL H    H  N N 341 
VAL H2   H  N N 342 
VAL HA   H  N N 343 
VAL HB   H  N N 344 
VAL HG11 H  N N 345 
VAL HG12 H  N N 346 
VAL HG13 H  N N 347 
VAL HG21 H  N N 348 
VAL HG22 H  N N 349 
VAL HG23 H  N N 350 
VAL HXT  H  N N 351 
# 
loop_
_chem_comp_bond.comp_id 
_chem_comp_bond.atom_id_1 
_chem_comp_bond.atom_id_2 
_chem_comp_bond.value_order 
_chem_comp_bond.pdbx_aromatic_flag 
_chem_comp_bond.pdbx_stereo_config 
_chem_comp_bond.pdbx_ordinal 
ARG N   CA   sing N N 1   
ARG N   H    sing N N 2   
ARG N   H2   sing N N 3   
ARG CA  C    sing N N 4   
ARG CA  CB   sing N N 5   
ARG CA  HA   sing N N 6   
ARG C   O    doub N N 7   
ARG C   OXT  sing N N 8   
ARG CB  CG   sing N N 9   
ARG CB  HB2  sing N N 10  
ARG CB  HB3  sing N N 11  
ARG CG  CD   sing N N 12  
ARG CG  HG2  sing N N 13  
ARG CG  HG3  sing N N 14  
ARG CD  NE   sing N N 15  
ARG CD  HD2  sing N N 16  
ARG CD  HD3  sing N N 17  
ARG NE  CZ   sing N N 18  
ARG NE  HE   sing N N 19  
ARG CZ  NH1  sing N N 20  
ARG CZ  NH2  doub N N 21  
ARG NH1 HH11 sing N N 22  
ARG NH1 HH12 sing N N 23  
ARG NH2 HH21 sing N N 24  
ARG NH2 HH22 sing N N 25  
ARG OXT HXT  sing N N 26  
ASN N   CA   sing N N 27  
ASN N   H    sing N N 28  
ASN N   H2   sing N N 29  
ASN CA  C    sing N N 30  
ASN CA  CB   sing N N 31  
ASN CA  HA   sing N N 32  
ASN C   O    doub N N 33  
ASN C   OXT  sing N N 34  
ASN CB  CG   sing N N 35  
ASN CB  HB2  sing N N 36  
ASN CB  HB3  sing N N 37  
ASN CG  OD1  doub N N 38  
ASN CG  ND2  sing N N 39  
ASN ND2 HD21 sing N N 40  
ASN ND2 HD22 sing N N 41  
ASN OXT HXT  sing N N 42  
ASP N   CA   sing N N 43  
ASP N   H    sing N N 44  
ASP N   H2   sing N N 45  
ASP CA  C    sing N N 46  
ASP CA  CB   sing N N 47  
ASP CA  HA   sing N N 48  
ASP C   O    doub N N 49  
ASP C   OXT  sing N N 50  
ASP CB  CG   sing N N 51  
ASP CB  HB2  sing N N 52  
ASP CB  HB3  sing N N 53  
ASP CG  OD1  doub N N 54  
ASP CG  OD2  sing N N 55  
ASP OD2 HD2  sing N N 56  
ASP OXT HXT  sing N N 57  
CYS N   CA   sing N N 58  
CYS N   H    sing N N 59  
CYS N   H2   sing N N 60  
CYS CA  C    sing N N 61  
CYS CA  CB   sing N N 62  
CYS CA  HA   sing N N 63  
CYS C   O    doub N N 64  
CYS C   OXT  sing N N 65  
CYS CB  SG   sing N N 66  
CYS CB  HB2  sing N N 67  
CYS CB  HB3  sing N N 68  
CYS SG  HG   sing N N 69  
CYS OXT HXT  sing N N 70  
GLN N   CA   sing N N 71  
GLN N   H    sing N N 72  
GLN N   H2   sing N N 73  
GLN CA  C    sing N N 74  
GLN CA  CB   sing N N 75  
GLN CA  HA   sing N N 76  
GLN C   O    doub N N 77  
GLN C   OXT  sing N N 78  
GLN CB  CG   sing N N 79  
GLN CB  HB2  sing N N 80  
GLN CB  HB3  sing N N 81  
GLN CG  CD   sing N N 82  
GLN CG  HG2  sing N N 83  
GLN CG  HG3  sing N N 84  
GLN CD  OE1  doub N N 85  
GLN CD  NE2  sing N N 86  
GLN NE2 HE21 sing N N 87  
GLN NE2 HE22 sing N N 88  
GLN OXT HXT  sing N N 89  
GLU N   CA   sing N N 90  
GLU N   H    sing N N 91  
GLU N   H2   sing N N 92  
GLU CA  C    sing N N 93  
GLU CA  CB   sing N N 94  
GLU CA  HA   sing N N 95  
GLU C   O    doub N N 96  
GLU C   OXT  sing N N 97  
GLU CB  CG   sing N N 98  
GLU CB  HB2  sing N N 99  
GLU CB  HB3  sing N N 100 
GLU CG  CD   sing N N 101 
GLU CG  HG2  sing N N 102 
GLU CG  HG3  sing N N 103 
GLU CD  OE1  doub N N 104 
GLU CD  OE2  sing N N 105 
GLU OE2 HE2  sing N N 106 
GLU OXT HXT  sing N N 107 
GLY N   CA   sing N N 108 
GLY N   H    sing N N 109 
GLY N   H2   sing N N 110 
GLY CA  C    sing N N 111 
GLY CA  HA2  sing N N 112 
GLY CA  HA3  sing N N 113 
GLY C   O    doub N N 114 
GLY C   OXT  sing N N 115 
GLY OXT HXT  sing N N 116 
HIS N   CA   sing N N 117 
HIS N   H    sing N N 118 
HIS N   H2   sing N N 119 
HIS CA  C    sing N N 120 
HIS CA  CB   sing N N 121 
HIS CA  HA   sing N N 122 
HIS C   O    doub N N 123 
HIS C   OXT  sing N N 124 
HIS CB  CG   sing N N 125 
HIS CB  HB2  sing N N 126 
HIS CB  HB3  sing N N 127 
HIS CG  ND1  sing Y N 128 
HIS CG  CD2  doub Y N 129 
HIS ND1 CE1  doub Y N 130 
HIS ND1 HD1  sing N N 131 
HIS CD2 NE2  sing Y N 132 
HIS CD2 HD2  sing N N 133 
HIS CE1 NE2  sing Y N 134 
HIS CE1 HE1  sing N N 135 
HIS NE2 HE2  sing N N 136 
HIS OXT HXT  sing N N 137 
HOH O   H1   sing N N 138 
HOH O   H2   sing N N 139 
ILE N   CA   sing N N 140 
ILE N   H    sing N N 141 
ILE N   H2   sing N N 142 
ILE CA  C    sing N N 143 
ILE CA  CB   sing N N 144 
ILE CA  HA   sing N N 145 
ILE C   O    doub N N 146 
ILE C   OXT  sing N N 147 
ILE CB  CG1  sing N N 148 
ILE CB  CG2  sing N N 149 
ILE CB  HB   sing N N 150 
ILE CG1 CD1  sing N N 151 
ILE CG1 HG12 sing N N 152 
ILE CG1 HG13 sing N N 153 
ILE CG2 HG21 sing N N 154 
ILE CG2 HG22 sing N N 155 
ILE CG2 HG23 sing N N 156 
ILE CD1 HD11 sing N N 157 
ILE CD1 HD12 sing N N 158 
ILE CD1 HD13 sing N N 159 
ILE OXT HXT  sing N N 160 
LEU N   CA   sing N N 161 
LEU N   H    sing N N 162 
LEU N   H2   sing N N 163 
LEU CA  C    sing N N 164 
LEU CA  CB   sing N N 165 
LEU CA  HA   sing N N 166 
LEU C   O    doub N N 167 
LEU C   OXT  sing N N 168 
LEU CB  CG   sing N N 169 
LEU CB  HB2  sing N N 170 
LEU CB  HB3  sing N N 171 
LEU CG  CD1  sing N N 172 
LEU CG  CD2  sing N N 173 
LEU CG  HG   sing N N 174 
LEU CD1 HD11 sing N N 175 
LEU CD1 HD12 sing N N 176 
LEU CD1 HD13 sing N N 177 
LEU CD2 HD21 sing N N 178 
LEU CD2 HD22 sing N N 179 
LEU CD2 HD23 sing N N 180 
LEU OXT HXT  sing N N 181 
LYS N   CA   sing N N 182 
LYS N   H    sing N N 183 
LYS N   H2   sing N N 184 
LYS CA  C    sing N N 185 
LYS CA  CB   sing N N 186 
LYS CA  HA   sing N N 187 
LYS C   O    doub N N 188 
LYS C   OXT  sing N N 189 
LYS CB  CG   sing N N 190 
LYS CB  HB2  sing N N 191 
LYS CB  HB3  sing N N 192 
LYS CG  CD   sing N N 193 
LYS CG  HG2  sing N N 194 
LYS CG  HG3  sing N N 195 
LYS CD  CE   sing N N 196 
LYS CD  HD2  sing N N 197 
LYS CD  HD3  sing N N 198 
LYS CE  NZ   sing N N 199 
LYS CE  HE2  sing N N 200 
LYS CE  HE3  sing N N 201 
LYS NZ  HZ1  sing N N 202 
LYS NZ  HZ2  sing N N 203 
LYS NZ  HZ3  sing N N 204 
LYS OXT HXT  sing N N 205 
MSE N   CA   sing N N 206 
MSE N   H    sing N N 207 
MSE N   H2   sing N N 208 
MSE CA  C    sing N N 209 
MSE CA  CB   sing N N 210 
MSE CA  HA   sing N N 211 
MSE C   O    doub N N 212 
MSE C   OXT  sing N N 213 
MSE OXT HXT  sing N N 214 
MSE CB  CG   sing N N 215 
MSE CB  HB2  sing N N 216 
MSE CB  HB3  sing N N 217 
MSE CG  SE   sing N N 218 
MSE CG  HG2  sing N N 219 
MSE CG  HG3  sing N N 220 
MSE SE  CE   sing N N 221 
MSE CE  HE1  sing N N 222 
MSE CE  HE2  sing N N 223 
MSE CE  HE3  sing N N 224 
PHE N   CA   sing N N 225 
PHE N   H    sing N N 226 
PHE N   H2   sing N N 227 
PHE CA  C    sing N N 228 
PHE CA  CB   sing N N 229 
PHE CA  HA   sing N N 230 
PHE C   O    doub N N 231 
PHE C   OXT  sing N N 232 
PHE CB  CG   sing N N 233 
PHE CB  HB2  sing N N 234 
PHE CB  HB3  sing N N 235 
PHE CG  CD1  doub Y N 236 
PHE CG  CD2  sing Y N 237 
PHE CD1 CE1  sing Y N 238 
PHE CD1 HD1  sing N N 239 
PHE CD2 CE2  doub Y N 240 
PHE CD2 HD2  sing N N 241 
PHE CE1 CZ   doub Y N 242 
PHE CE1 HE1  sing N N 243 
PHE CE2 CZ   sing Y N 244 
PHE CE2 HE2  sing N N 245 
PHE CZ  HZ   sing N N 246 
PHE OXT HXT  sing N N 247 
PRO N   CA   sing N N 248 
PRO N   CD   sing N N 249 
PRO N   H    sing N N 250 
PRO CA  C    sing N N 251 
PRO CA  CB   sing N N 252 
PRO CA  HA   sing N N 253 
PRO C   O    doub N N 254 
PRO C   OXT  sing N N 255 
PRO CB  CG   sing N N 256 
PRO CB  HB2  sing N N 257 
PRO CB  HB3  sing N N 258 
PRO CG  CD   sing N N 259 
PRO CG  HG2  sing N N 260 
PRO CG  HG3  sing N N 261 
PRO CD  HD2  sing N N 262 
PRO CD  HD3  sing N N 263 
PRO OXT HXT  sing N N 264 
SER N   CA   sing N N 265 
SER N   H    sing N N 266 
SER N   H2   sing N N 267 
SER CA  C    sing N N 268 
SER CA  CB   sing N N 269 
SER CA  HA   sing N N 270 
SER C   O    doub N N 271 
SER C   OXT  sing N N 272 
SER CB  OG   sing N N 273 
SER CB  HB2  sing N N 274 
SER CB  HB3  sing N N 275 
SER OG  HG   sing N N 276 
SER OXT HXT  sing N N 277 
THR N   CA   sing N N 278 
THR N   H    sing N N 279 
THR N   H2   sing N N 280 
THR CA  C    sing N N 281 
THR CA  CB   sing N N 282 
THR CA  HA   sing N N 283 
THR C   O    doub N N 284 
THR C   OXT  sing N N 285 
THR CB  OG1  sing N N 286 
THR CB  CG2  sing N N 287 
THR CB  HB   sing N N 288 
THR OG1 HG1  sing N N 289 
THR CG2 HG21 sing N N 290 
THR CG2 HG22 sing N N 291 
THR CG2 HG23 sing N N 292 
THR OXT HXT  sing N N 293 
TYR N   CA   sing N N 294 
TYR N   H    sing N N 295 
TYR N   H2   sing N N 296 
TYR CA  C    sing N N 297 
TYR CA  CB   sing N N 298 
TYR CA  HA   sing N N 299 
TYR C   O    doub N N 300 
TYR C   OXT  sing N N 301 
TYR CB  CG   sing N N 302 
TYR CB  HB2  sing N N 303 
TYR CB  HB3  sing N N 304 
TYR CG  CD1  doub Y N 305 
TYR CG  CD2  sing Y N 306 
TYR CD1 CE1  sing Y N 307 
TYR CD1 HD1  sing N N 308 
TYR CD2 CE2  doub Y N 309 
TYR CD2 HD2  sing N N 310 
TYR CE1 CZ   doub Y N 311 
TYR CE1 HE1  sing N N 312 
TYR CE2 CZ   sing Y N 313 
TYR CE2 HE2  sing N N 314 
TYR CZ  OH   sing N N 315 
TYR OH  HH   sing N N 316 
TYR OXT HXT  sing N N 317 
VAL N   CA   sing N N 318 
VAL N   H    sing N N 319 
VAL N   H2   sing N N 320 
VAL CA  C    sing N N 321 
VAL CA  CB   sing N N 322 
VAL CA  HA   sing N N 323 
VAL C   O    doub N N 324 
VAL C   OXT  sing N N 325 
VAL CB  CG1  sing N N 326 
VAL CB  CG2  sing N N 327 
VAL CB  HB   sing N N 328 
VAL CG1 HG11 sing N N 329 
VAL CG1 HG12 sing N N 330 
VAL CG1 HG13 sing N N 331 
VAL CG2 HG21 sing N N 332 
VAL CG2 HG22 sing N N 333 
VAL CG2 HG23 sing N N 334 
VAL OXT HXT  sing N N 335 
# 
_atom_sites.entry_id                    4DNN 
_atom_sites.fract_transf_matrix[1][1]   -0.00321879 
_atom_sites.fract_transf_matrix[1][2]   -0.01779127 
_atom_sites.fract_transf_matrix[1][3]   -0.02321636 
_atom_sites.fract_transf_matrix[2][1]   -0.02221806 
_atom_sites.fract_transf_matrix[2][2]   0.01455237 
_atom_sites.fract_transf_matrix[2][3]   -0.00807146 
_atom_sites.fract_transf_matrix[3][1]   0.00635034 
_atom_sites.fract_transf_matrix[3][2]   0.00646098 
_atom_sites.fract_transf_matrix[3][3]   -0.00583164 
_atom_sites.fract_transf_vector[1]      0.803346 
_atom_sites.fract_transf_vector[2]      0.535140 
_atom_sites.fract_transf_vector[3]      0.382735 
# 
loop_
_atom_type.symbol 
C  
CA 
N  
O  
SE 
# 
loop_
_atom_site.group_PDB 
_atom_site.id 
_atom_site.type_symbol 
_atom_site.label_atom_id 
_atom_site.label_alt_id 
_atom_site.label_comp_id 
_atom_site.label_asym_id 
_atom_site.label_entity_id 
_atom_site.label_seq_id 
_atom_site.pdbx_PDB_ins_code 
_atom_site.Cartn_x 
_atom_site.Cartn_y 
_atom_site.Cartn_z 
_atom_site.occupancy 
_atom_site.B_iso_or_equiv 
_atom_site.pdbx_formal_charge 
_atom_site.auth_seq_id 
_atom_site.auth_comp_id 
_atom_site.auth_asym_id 
_atom_site.auth_atom_id 
_atom_site.pdbx_PDB_model_num 
ATOM   1   N  N   . GLY A 1 1  ? -0.104  -11.798 22.075  1.00 79.85  ? -2  GLY A N   1 
ATOM   2   C  CA  . GLY A 1 1  ? -1.310  -12.427 21.565  1.00 84.52  ? -2  GLY A CA  1 
ATOM   3   C  C   . GLY A 1 1  ? -1.818  -11.752 20.306  1.00 89.22  ? -2  GLY A C   1 
ATOM   4   O  O   . GLY A 1 1  ? -2.322  -10.625 20.351  1.00 92.10  ? -2  GLY A O   1 
ATOM   5   N  N   . SER A 1 2  ? -1.695  -12.445 19.177  1.00 91.45  ? -1  SER A N   1 
ATOM   6   C  CA  . SER A 1 2  ? -1.978  -11.842 17.874  1.00 90.81  ? -1  SER A CA  1 
ATOM   7   C  C   . SER A 1 2  ? -3.368  -12.167 17.312  1.00 91.39  ? -1  SER A C   1 
ATOM   8   O  O   . SER A 1 2  ? -3.948  -13.219 17.601  1.00 91.25  ? -1  SER A O   1 
ATOM   9   C  CB  . SER A 1 2  ? -0.874  -12.199 16.864  1.00 88.24  ? -1  SER A CB  1 
ATOM   10  O  OG  . SER A 1 2  ? -0.421  -13.534 17.034  1.00 88.87  ? -1  SER A OG  1 
ATOM   11  N  N   . THR A 1 3  ? -3.895  -11.241 16.511  1.00 89.71  ? 14  THR A N   1 
ATOM   12  C  CA  . THR A 1 3  ? -5.198  -11.419 15.876  1.00 81.53  ? 14  THR A CA  1 
ATOM   13  C  C   . THR A 1 3  ? -5.098  -11.538 14.350  1.00 69.90  ? 14  THR A C   1 
ATOM   14  O  O   . THR A 1 3  ? -4.582  -10.647 13.660  1.00 68.41  ? 14  THR A O   1 
ATOM   15  C  CB  . THR A 1 3  ? -6.232  -10.326 16.289  1.00 79.59  ? 14  THR A CB  1 
ATOM   16  O  OG1 . THR A 1 3  ? -7.523  -10.670 15.765  1.00 75.20  ? 14  THR A OG1 1 
ATOM   17  C  CG2 . THR A 1 3  ? -5.815  -8.914  15.806  1.00 78.32  ? 14  THR A CG2 1 
ATOM   18  N  N   . PRO A 1 4  ? -5.601  -12.659 13.828  1.00 59.01  ? 15  PRO A N   1 
ATOM   19  C  CA  . PRO A 1 4  ? -5.564  -13.046 12.416  1.00 55.61  ? 15  PRO A CA  1 
ATOM   20  C  C   . PRO A 1 4  ? -6.551  -12.289 11.528  1.00 44.49  ? 15  PRO A C   1 
ATOM   21  O  O   . PRO A 1 4  ? -6.481  -12.413 10.314  1.00 42.62  ? 15  PRO A O   1 
ATOM   22  C  CB  . PRO A 1 4  ? -5.949  -14.524 12.465  1.00 57.26  ? 15  PRO A CB  1 
ATOM   23  C  CG  . PRO A 1 4  ? -6.820  -14.627 13.655  1.00 60.51  ? 15  PRO A CG  1 
ATOM   24  C  CD  . PRO A 1 4  ? -6.224  -13.696 14.667  1.00 56.29  ? 15  PRO A CD  1 
ATOM   25  N  N   . ASP A 1 5  ? -7.452  -11.519 12.125  1.00 43.86  ? 16  ASP A N   1 
ATOM   26  C  CA  . ASP A 1 5  ? -8.503  -10.869 11.360  1.00 38.64  ? 16  ASP A CA  1 
ATOM   27  C  C   . ASP A 1 5  ? -7.915  -9.881  10.387  1.00 40.03  ? 16  ASP A C   1 
ATOM   28  O  O   . ASP A 1 5  ? -8.274  -9.881  9.205   1.00 32.50  ? 16  ASP A O   1 
ATOM   29  C  CB  . ASP A 1 5  ? -9.501  -10.200 12.296  1.00 42.72  ? 16  ASP A CB  1 
ATOM   30  C  CG  . ASP A 1 5  ? -10.127 -11.188 13.253  1.00 55.31  ? 16  ASP A CG  1 
ATOM   31  O  OD1 . ASP A 1 5  ? -9.508  -11.456 14.303  1.00 60.76  ? 16  ASP A OD1 1 
ATOM   32  O  OD2 . ASP A 1 5  ? -11.214 -11.722 12.941  1.00 61.55  ? 16  ASP A OD2 1 
ATOM   33  N  N   . TYR A 1 6  ? -6.979  -9.062  10.867  1.00 38.37  ? 17  TYR A N   1 
ATOM   34  C  CA  . TYR A 1 6  ? -6.313  -8.137  9.967   1.00 36.92  ? 17  TYR A CA  1 
ATOM   35  C  C   . TYR A 1 6  ? -5.634  -8.885  8.831   1.00 30.51  ? 17  TYR A C   1 
ATOM   36  O  O   . TYR A 1 6  ? -5.870  -8.579  7.669   1.00 30.55  ? 17  TYR A O   1 
ATOM   37  C  CB  . TYR A 1 6  ? -5.324  -7.233  10.704  1.00 40.92  ? 17  TYR A CB  1 
ATOM   38  C  CG  . TYR A 1 6  ? -4.717  -6.155  9.829   1.00 35.60  ? 17  TYR A CG  1 
ATOM   39  C  CD1 . TYR A 1 6  ? -5.498  -5.424  8.950   1.00 35.18  ? 17  TYR A CD1 1 
ATOM   40  C  CD2 . TYR A 1 6  ? -3.367  -5.856  9.908   1.00 36.14  ? 17  TYR A CD2 1 
ATOM   41  C  CE1 . TYR A 1 6  ? -4.934  -4.442  8.143   1.00 35.38  ? 17  TYR A CE1 1 
ATOM   42  C  CE2 . TYR A 1 6  ? -2.797  -4.869  9.116   1.00 36.33  ? 17  TYR A CE2 1 
ATOM   43  C  CZ  . TYR A 1 6  ? -3.583  -4.168  8.239   1.00 33.25  ? 17  TYR A CZ  1 
ATOM   44  O  OH  . TYR A 1 6  ? -3.011  -3.187  7.470   1.00 31.42  ? 17  TYR A OH  1 
ATOM   45  N  N   . LEU A 1 7  ? -4.805  -9.876  9.151   1.00 33.73  ? 18  LEU A N   1 
ATOM   46  C  CA  . LEU A 1 7  ? -4.143  -10.634 8.089   1.00 34.86  ? 18  LEU A CA  1 
ATOM   47  C  C   . LEU A 1 7  ? -5.150  -11.229 7.117   1.00 33.90  ? 18  LEU A C   1 
ATOM   48  O  O   . LEU A 1 7  ? -4.941  -11.191 5.904   1.00 34.03  ? 18  LEU A O   1 
ATOM   49  C  CB  . LEU A 1 7  ? -3.246  -11.747 8.642   1.00 39.32  ? 18  LEU A CB  1 
ATOM   50  C  CG  . LEU A 1 7  ? -2.576  -12.592 7.546   1.00 32.27  ? 18  LEU A CG  1 
ATOM   51  C  CD1 . LEU A 1 7  ? -1.638  -11.744 6.702   1.00 25.33  ? 18  LEU A CD1 1 
ATOM   52  C  CD2 . LEU A 1 7  ? -1.818  -13.788 8.141   1.00 37.23  ? 18  LEU A CD2 1 
HETATM 53  N  N   . MSE A 1 8  ? -6.241  -11.783 7.652   1.00 34.33  ? 19  MSE A N   1 
HETATM 54  C  CA  . MSE A 1 8  ? -7.263  -12.382 6.795   1.00 36.12  ? 19  MSE A CA  1 
HETATM 55  C  C   . MSE A 1 8  ? -7.847  -11.351 5.816   1.00 36.65  ? 19  MSE A C   1 
HETATM 56  O  O   . MSE A 1 8  ? -8.018  -11.640 4.629   1.00 33.24  ? 19  MSE A O   1 
HETATM 57  C  CB  . MSE A 1 8  ? -8.354  -13.062 7.631   1.00 36.13  ? 19  MSE A CB  1 
HETATM 58  C  CG  . MSE A 1 8  ? -7.843  -14.276 8.392   1.00 38.96  ? 19  MSE A CG  1 
HETATM 59  SE SE  . MSE A 1 8  ? -9.149  -15.148 9.558   0.61 48.15  ? 19  MSE A SE  1 
HETATM 60  C  CE  . MSE A 1 8  ? -7.952  -16.378 10.475  1.00 88.24  ? 19  MSE A CE  1 
ATOM   61  N  N   . GLN A 1 9  ? -8.127  -10.148 6.312   1.00 31.52  ? 20  GLN A N   1 
ATOM   62  C  CA  . GLN A 1 9  ? -8.630  -9.068  5.462   1.00 31.12  ? 20  GLN A CA  1 
ATOM   63  C  C   . GLN A 1 9  ? -7.631  -8.712  4.352   1.00 31.97  ? 20  GLN A C   1 
ATOM   64  O  O   . GLN A 1 9  ? -7.998  -8.560  3.192   1.00 30.74  ? 20  GLN A O   1 
ATOM   65  C  CB  . GLN A 1 9  ? -8.997  -7.839  6.311   1.00 28.59  ? 20  GLN A CB  1 
ATOM   66  C  CG  . GLN A 1 9  ? -10.172 -8.113  7.295   1.00 31.88  ? 20  GLN A CG  1 
ATOM   67  C  CD  . GLN A 1 9  ? -10.256 -7.092  8.434   1.00 37.86  ? 20  GLN A CD  1 
ATOM   68  O  OE1 . GLN A 1 9  ? -9.589  -6.057  8.410   1.00 37.98  ? 20  GLN A OE1 1 
ATOM   69  N  NE2 . GLN A 1 9  ? -11.083 -7.386  9.434   1.00 38.33  ? 20  GLN A NE2 1 
ATOM   70  N  N   . LEU A 1 10 ? -6.361  -8.601  4.707   1.00 32.28  ? 21  LEU A N   1 
ATOM   71  C  CA  . LEU A 1 10 ? -5.328  -8.292  3.729   1.00 28.02  ? 21  LEU A CA  1 
ATOM   72  C  C   . LEU A 1 10 ? -5.234  -9.358  2.633   1.00 33.47  ? 21  LEU A C   1 
ATOM   73  O  O   . LEU A 1 10 ? -5.141  -9.046  1.447   1.00 34.70  ? 21  LEU A O   1 
ATOM   74  C  CB  . LEU A 1 10 ? -3.983  -8.158  4.433   1.00 22.32  ? 21  LEU A CB  1 
ATOM   75  C  CG  . LEU A 1 10 ? -3.830  -6.925  5.329   1.00 25.49  ? 21  LEU A CG  1 
ATOM   76  C  CD1 . LEU A 1 10 ? -2.577  -7.057  6.164   1.00 23.96  ? 21  LEU A CD1 1 
ATOM   77  C  CD2 . LEU A 1 10 ? -3.776  -5.634  4.480   1.00 25.41  ? 21  LEU A CD2 1 
HETATM 78  N  N   . MSE A 1 11 ? -5.266  -10.620 3.035   1.00 35.13  ? 22  MSE A N   1 
HETATM 79  C  CA  A MSE A 1 11 ? -5.139  -11.679 2.053   0.69 33.75  ? 22  MSE A CA  1 
HETATM 80  C  CA  B MSE A 1 11 ? -5.190  -11.751 2.117   0.31 34.42  ? 22  MSE A CA  1 
HETATM 81  C  C   . MSE A 1 11 ? -6.371  -11.775 1.162   1.00 33.31  ? 22  MSE A C   1 
HETATM 82  O  O   . MSE A 1 11 ? -6.255  -12.192 0.022   1.00 36.86  ? 22  MSE A O   1 
HETATM 83  C  CB  A MSE A 1 11 ? -4.760  -13.002 2.719   0.69 36.73  ? 22  MSE A CB  1 
HETATM 84  C  CB  B MSE A 1 11 ? -5.153  -13.065 2.898   0.31 36.15  ? 22  MSE A CB  1 
HETATM 85  C  CG  A MSE A 1 11 ? -3.403  -12.880 3.394   0.69 37.33  ? 22  MSE A CG  1 
HETATM 86  C  CG  B MSE A 1 11 ? -4.274  -14.096 2.251   0.31 36.74  ? 22  MSE A CG  1 
HETATM 87  SE SE  A MSE A 1 11 ? -2.596  -14.527 4.056   0.69 90.95  ? 22  MSE A SE  1 
HETATM 88  SE SE  B MSE A 1 11 ? -2.501  -13.335 2.039   0.31 36.46  ? 22  MSE A SE  1 
HETATM 89  C  CE  A MSE A 1 11 ? -2.577  -15.567 2.405   0.69 36.90  ? 22  MSE A CE  1 
HETATM 90  C  CE  B MSE A 1 11 ? -1.732  -13.893 3.745   0.31 91.22  ? 22  MSE A CE  1 
ATOM   91  N  N   . ASN A 1 12 ? -7.532  -11.343 1.656   1.00 34.33  ? 23  ASN A N   1 
ATOM   92  C  CA  . ASN A 1 12 ? -8.700  -11.210 0.782   1.00 32.24  ? 23  ASN A CA  1 
ATOM   93  C  C   . ASN A 1 12 ? -8.578  -10.061 -0.231  1.00 34.42  ? 23  ASN A C   1 
ATOM   94  O  O   . ASN A 1 12 ? -8.970  -10.214 -1.385  1.00 31.13  ? 23  ASN A O   1 
ATOM   95  C  CB  . ASN A 1 12 ? -9.999  -11.115 1.578   1.00 34.41  ? 23  ASN A CB  1 
ATOM   96  C  CG  . ASN A 1 12 ? -10.452 -12.472 2.093   1.00 43.56  ? 23  ASN A CG  1 
ATOM   97  O  OD1 . ASN A 1 12 ? -10.212 -13.500 1.460   1.00 45.73  ? 23  ASN A OD1 1 
ATOM   98  N  ND2 . ASN A 1 12 ? -11.083 -12.484 3.259   1.00 42.26  ? 23  ASN A ND2 1 
ATOM   99  N  N   . ASP A 1 13 ? -8.037  -8.919  0.200   1.00 28.15  ? 24  ASP A N   1 
ATOM   100 C  CA  . ASP A 1 13 ? -7.637  -7.855  -0.733  1.00 28.31  ? 24  ASP A CA  1 
ATOM   101 C  C   . ASP A 1 13 ? -6.648  -8.371  -1.774  1.00 27.13  ? 24  ASP A C   1 
ATOM   102 O  O   . ASP A 1 13 ? -6.754  -8.058  -2.963  1.00 23.48  ? 24  ASP A O   1 
ATOM   103 C  CB  . ASP A 1 13 ? -6.999  -6.676  0.018   1.00 27.28  ? 24  ASP A CB  1 
ATOM   104 C  CG  . ASP A 1 13 ? -8.034  -5.772  0.666   1.00 32.93  ? 24  ASP A CG  1 
ATOM   105 O  OD1 . ASP A 1 13 ? -9.225  -6.125  0.633   1.00 29.24  ? 24  ASP A OD1 1 
ATOM   106 O  OD2 . ASP A 1 13 ? -7.663  -4.711  1.202   1.00 31.18  ? 24  ASP A OD2 1 
ATOM   107 N  N   . LYS A 1 14 ? -5.684  -9.168  -1.325  1.00 24.19  ? 25  LYS A N   1 
ATOM   108 C  CA  . LYS A 1 14 ? -4.663  -9.699  -2.224  1.00 23.93  ? 25  LYS A CA  1 
ATOM   109 C  C   . LYS A 1 14 ? -5.237  -10.689 -3.228  1.00 27.60  ? 25  LYS A C   1 
ATOM   110 O  O   . LYS A 1 14 ? -4.833  -10.711 -4.389  1.00 31.85  ? 25  LYS A O   1 
ATOM   111 C  CB  . LYS A 1 14 ? -3.537  -10.355 -1.423  1.00 30.10  ? 25  LYS A CB  1 
ATOM   112 C  CG  . LYS A 1 14 ? -2.534  -11.121 -2.282  1.00 27.31  ? 25  LYS A CG  1 
ATOM   113 C  CD  . LYS A 1 14 ? -1.716  -10.199 -3.181  1.00 24.46  ? 25  LYS A CD  1 
ATOM   114 C  CE  . LYS A 1 14 ? -0.693  -11.031 -3.993  1.00 31.36  ? 25  LYS A CE  1 
ATOM   115 N  NZ  . LYS A 1 14 ? 0.249   -10.195 -4.797  1.00 30.84  ? 25  LYS A NZ  1 
ATOM   116 N  N   . LYS A 1 15 ? -6.180  -11.514 -2.780  1.00 28.26  ? 26  LYS A N   1 
ATOM   117 C  CA  . LYS A 1 15 ? -6.831  -12.465 -3.676  1.00 33.86  ? 26  LYS A CA  1 
ATOM   118 C  C   . LYS A 1 15 ? -7.571  -11.697 -4.751  1.00 32.16  ? 26  LYS A C   1 
ATOM   119 O  O   . LYS A 1 15 ? -7.552  -12.055 -5.927  1.00 33.04  ? 26  LYS A O   1 
ATOM   120 C  CB  . LYS A 1 15 ? -7.821  -13.368 -2.916  1.00 35.32  ? 26  LYS A CB  1 
ATOM   121 C  CG  . LYS A 1 15 ? -7.182  -14.501 -2.110  1.00 44.25  ? 26  LYS A CG  1 
ATOM   122 C  CD  . LYS A 1 15 ? -8.251  -15.476 -1.570  1.00 55.07  ? 26  LYS A CD  1 
ATOM   123 C  CE  . LYS A 1 15 ? -7.643  -16.759 -0.970  1.00 61.57  ? 26  LYS A CE  1 
ATOM   124 N  NZ  . LYS A 1 15 ? -6.717  -16.522 0.188   1.00 59.99  ? 26  LYS A NZ  1 
ATOM   125 N  N   . LEU A 1 16 ? -8.237  -10.635 -4.322  1.00 34.56  ? 27  LEU A N   1 
ATOM   126 C  CA  . LEU A 1 16 ? -9.005  -9.784  -5.216  1.00 36.89  ? 27  LEU A CA  1 
ATOM   127 C  C   . LEU A 1 16 ? -8.089  -9.093  -6.250  1.00 32.81  ? 27  LEU A C   1 
ATOM   128 O  O   . LEU A 1 16 ? -8.382  -9.117  -7.444  1.00 26.26  ? 27  LEU A O   1 
ATOM   129 C  CB  . LEU A 1 16 ? -9.807  -8.771  -4.388  1.00 36.81  ? 27  LEU A CB  1 
ATOM   130 C  CG  . LEU A 1 16 ? -11.064 -8.143  -4.981  1.00 43.77  ? 27  LEU A CG  1 
ATOM   131 C  CD1 . LEU A 1 16 ? -11.933 -9.183  -5.665  1.00 48.31  ? 27  LEU A CD1 1 
ATOM   132 C  CD2 . LEU A 1 16 ? -11.833 -7.486  -3.864  1.00 40.83  ? 27  LEU A CD2 1 
HETATM 133 N  N   . MSE A 1 17 ? -6.979  -8.501  -5.807  1.00 30.22  ? 28  MSE A N   1 
HETATM 134 C  CA  A MSE A 1 17 ? -6.043  -7.862  -6.735  0.70 30.29  ? 28  MSE A CA  1 
HETATM 135 C  CA  B MSE A 1 17 ? -6.038  -7.864  -6.728  0.30 30.90  ? 28  MSE A CA  1 
HETATM 136 C  C   . MSE A 1 17 ? -5.534  -8.847  -7.775  1.00 31.52  ? 28  MSE A C   1 
HETATM 137 O  O   . MSE A 1 17 ? -5.449  -8.520  -8.949  1.00 31.11  ? 28  MSE A O   1 
HETATM 138 C  CB  A MSE A 1 17 ? -4.841  -7.276  -5.997  0.70 32.07  ? 28  MSE A CB  1 
HETATM 139 C  CB  B MSE A 1 17 ? -4.838  -7.287  -5.980  0.30 32.23  ? 28  MSE A CB  1 
HETATM 140 C  CG  A MSE A 1 17 ? -4.862  -5.770  -5.837  0.70 36.30  ? 28  MSE A CG  1 
HETATM 141 C  CG  B MSE A 1 17 ? -5.140  -6.080  -5.119  0.30 33.00  ? 28  MSE A CG  1 
HETATM 142 SE SE  A MSE A 1 17 ? -5.213  -4.815  -7.500  0.70 66.88  ? 28  MSE A SE  1 
HETATM 143 SE SE  B MSE A 1 17 ? -3.617  -4.852  -5.111  0.30 66.79  ? 28  MSE A SE  1 
HETATM 144 C  CE  A MSE A 1 17 ? -4.488  -3.074  -7.001  0.70 57.39  ? 28  MSE A CE  1 
HETATM 145 C  CE  B MSE A 1 17 ? -3.665  -4.299  -6.979  0.30 57.43  ? 28  MSE A CE  1 
ATOM   146 N  N   . SER A 1 18 ? -5.189  -10.052 -7.323  1.00 30.58  ? 29  SER A N   1 
ATOM   147 C  CA  . SER A 1 18 ? -4.730  -11.132 -8.193  1.00 35.47  ? 29  SER A CA  1 
ATOM   148 C  C   . SER A 1 18 ? -5.754  -11.475 -9.247  1.00 34.89  ? 29  SER A C   1 
ATOM   149 O  O   . SER A 1 18 ? -5.399  -11.916 -10.332 1.00 36.46  ? 29  SER A O   1 
ATOM   150 C  CB  . SER A 1 18 ? -4.463  -12.399 -7.374  1.00 39.51  ? 29  SER A CB  1 
ATOM   151 O  OG  . SER A 1 18 ? -3.435  -12.177 -6.429  1.00 47.72  ? 29  SER A OG  1 
ATOM   152 N  N   . SER A 1 19 ? -7.027  -11.305 -8.901  1.00 36.42  ? 30  SER A N   1 
ATOM   153 C  CA  . SER A 1 19 ? -8.138  -11.611 -9.806  1.00 40.71  ? 30  SER A CA  1 
ATOM   154 C  C   . SER A 1 19 ? -8.328  -10.540 -10.862 1.00 39.91  ? 30  SER A C   1 
ATOM   155 O  O   . SER A 1 19 ? -9.044  -10.754 -11.834 1.00 39.58  ? 30  SER A O   1 
ATOM   156 C  CB  . SER A 1 19 ? -9.444  -11.728 -9.025  1.00 38.57  ? 30  SER A CB  1 
ATOM   157 O  OG  . SER A 1 19 ? -9.297  -12.609 -7.929  1.00 49.42  ? 30  SER A OG  1 
ATOM   158 N  N   . LEU A 1 20 ? -7.694  -9.387  -10.661 1.00 37.27  ? 31  LEU A N   1 
ATOM   159 C  CA  . LEU A 1 20 ? -7.869  -8.236  -11.552 1.00 37.39  ? 31  LEU A CA  1 
ATOM   160 C  C   . LEU A 1 20 ? -6.541  -7.691  -12.073 1.00 36.87  ? 31  LEU A C   1 
ATOM   161 O  O   . LEU A 1 20 ? -6.191  -6.537  -11.809 1.00 34.95  ? 31  LEU A O   1 
ATOM   162 C  CB  . LEU A 1 20 ? -8.611  -7.123  -10.806 1.00 33.07  ? 31  LEU A CB  1 
ATOM   163 C  CG  . LEU A 1 20 ? -10.013 -7.524  -10.353 1.00 38.60  ? 31  LEU A CG  1 
ATOM   164 C  CD1 . LEU A 1 20 ? -10.508 -6.597  -9.282  1.00 39.77  ? 31  LEU A CD1 1 
ATOM   165 C  CD2 . LEU A 1 20 ? -10.939 -7.501  -11.549 1.00 38.75  ? 31  LEU A CD2 1 
ATOM   166 N  N   . PRO A 1 21 ? -5.795  -8.512  -12.824 1.00 35.09  ? 32  PRO A N   1 
ATOM   167 C  CA  . PRO A 1 21 ? -4.467  -8.092  -13.291 1.00 36.15  ? 32  PRO A CA  1 
ATOM   168 C  C   . PRO A 1 21 ? -4.513  -6.848  -14.186 1.00 34.89  ? 32  PRO A C   1 
ATOM   169 O  O   . PRO A 1 21 ? -3.542  -6.077  -14.227 1.00 36.89  ? 32  PRO A O   1 
ATOM   170 C  CB  . PRO A 1 21 ? -3.990  -9.306  -14.087 1.00 41.90  ? 32  PRO A CB  1 
ATOM   171 C  CG  . PRO A 1 21 ? -5.263  -9.962  -14.555 1.00 42.64  ? 32  PRO A CG  1 
ATOM   172 C  CD  . PRO A 1 21 ? -6.215  -9.790  -13.419 1.00 38.73  ? 32  PRO A CD  1 
ATOM   173 N  N   . ASN A 1 22 ? -5.627  -6.649  -14.888 1.00 34.56  ? 33  ASN A N   1 
ATOM   174 C  CA  . ASN A 1 22 ? -5.797  -5.461  -15.729 1.00 32.94  ? 33  ASN A CA  1 
ATOM   175 C  C   . ASN A 1 22 ? -5.828  -4.161  -14.935 1.00 31.45  ? 33  ASN A C   1 
ATOM   176 O  O   . ASN A 1 22 ? -5.254  -3.158  -15.366 1.00 32.88  ? 33  ASN A O   1 
ATOM   177 C  CB  . ASN A 1 22 ? -7.056  -5.566  -16.579 1.00 36.74  ? 33  ASN A CB  1 
ATOM   178 C  CG  . ASN A 1 22 ? -6.913  -6.577  -17.684 1.00 52.98  ? 33  ASN A CG  1 
ATOM   179 O  OD1 . ASN A 1 22 ? -5.803  -7.022  -17.996 1.00 54.77  ? 33  ASN A OD1 1 
ATOM   180 N  ND2 . ASN A 1 22 ? -8.033  -6.945  -18.295 1.00 57.23  ? 33  ASN A ND2 1 
ATOM   181 N  N   . PHE A 1 23 ? -6.504  -4.180  -13.790 1.00 26.31  ? 34  PHE A N   1 
ATOM   182 C  CA  . PHE A 1 23 ? -6.515  -3.022  -12.879 1.00 27.68  ? 34  PHE A CA  1 
ATOM   183 C  C   . PHE A 1 23 ? -5.213  -2.873  -12.152 1.00 27.94  ? 34  PHE A C   1 
ATOM   184 O  O   . PHE A 1 23 ? -4.717  -1.767  -11.978 1.00 24.06  ? 34  PHE A O   1 
ATOM   185 C  CB  . PHE A 1 23 ? -7.628  -3.136  -11.844 1.00 27.82  ? 34  PHE A CB  1 
ATOM   186 C  CG  . PHE A 1 23 ? -8.990  -2.867  -12.412 1.00 37.16  ? 34  PHE A CG  1 
ATOM   187 C  CD1 . PHE A 1 23 ? -9.643  -3.835  -13.168 1.00 39.91  ? 34  PHE A CD1 1 
ATOM   188 C  CD2 . PHE A 1 23 ? -9.605  -1.644  -12.212 1.00 31.29  ? 34  PHE A CD2 1 
ATOM   189 C  CE1 . PHE A 1 23 ? -10.889 -3.585  -13.716 1.00 42.42  ? 34  PHE A CE1 1 
ATOM   190 C  CE2 . PHE A 1 23 ? -10.858 -1.395  -12.748 1.00 39.84  ? 34  PHE A CE2 1 
ATOM   191 C  CZ  . PHE A 1 23 ? -11.498 -2.366  -13.502 1.00 44.08  ? 34  PHE A CZ  1 
ATOM   192 N  N   . SER A 1 24 ? -4.655  -3.987  -11.703 1.00 32.55  ? 35  SER A N   1 
ATOM   193 C  CA  . SER A 1 24 ? -3.378  -3.907  -11.018 1.00 35.26  ? 35  SER A CA  1 
ATOM   194 C  C   . SER A 1 24 ? -2.319  -3.252  -11.919 1.00 32.28  ? 35  SER A C   1 
ATOM   195 O  O   . SER A 1 24 ? -1.533  -2.411  -11.470 1.00 35.55  ? 35  SER A O   1 
ATOM   196 C  CB  . SER A 1 24 ? -2.922  -5.292  -10.570 1.00 40.73  ? 35  SER A CB  1 
ATOM   197 O  OG  . SER A 1 24 ? -1.713  -5.183  -9.846  1.00 46.90  ? 35  SER A OG  1 
ATOM   198 N  N   . GLY A 1 25 ? -2.331  -3.623  -13.194 1.00 32.53  ? 36  GLY A N   1 
ATOM   199 C  CA  . GLY A 1 25 ? -1.354  -3.141  -14.148 1.00 30.65  ? 36  GLY A CA  1 
ATOM   200 C  C   . GLY A 1 25 ? -1.370  -1.652  -14.435 1.00 37.11  ? 36  GLY A C   1 
ATOM   201 O  O   . GLY A 1 25 ? -0.434  -1.151  -15.054 1.00 38.78  ? 36  GLY A O   1 
ATOM   202 N  N   . ILE A 1 26 ? -2.411  -0.933  -14.022 1.00 34.47  ? 37  ILE A N   1 
ATOM   203 C  CA  . ILE A 1 26 ? -2.450  0.511   -14.293 1.00 31.60  ? 37  ILE A CA  1 
ATOM   204 C  C   . ILE A 1 26 ? -2.001  1.356   -13.106 1.00 33.96  ? 37  ILE A C   1 
ATOM   205 O  O   . ILE A 1 26 ? -2.010  2.591   -13.192 1.00 27.02  ? 37  ILE A O   1 
ATOM   206 C  CB  . ILE A 1 26 ? -3.838  1.032   -14.751 1.00 25.89  ? 37  ILE A CB  1 
ATOM   207 C  CG1 . ILE A 1 26 ? -4.883  0.850   -13.653 1.00 30.07  ? 37  ILE A CG1 1 
ATOM   208 C  CG2 . ILE A 1 26 ? -4.256  0.383   -16.082 1.00 31.39  ? 37  ILE A CG2 1 
ATOM   209 C  CD1 . ILE A 1 26 ? -6.294  1.300   -14.065 1.00 38.91  ? 37  ILE A CD1 1 
ATOM   210 N  N   . PHE A 1 27 ? -1.625  0.689   -12.012 1.00 30.14  ? 38  PHE A N   1 
ATOM   211 C  CA  . PHE A 1 27 ? -0.995  1.352   -10.867 1.00 29.42  ? 38  PHE A CA  1 
ATOM   212 C  C   . PHE A 1 27 ? 0.498   1.045   -10.817 1.00 30.90  ? 38  PHE A C   1 
ATOM   213 O  O   . PHE A 1 27 ? 0.916   -0.063  -11.132 1.00 33.19  ? 38  PHE A O   1 
ATOM   214 C  CB  . PHE A 1 27 ? -1.645  0.904   -9.558  1.00 19.40  ? 38  PHE A CB  1 
ATOM   215 C  CG  . PHE A 1 27 ? -3.093  1.249   -9.469  1.00 24.14  ? 38  PHE A CG  1 
ATOM   216 C  CD1 . PHE A 1 27 ? -3.488  2.496   -9.014  1.00 27.14  ? 38  PHE A CD1 1 
ATOM   217 C  CD2 . PHE A 1 27 ? -4.061  0.344   -9.862  1.00 21.60  ? 38  PHE A CD2 1 
ATOM   218 C  CE1 . PHE A 1 27 ? -4.828  2.827   -8.930  1.00 25.59  ? 38  PHE A CE1 1 
ATOM   219 C  CE2 . PHE A 1 27 ? -5.399  0.672   -9.794  1.00 25.66  ? 38  PHE A CE2 1 
ATOM   220 C  CZ  . PHE A 1 27 ? -5.786  1.914   -9.329  1.00 23.48  ? 38  PHE A CZ  1 
ATOM   221 N  N   . ASN A 1 28 ? 1.296   2.033   -10.422 1.00 28.16  ? 39  ASN A N   1 
ATOM   222 C  CA  . ASN A 1 28 ? 2.739   1.843   -10.299 1.00 29.79  ? 39  ASN A CA  1 
ATOM   223 C  C   . ASN A 1 28 ? 3.118   0.915   -9.137  1.00 30.88  ? 39  ASN A C   1 
ATOM   224 O  O   . ASN A 1 28 ? 4.015   0.096   -9.256  1.00 35.15  ? 39  ASN A O   1 
ATOM   225 C  CB  . ASN A 1 28 ? 3.450   3.196   -10.104 1.00 33.91  ? 39  ASN A CB  1 
ATOM   226 C  CG  . ASN A 1 28 ? 3.231   4.167   -11.265 1.00 42.51  ? 39  ASN A CG  1 
ATOM   227 O  OD1 . ASN A 1 28 ? 3.677   3.917   -12.391 1.00 38.12  ? 39  ASN A OD1 1 
ATOM   228 N  ND2 . ASN A 1 28 ? 2.577   5.311   -10.980 1.00 35.95  ? 39  ASN A ND2 1 
ATOM   229 N  N   . HIS A 1 29 ? 2.440   1.046   -8.006  1.00 27.92  ? 40  HIS A N   1 
ATOM   230 C  CA  . HIS A 1 29 ? 2.987   0.497   -6.768  1.00 29.68  ? 40  HIS A CA  1 
ATOM   231 C  C   . HIS A 1 29 ? 1.993   -0.215  -5.897  1.00 28.82  ? 40  HIS A C   1 
ATOM   232 O  O   . HIS A 1 29 ? 2.367   -0.781  -4.859  1.00 29.65  ? 40  HIS A O   1 
ATOM   233 C  CB  . HIS A 1 29 ? 3.606   1.636   -5.950  1.00 22.73  ? 40  HIS A CB  1 
ATOM   234 C  CG  . HIS A 1 29 ? 4.755   2.283   -6.642  1.00 21.54  ? 40  HIS A CG  1 
ATOM   235 N  ND1 . HIS A 1 29 ? 5.879   1.578   -7.006  1.00 23.59  ? 40  HIS A ND1 1 
ATOM   236 C  CD2 . HIS A 1 29 ? 4.951   3.556   -7.059  1.00 18.38  ? 40  HIS A CD2 1 
ATOM   237 C  CE1 . HIS A 1 29 ? 6.722   2.391   -7.623  1.00 28.13  ? 40  HIS A CE1 1 
ATOM   238 N  NE2 . HIS A 1 29 ? 6.185   3.597   -7.663  1.00 25.65  ? 40  HIS A NE2 1 
ATOM   239 N  N   . LEU A 1 30 ? 0.733   -0.193  -6.320  1.00 24.63  ? 41  LEU A N   1 
ATOM   240 C  CA  . LEU A 1 30 ? -0.385  -0.563  -5.450  1.00 24.85  ? 41  LEU A CA  1 
ATOM   241 C  C   . LEU A 1 30 ? -0.329  -1.982  -4.884  1.00 27.67  ? 41  LEU A C   1 
ATOM   242 O  O   . LEU A 1 30 ? -0.406  -2.166  -3.670  1.00 26.99  ? 41  LEU A O   1 
ATOM   243 C  CB  . LEU A 1 30 ? -1.713  -0.307  -6.178  1.00 30.17  ? 41  LEU A CB  1 
ATOM   244 C  CG  . LEU A 1 30 ? -2.939  -0.182  -5.288  1.00 36.01  ? 41  LEU A CG  1 
ATOM   245 C  CD1 . LEU A 1 30 ? -2.598  0.647   -4.062  1.00 36.54  ? 41  LEU A CD1 1 
ATOM   246 C  CD2 . LEU A 1 30 ? -4.078  0.454   -6.067  1.00 34.57  ? 41  LEU A CD2 1 
ATOM   247 N  N   . GLU A 1 31 ? -0.175  -2.975  -5.758  1.00 30.06  ? 42  GLU A N   1 
ATOM   248 C  CA  . GLU A 1 31 ? -0.091  -4.362  -5.326  1.00 25.77  ? 42  GLU A CA  1 
ATOM   249 C  C   . GLU A 1 31 ? 1.180   -4.703  -4.540  1.00 29.17  ? 42  GLU A C   1 
ATOM   250 O  O   . GLU A 1 31 ? 1.117   -5.478  -3.594  1.00 35.22  ? 42  GLU A O   1 
ATOM   251 C  CB  . GLU A 1 31 ? -0.263  -5.333  -6.494  1.00 27.00  ? 42  GLU A CB  1 
ATOM   252 C  CG  . GLU A 1 31 ? -0.666  -6.738  -6.019  1.00 34.02  ? 42  GLU A CG  1 
ATOM   253 C  CD  . GLU A 1 31 ? -1.024  -7.695  -7.157  1.00 40.33  ? 42  GLU A CD  1 
ATOM   254 O  OE1 . GLU A 1 31 ? -1.245  -7.216  -8.288  1.00 33.78  ? 42  GLU A OE1 1 
ATOM   255 O  OE2 . GLU A 1 31 ? -1.086  -8.925  -6.914  1.00 42.96  ? 42  GLU A OE2 1 
ATOM   256 N  N   . ARG A 1 32 ? 2.320   -4.139  -4.920  1.00 26.85  ? 43  ARG A N   1 
ATOM   257 C  CA  . ARG A 1 32 ? 3.550   -4.314  -4.141  1.00 25.58  ? 43  ARG A CA  1 
ATOM   258 C  C   . ARG A 1 32 ? 3.382   -3.840  -2.698  1.00 27.78  ? 43  ARG A C   1 
ATOM   259 O  O   . ARG A 1 32 ? 3.842   -4.497  -1.769  1.00 24.34  ? 43  ARG A O   1 
ATOM   260 C  CB  . ARG A 1 32 ? 4.725   -3.564  -4.779  1.00 28.92  ? 43  ARG A CB  1 
ATOM   261 C  CG  . ARG A 1 32 ? 6.035   -3.712  -4.007  1.00 33.48  ? 43  ARG A CG  1 
ATOM   262 C  CD  . ARG A 1 32 ? 7.208   -2.996  -4.698  1.00 37.91  ? 43  ARG A CD  1 
ATOM   263 N  NE  . ARG A 1 32 ? 6.928   -1.581  -4.914  1.00 33.49  ? 43  ARG A NE  1 
ATOM   264 C  CZ  . ARG A 1 32 ? 7.024   -0.644  -3.974  1.00 37.05  ? 43  ARG A CZ  1 
ATOM   265 N  NH1 . ARG A 1 32 ? 7.400   -0.963  -2.741  1.00 37.08  ? 43  ARG A NH1 1 
ATOM   266 N  NH2 . ARG A 1 32 ? 6.726   0.617   -4.260  1.00 37.61  ? 43  ARG A NH2 1 
ATOM   267 N  N   . LEU A 1 33 ? 2.706   -2.708  -2.507  1.00 29.53  ? 44  LEU A N   1 
ATOM   268 C  CA  . LEU A 1 33 ? 2.504   -2.162  -1.167  1.00 24.58  ? 44  LEU A CA  1 
ATOM   269 C  C   . LEU A 1 33 ? 1.635   -3.083  -0.298  1.00 28.56  ? 44  LEU A C   1 
ATOM   270 O  O   . LEU A 1 33 ? 1.816   -3.168  0.919   1.00 34.62  ? 44  LEU A O   1 
ATOM   271 C  CB  . LEU A 1 33 ? 1.887   -0.767  -1.234  1.00 22.17  ? 44  LEU A CB  1 
ATOM   272 C  CG  . LEU A 1 33 ? 2.707   0.365   -1.875  1.00 26.60  ? 44  LEU A CG  1 
ATOM   273 C  CD1 . LEU A 1 33 ? 1.902   1.660   -1.887  1.00 23.66  ? 44  LEU A CD1 1 
ATOM   274 C  CD2 . LEU A 1 33 ? 4.034   0.588   -1.188  1.00 25.04  ? 44  LEU A CD2 1 
ATOM   275 N  N   . LEU A 1 34 ? 0.677   -3.757  -0.922  1.00 19.37  ? 45  LEU A N   1 
ATOM   276 C  CA  . LEU A 1 34 ? -0.181  -4.704  -0.220  1.00 19.50  ? 45  LEU A CA  1 
ATOM   277 C  C   . LEU A 1 34 ? 0.657   -5.925  0.179   1.00 25.75  ? 45  LEU A C   1 
ATOM   278 O  O   . LEU A 1 34 ? 0.550   -6.424  1.291   1.00 30.36  ? 45  LEU A O   1 
ATOM   279 C  CB  . LEU A 1 34 ? -1.338  -5.117  -1.134  1.00 21.78  ? 45  LEU A CB  1 
ATOM   280 C  CG  . LEU A 1 34 ? -2.234  -6.272  -0.719  1.00 28.33  ? 45  LEU A CG  1 
ATOM   281 C  CD1 . LEU A 1 34 ? -2.784  -6.060  0.718   1.00 28.02  ? 45  LEU A CD1 1 
ATOM   282 C  CD2 . LEU A 1 34 ? -3.372  -6.414  -1.740  1.00 24.63  ? 45  LEU A CD2 1 
ATOM   283 N  N   . ASP A 1 35 ? 1.503   -6.384  -0.739  1.00 24.16  ? 46  ASP A N   1 
ATOM   284 C  CA  . ASP A 1 35 ? 2.394   -7.513  -0.478  1.00 31.80  ? 46  ASP A CA  1 
ATOM   285 C  C   . ASP A 1 35 ? 3.319   -7.224  0.695   1.00 30.70  ? 46  ASP A C   1 
ATOM   286 O  O   . ASP A 1 35 ? 3.559   -8.084  1.536   1.00 34.63  ? 46  ASP A O   1 
ATOM   287 C  CB  . ASP A 1 35 ? 3.235   -7.816  -1.717  1.00 34.14  ? 46  ASP A CB  1 
ATOM   288 C  CG  . ASP A 1 35 ? 2.429   -8.493  -2.813  1.00 37.66  ? 46  ASP A CG  1 
ATOM   289 O  OD1 . ASP A 1 35 ? 1.363   -9.052  -2.480  1.00 38.28  ? 46  ASP A OD1 1 
ATOM   290 O  OD2 . ASP A 1 35 ? 2.866   -8.483  -3.986  1.00 36.86  ? 46  ASP A OD2 1 
ATOM   291 N  N   . GLU A 1 36 ? 3.856   -6.011  0.721   1.00 24.46  ? 47  GLU A N   1 
ATOM   292 C  CA  . GLU A 1 36 ? 4.765   -5.594  1.772   1.00 31.86  ? 47  GLU A CA  1 
ATOM   293 C  C   . GLU A 1 36 ? 4.082   -5.486  3.127   1.00 30.65  ? 47  GLU A C   1 
ATOM   294 O  O   . GLU A 1 36 ? 4.692   -5.776  4.148   1.00 30.27  ? 47  GLU A O   1 
ATOM   295 C  CB  . GLU A 1 36 ? 5.457   -4.279  1.389   1.00 26.95  ? 47  GLU A CB  1 
ATOM   296 C  CG  . GLU A 1 36 ? 6.420   -4.498  0.232   1.00 35.16  ? 47  GLU A CG  1 
ATOM   297 C  CD  . GLU A 1 36 ? 7.148   -3.241  -0.199  1.00 34.51  ? 47  GLU A CD  1 
ATOM   298 O  OE1 . GLU A 1 36 ? 6.956   -2.182  0.439   1.00 32.71  ? 47  GLU A OE1 1 
ATOM   299 O  OE2 . GLU A 1 36 ? 7.911   -3.320  -1.188  1.00 39.86  ? 47  GLU A OE2 1 
ATOM   300 N  N   . GLU A 1 37 ? 2.822   -5.060  3.130   1.00 29.76  ? 48  GLU A N   1 
ATOM   301 C  CA  . GLU A 1 37 ? 2.068   -4.955  4.368   1.00 28.89  ? 48  GLU A CA  1 
ATOM   302 C  C   . GLU A 1 37 ? 1.781   -6.362  4.900   1.00 28.29  ? 48  GLU A C   1 
ATOM   303 O  O   . GLU A 1 37 ? 1.885   -6.612  6.099   1.00 31.75  ? 48  GLU A O   1 
ATOM   304 C  CB  . GLU A 1 37 ? 0.770   -4.164  4.171   1.00 28.27  ? 48  GLU A CB  1 
ATOM   305 C  CG  . GLU A 1 37 ? -0.171  -4.154  5.391   1.00 29.95  ? 48  GLU A CG  1 
ATOM   306 C  CD  . GLU A 1 37 ? 0.314   -3.260  6.534   1.00 34.98  ? 48  GLU A CD  1 
ATOM   307 O  OE1 . GLU A 1 37 ? 1.446   -2.760  6.447   1.00 33.65  ? 48  GLU A OE1 1 
ATOM   308 O  OE2 . GLU A 1 37 ? -0.440  -3.051  7.523   1.00 34.24  ? 48  GLU A OE2 1 
ATOM   309 N  N   . ILE A 1 38 ? 1.437   -7.273  4.000   1.00 27.27  ? 49  ILE A N   1 
ATOM   310 C  CA  . ILE A 1 38 ? 1.161   -8.656  4.385   1.00 33.75  ? 49  ILE A CA  1 
ATOM   311 C  C   . ILE A 1 38 ? 2.419   -9.312  4.991   1.00 31.85  ? 49  ILE A C   1 
ATOM   312 O  O   . ILE A 1 38 ? 2.335   -9.951  6.039   1.00 30.97  ? 49  ILE A O   1 
ATOM   313 C  CB  . ILE A 1 38 ? 0.601   -9.478  3.188   1.00 29.76  ? 49  ILE A CB  1 
ATOM   314 C  CG1 . ILE A 1 38 ? -0.828  -9.051  2.853   1.00 27.97  ? 49  ILE A CG1 1 
ATOM   315 C  CG2 . ILE A 1 38 ? 0.643   -10.993 3.458   1.00 27.78  ? 49  ILE A CG2 1 
ATOM   316 C  CD1 . ILE A 1 38 ? -1.300  -9.582  1.502   1.00 26.23  ? 49  ILE A CD1 1 
ATOM   317 N  N   . SER A 1 39 ? 3.575   -9.112  4.354   1.00 25.22  ? 50  SER A N   1 
ATOM   318 C  CA  . SER A 1 39 ? 4.843   -9.637  4.866   1.00 31.89  ? 50  SER A CA  1 
ATOM   319 C  C   . SER A 1 39 ? 5.156   -9.070  6.237   1.00 36.81  ? 50  SER A C   1 
ATOM   320 O  O   . SER A 1 39 ? 5.624   -9.784  7.138   1.00 35.96  ? 50  SER A O   1 
ATOM   321 C  CB  . SER A 1 39 ? 5.985   -9.294  3.921   1.00 34.75  ? 50  SER A CB  1 
ATOM   322 O  OG  . SER A 1 39 ? 5.849   -9.997  2.702   1.00 41.69  ? 50  SER A OG  1 
ATOM   323 N  N   . ARG A 1 40 ? 4.906   -7.774  6.383   1.00 38.79  ? 51  ARG A N   1 
ATOM   324 C  CA  . ARG A 1 40 ? 5.111   -7.087  7.649   1.00 37.82  ? 51  ARG A CA  1 
ATOM   325 C  C   . ARG A 1 40 ? 4.222   -7.694  8.744   1.00 34.06  ? 51  ARG A C   1 
ATOM   326 O  O   . ARG A 1 40 ? 4.692   -8.022  9.830   1.00 34.37  ? 51  ARG A O   1 
ATOM   327 C  CB  . ARG A 1 40 ? 4.804   -5.603  7.469   1.00 40.64  ? 51  ARG A CB  1 
ATOM   328 C  CG  . ARG A 1 40 ? 5.484   -4.704  8.468   1.00 50.14  ? 51  ARG A CG  1 
ATOM   329 C  CD  . ARG A 1 40 ? 5.866   -3.393  7.809   1.00 49.33  ? 51  ARG A CD  1 
ATOM   330 N  NE  . ARG A 1 40 ? 4.769   -2.926  6.980   1.00 44.77  ? 51  ARG A NE  1 
ATOM   331 C  CZ  . ARG A 1 40 ? 4.920   -2.377  5.785   1.00 38.18  ? 51  ARG A CZ  1 
ATOM   332 N  NH1 . ARG A 1 40 ? 6.138   -2.203  5.276   1.00 38.41  ? 51  ARG A NH1 1 
ATOM   333 N  NH2 . ARG A 1 40 ? 3.845   -1.998  5.108   1.00 32.52  ? 51  ARG A NH2 1 
ATOM   334 N  N   . VAL A 1 41 ? 2.938   -7.853  8.444   1.00 32.26  ? 52  VAL A N   1 
ATOM   335 C  CA  . VAL A 1 41 ? 1.984   -8.391  9.416   1.00 28.88  ? 52  VAL A CA  1 
ATOM   336 C  C   . VAL A 1 41 ? 2.388   -9.786  9.893   1.00 30.71  ? 52  VAL A C   1 
ATOM   337 O  O   . VAL A 1 41 ? 2.409   -10.057 11.087  1.00 39.22  ? 52  VAL A O   1 
ATOM   338 C  CB  . VAL A 1 41 ? 0.550   -8.432  8.844   1.00 32.57  ? 52  VAL A CB  1 
ATOM   339 C  CG1 . VAL A 1 41 ? -0.388  -9.218  9.778   1.00 35.50  ? 52  VAL A CG1 1 
ATOM   340 C  CG2 . VAL A 1 41 ? 0.022   -7.012  8.621   1.00 36.19  ? 52  VAL A CG2 1 
ATOM   341 N  N   . ARG A 1 42 ? 2.741   -10.655 8.954   1.00 30.57  ? 53  ARG A N   1 
ATOM   342 C  CA  . ARG A 1 42 ? 3.107   -12.019 9.291   1.00 38.38  ? 53  ARG A CA  1 
ATOM   343 C  C   . ARG A 1 42 ? 4.348   -12.046 10.159  1.00 33.89  ? 53  ARG A C   1 
ATOM   344 O  O   . ARG A 1 42 ? 4.398   -12.786 11.135  1.00 32.09  ? 53  ARG A O   1 
ATOM   345 C  CB  . ARG A 1 42 ? 3.305   -12.849 8.029   1.00 41.53  ? 53  ARG A CB  1 
ATOM   346 C  CG  . ARG A 1 42 ? 2.014   -12.998 7.216   1.00 39.32  ? 53  ARG A CG  1 
ATOM   347 C  CD  . ARG A 1 42 ? 2.270   -13.783 5.958   1.00 38.09  ? 53  ARG A CD  1 
ATOM   348 N  NE  . ARG A 1 42 ? 2.733   -15.123 6.286   1.00 48.56  ? 53  ARG A NE  1 
ATOM   349 C  CZ  . ARG A 1 42 ? 2.189   -16.237 5.808   1.00 51.25  ? 53  ARG A CZ  1 
ATOM   350 N  NH1 . ARG A 1 42 ? 1.156   -16.162 4.968   1.00 49.00  ? 53  ARG A NH1 1 
ATOM   351 N  NH2 . ARG A 1 42 ? 2.686   -17.418 6.166   1.00 51.46  ? 53  ARG A NH2 1 
ATOM   352 N  N   . LYS A 1 43 ? 5.329   -11.214 9.815   1.00 32.20  ? 54  LYS A N   1 
ATOM   353 C  CA  . LYS A 1 43 ? 6.556   -11.110 10.601  1.00 40.97  ? 54  LYS A CA  1 
ATOM   354 C  C   . LYS A 1 43 ? 6.248   -10.647 12.025  1.00 42.87  ? 54  LYS A C   1 
ATOM   355 O  O   . LYS A 1 43 ? 6.818   -11.165 12.985  1.00 45.88  ? 54  LYS A O   1 
ATOM   356 C  CB  . LYS A 1 43 ? 7.552   -10.154 9.934   1.00 38.52  ? 54  LYS A CB  1 
ATOM   357 C  CG  . LYS A 1 43 ? 8.911   -10.071 10.621  1.00 51.88  ? 54  LYS A CG  1 
ATOM   358 C  CD  . LYS A 1 43 ? 9.737   -8.922  10.036  1.00 60.61  ? 54  LYS A CD  1 
ATOM   359 C  CE  . LYS A 1 43 ? 11.103  -8.790  10.712  1.00 71.95  ? 54  LYS A CE  1 
ATOM   360 N  NZ  . LYS A 1 43 ? 11.889  -7.630  10.172  1.00 71.95  ? 54  LYS A NZ  1 
ATOM   361 N  N   . ASP A 1 44 ? 5.349   -9.675  12.155  1.00 39.49  ? 55  ASP A N   1 
ATOM   362 C  CA  . ASP A 1 44 ? 4.966   -9.163  13.468  1.00 44.83  ? 55  ASP A CA  1 
ATOM   363 C  C   . ASP A 1 44 ? 4.271   -10.220 14.320  1.00 43.53  ? 55  ASP A C   1 
ATOM   364 O  O   . ASP A 1 44 ? 4.624   -10.401 15.486  1.00 48.59  ? 55  ASP A O   1 
ATOM   365 C  CB  . ASP A 1 44 ? 4.053   -7.942  13.340  1.00 53.75  ? 55  ASP A CB  1 
ATOM   366 C  CG  . ASP A 1 44 ? 4.773   -6.734  12.781  1.00 62.97  ? 55  ASP A CG  1 
ATOM   367 O  OD1 . ASP A 1 44 ? 6.018   -6.666  12.906  1.00 66.02  ? 55  ASP A OD1 1 
ATOM   368 O  OD2 . ASP A 1 44 ? 4.087   -5.854  12.217  1.00 64.06  ? 55  ASP A OD2 1 
HETATM 369 N  N   . MSE A 1 45 ? 3.282   -10.904 13.746  1.00 36.07  ? 56  MSE A N   1 
HETATM 370 C  CA  . MSE A 1 45 ? 2.548   -11.949 14.472  1.00 36.92  ? 56  MSE A CA  1 
HETATM 371 C  C   . MSE A 1 45 ? 3.500   -13.031 14.960  1.00 37.89  ? 56  MSE A C   1 
HETATM 372 O  O   . MSE A 1 45 ? 3.403   -13.497 16.098  1.00 40.34  ? 56  MSE A O   1 
HETATM 373 C  CB  . MSE A 1 45 ? 1.459   -12.555 13.589  1.00 34.04  ? 56  MSE A CB  1 
HETATM 374 C  CG  . MSE A 1 45 ? 0.384   -11.558 13.178  1.00 36.09  ? 56  MSE A CG  1 
HETATM 375 SE SE  . MSE A 1 45 ? -0.780  -12.294 11.781  0.62 43.10  ? 56  MSE A SE  1 
HETATM 376 C  CE  . MSE A 1 45 ? -1.123  -14.033 12.568  1.00 39.04  ? 56  MSE A CE  1 
ATOM   377 N  N   . TYR A 1 46 ? 4.445   -13.413 14.110  1.00 37.37  ? 57  TYR A N   1 
ATOM   378 C  CA  . TYR A 1 46 ? 5.432   -14.404 14.514  1.00 47.71  ? 57  TYR A CA  1 
ATOM   379 C  C   . TYR A 1 46 ? 6.411   -13.870 15.564  1.00 52.46  ? 57  TYR A C   1 
ATOM   380 O  O   . TYR A 1 46 ? 6.831   -14.599 16.451  1.00 53.12  ? 57  TYR A O   1 
ATOM   381 C  CB  . TYR A 1 46 ? 6.214   -14.975 13.327  1.00 45.69  ? 57  TYR A CB  1 
ATOM   382 C  CG  . TYR A 1 46 ? 7.169   -16.068 13.783  1.00 54.20  ? 57  TYR A CG  1 
ATOM   383 C  CD1 . TYR A 1 46 ? 6.682   -17.273 14.285  1.00 53.49  ? 57  TYR A CD1 1 
ATOM   384 C  CD2 . TYR A 1 46 ? 8.551   -15.883 13.753  1.00 57.64  ? 57  TYR A CD2 1 
ATOM   385 C  CE1 . TYR A 1 46 ? 7.542   -18.271 14.726  1.00 57.96  ? 57  TYR A CE1 1 
ATOM   386 C  CE2 . TYR A 1 46 ? 9.416   -16.878 14.194  1.00 55.76  ? 57  TYR A CE2 1 
ATOM   387 C  CZ  . TYR A 1 46 ? 8.906   -18.063 14.677  1.00 61.24  ? 57  TYR A CZ  1 
ATOM   388 O  OH  . TYR A 1 46 ? 9.763   -19.049 15.113  1.00 69.22  ? 57  TYR A OH  1 
ATOM   389 N  N   . ASN A 1 47 ? 6.781   -12.600 15.471  1.00 53.36  ? 58  ASN A N   1 
ATOM   390 C  CA  . ASN A 1 47 ? 7.750   -12.063 16.424  1.00 62.38  ? 58  ASN A CA  1 
ATOM   391 C  C   . ASN A 1 47 ? 7.176   -11.755 17.808  1.00 67.66  ? 58  ASN A C   1 
ATOM   392 O  O   . ASN A 1 47 ? 7.906   -11.739 18.796  1.00 75.33  ? 58  ASN A O   1 
ATOM   393 C  CB  . ASN A 1 47 ? 8.508   -10.878 15.830  1.00 61.32  ? 58  ASN A CB  1 
ATOM   394 C  CG  . ASN A 1 47 ? 9.538   -11.320 14.812  1.00 67.91  ? 58  ASN A CG  1 
ATOM   395 O  OD1 . ASN A 1 47 ? 10.125  -12.397 14.947  1.00 71.08  ? 58  ASN A OD1 1 
ATOM   396 N  ND2 . ASN A 1 47 ? 9.758   -10.504 13.784  1.00 69.18  ? 58  ASN A ND2 1 
ATOM   397 N  N   . ASP A 1 48 ? 5.863   -11.553 17.884  1.00 70.23  ? 59  ASP A N   1 
ATOM   398 C  CA  . ASP A 1 48 ? 5.182   -11.472 19.174  1.00 79.05  ? 59  ASP A CA  1 
ATOM   399 C  C   . ASP A 1 48 ? 5.020   -12.869 19.793  1.00 78.19  ? 59  ASP A C   1 
ATOM   400 O  O   . ASP A 1 48 ? 4.166   -13.085 20.652  1.00 79.65  ? 59  ASP A O   1 
ATOM   401 C  CB  . ASP A 1 48 ? 3.821   -10.792 19.023  1.00 83.59  ? 59  ASP A CB  1 
ATOM   402 C  CG  . ASP A 1 48 ? 3.913   -9.462  18.302  1.00 88.00  ? 59  ASP A CG  1 
ATOM   403 O  OD1 . ASP A 1 48 ? 5.037   -8.925  18.185  1.00 88.34  ? 59  ASP A OD1 1 
ATOM   404 O  OD2 . ASP A 1 48 ? 2.863   -8.957  17.847  1.00 90.64  ? 59  ASP A OD2 1 
ATOM   405 N  N   . THR A 1 49 ? 5.847   -13.805 19.330  1.00 74.25  ? 60  THR A N   1 
ATOM   406 C  CA  . THR A 1 49 ? 5.903   -15.177 19.824  1.00 76.60  ? 60  THR A CA  1 
ATOM   407 C  C   . THR A 1 49 ? 7.262   -15.380 20.493  1.00 77.01  ? 60  THR A C   1 
ATOM   408 O  O   . THR A 1 49 ? 7.437   -16.258 21.342  1.00 77.51  ? 60  THR A O   1 
ATOM   409 C  CB  . THR A 1 49 ? 5.701   -16.194 18.654  1.00 55.02  ? 60  THR A CB  1 
ATOM   410 O  OG1 . THR A 1 49 ? 4.324   -16.210 18.263  1.00 57.05  ? 60  THR A OG1 1 
ATOM   411 C  CG2 . THR A 1 49 ? 6.117   -17.595 19.024  1.00 55.88  ? 60  THR A CG2 1 
ATOM   412 N  N   . LEU A 1 50 ? 8.216   -14.528 20.133  1.00 78.44  ? 61  LEU A N   1 
ATOM   413 C  CA  . LEU A 1 50 ? 9.590   -14.693 20.591  1.00 89.67  ? 61  LEU A CA  1 
ATOM   414 C  C   . LEU A 1 50 ? 9.961   -13.765 21.755  1.00 98.08  ? 61  LEU A C   1 
ATOM   415 O  O   . LEU A 1 50 ? 9.286   -12.768 22.022  1.00 100.78 ? 61  LEU A O   1 
ATOM   416 C  CB  . LEU A 1 50 ? 10.548  -14.498 19.414  1.00 86.97  ? 61  LEU A CB  1 
ATOM   417 C  CG  . LEU A 1 50 ? 10.229  -15.330 18.166  1.00 80.54  ? 61  LEU A CG  1 
ATOM   418 C  CD1 . LEU A 1 50 ? 11.016  -14.826 16.977  1.00 78.30  ? 61  LEU A CD1 1 
ATOM   419 C  CD2 . LEU A 1 50 ? 10.513  -16.807 18.398  1.00 80.90  ? 61  LEU A CD2 1 
ATOM   420 N  N   A GLY B 1 1  ? 17.126  18.289  -3.521  0.59 34.52  ? -2  GLY B N   1 
ATOM   421 C  CA  A GLY B 1 1  ? 16.066  18.659  -4.428  0.59 36.00  ? -2  GLY B CA  1 
ATOM   422 C  C   A GLY B 1 1  ? 15.552  17.493  -5.246  0.59 54.28  ? -2  GLY B C   1 
ATOM   423 O  O   A GLY B 1 1  ? 15.482  16.351  -4.774  0.59 59.96  ? -2  GLY B O   1 
ATOM   424 N  N   A SER B 1 2  ? 15.214  17.795  -6.493  0.59 58.49  ? -1  SER B N   1 
ATOM   425 C  CA  A SER B 1 2  ? 14.526  16.886  -7.403  0.59 55.66  ? -1  SER B CA  1 
ATOM   426 C  C   A SER B 1 2  ? 15.462  15.852  -8.062  0.59 57.50  ? -1  SER B C   1 
ATOM   427 O  O   A SER B 1 2  ? 16.681  15.986  -7.962  0.59 59.88  ? -1  SER B O   1 
ATOM   428 C  CB  A SER B 1 2  ? 13.824  17.754  -8.438  0.59 57.43  ? -1  SER B CB  1 
ATOM   429 O  OG  A SER B 1 2  ? 13.095  18.762  -7.773  0.59 59.44  ? -1  SER B OG  1 
ATOM   430 N  N   A THR B 1 3  ? 14.919  14.822  -8.728  0.59 56.30  ? 14  THR B N   1 
ATOM   431 N  N   B THR B 1 3  ? 14.940  13.165  -4.118  0.41 42.32  ? 14  THR B N   1 
ATOM   432 C  CA  A THR B 1 3  ? 13.475  14.622  -8.955  0.59 50.51  ? 14  THR B CA  1 
ATOM   433 C  CA  B THR B 1 3  ? 14.388  12.725  -5.393  0.41 39.92  ? 14  THR B CA  1 
ATOM   434 C  C   A THR B 1 3  ? 12.847  13.505  -8.099  0.59 47.15  ? 14  THR B C   1 
ATOM   435 C  C   B THR B 1 3  ? 12.898  12.444  -5.238  0.41 36.09  ? 14  THR B C   1 
ATOM   436 O  O   A THR B 1 3  ? 13.312  12.361  -8.132  0.59 45.58  ? 14  THR B O   1 
ATOM   437 O  O   B THR B 1 3  ? 12.493  11.732  -4.322  0.41 33.52  ? 14  THR B O   1 
ATOM   438 C  CB  A THR B 1 3  ? 13.170  14.451  -10.478 0.59 33.49  ? 14  THR B CB  1 
ATOM   439 C  CB  B THR B 1 3  ? 15.124  11.472  -5.922  0.41 43.84  ? 14  THR B CB  1 
ATOM   440 O  OG1 A THR B 1 3  ? 13.401  15.699  -11.155 0.59 34.19  ? 14  THR B OG1 1 
ATOM   441 O  OG1 B THR B 1 3  ? 16.515  11.772  -6.087  0.41 47.54  ? 14  THR B OG1 1 
ATOM   442 C  CG2 A THR B 1 3  ? 11.743  14.037  -10.713 0.59 35.77  ? 14  THR B CG2 1 
ATOM   443 C  CG2 B THR B 1 3  ? 14.556  11.029  -7.260  0.41 43.17  ? 14  THR B CG2 1 
ATOM   444 N  N   A PRO B 1 4  ? 11.788  13.845  -7.324  0.59 40.17  ? 15  PRO B N   1 
ATOM   445 N  N   B PRO B 1 4  ? 12.076  13.031  -6.122  0.41 37.30  ? 15  PRO B N   1 
ATOM   446 C  CA  A PRO B 1 4  ? 11.118  12.964  -6.354  0.59 34.75  ? 15  PRO B CA  1 
ATOM   447 C  CA  B PRO B 1 4  ? 10.621  12.889  -6.053  0.41 34.15  ? 15  PRO B CA  1 
ATOM   448 C  C   A PRO B 1 4  ? 10.135  12.022  -7.030  0.59 31.26  ? 15  PRO B C   1 
ATOM   449 C  C   B PRO B 1 4  ? 9.962   11.955  -7.075  0.41 30.72  ? 15  PRO B C   1 
ATOM   450 O  O   A PRO B 1 4  ? 8.934   12.060  -6.769  0.59 26.52  ? 15  PRO B O   1 
ATOM   451 O  O   B PRO B 1 4  ? 8.734   11.994  -7.114  0.41 28.57  ? 15  PRO B O   1 
ATOM   452 C  CB  A PRO B 1 4  ? 10.345  13.945  -5.481  0.59 35.36  ? 15  PRO B CB  1 
ATOM   453 C  CB  B PRO B 1 4  ? 10.144  14.312  -6.329  0.41 37.23  ? 15  PRO B CB  1 
ATOM   454 C  CG  A PRO B 1 4  ? 9.954   15.028  -6.437  0.59 37.06  ? 15  PRO B CG  1 
ATOM   455 C  CG  B PRO B 1 4  ? 11.135  14.801  -7.351  0.41 40.48  ? 15  PRO B CG  1 
ATOM   456 C  CD  A PRO B 1 4  ? 11.143  15.172  -7.374  0.59 41.06  ? 15  PRO B CD  1 
ATOM   457 C  CD  B PRO B 1 4  ? 12.464  14.150  -6.999  0.41 42.11  ? 15  PRO B CD  1 
ATOM   458 N  N   . ASP B 1 5  ? 10.687  11.169  -7.876  1.00 35.08  ? 16  ASP B N   1 
ATOM   459 C  CA  . ASP B 1 5  ? 9.974   10.270  -8.777  1.00 30.21  ? 16  ASP B CA  1 
ATOM   460 C  C   . ASP B 1 5  ? 9.049   9.290   -8.067  1.00 31.86  ? 16  ASP B C   1 
ATOM   461 O  O   . ASP B 1 5  ? 7.933   9.053   -8.523  1.00 31.65  ? 16  ASP B O   1 
ATOM   462 C  CB  . ASP B 1 5  ? 10.956  9.487   -9.645  1.00 43.04  ? 16  ASP B CB  1 
ATOM   463 C  CG  . ASP B 1 5  ? 11.728  10.376  -10.600 1.00 60.33  ? 16  ASP B CG  1 
ATOM   464 O  OD1 . ASP B 1 5  ? 11.206  10.660  -11.701 1.00 61.51  ? 16  ASP B OD1 1 
ATOM   465 O  OD2 . ASP B 1 5  ? 12.855  10.788  -10.254 1.00 69.05  ? 16  ASP B OD2 1 
ATOM   466 N  N   . TYR B 1 6  ? 9.516   8.701   -6.971  1.00 32.14  ? 17  TYR B N   1 
ATOM   467 C  CA  . TYR B 1 6  ? 8.705   7.718   -6.253  1.00 32.22  ? 17  TYR B CA  1 
ATOM   468 C  C   . TYR B 1 6  ? 7.439   8.364   -5.727  1.00 31.26  ? 17  TYR B C   1 
ATOM   469 O  O   . TYR B 1 6  ? 6.356   7.837   -5.923  1.00 26.64  ? 17  TYR B O   1 
ATOM   470 C  CB  . TYR B 1 6  ? 9.490   7.049   -5.116  1.00 37.95  ? 17  TYR B CB  1 
ATOM   471 C  CG  . TYR B 1 6  ? 8.755   5.917   -4.403  1.00 30.99  ? 17  TYR B CG  1 
ATOM   472 C  CD1 . TYR B 1 6  ? 8.066   4.946   -5.118  1.00 31.05  ? 17  TYR B CD1 1 
ATOM   473 C  CD2 . TYR B 1 6  ? 8.781   5.811   -3.011  1.00 30.84  ? 17  TYR B CD2 1 
ATOM   474 C  CE1 . TYR B 1 6  ? 7.405   3.894   -4.469  1.00 27.58  ? 17  TYR B CE1 1 
ATOM   475 C  CE2 . TYR B 1 6  ? 8.120   4.765   -2.346  1.00 26.71  ? 17  TYR B CE2 1 
ATOM   476 C  CZ  . TYR B 1 6  ? 7.434   3.811   -3.089  1.00 28.25  ? 17  TYR B CZ  1 
ATOM   477 O  OH  . TYR B 1 6  ? 6.781   2.768   -2.450  1.00 24.96  ? 17  TYR B OH  1 
ATOM   478 N  N   . LEU B 1 7  ? 7.580   9.514   -5.076  1.00 28.26  ? 18  LEU B N   1 
ATOM   479 C  CA  . LEU B 1 7  ? 6.427   10.215  -4.542  1.00 25.76  ? 18  LEU B CA  1 
ATOM   480 C  C   . LEU B 1 7  ? 5.412   10.528  -5.643  1.00 25.51  ? 18  LEU B C   1 
ATOM   481 O  O   . LEU B 1 7  ? 4.209   10.363  -5.449  1.00 24.73  ? 18  LEU B O   1 
ATOM   482 C  CB  . LEU B 1 7  ? 6.851   11.500  -3.825  1.00 27.04  ? 18  LEU B CB  1 
ATOM   483 C  CG  . LEU B 1 7  ? 5.710   12.315  -3.200  1.00 28.04  ? 18  LEU B CG  1 
ATOM   484 C  CD1 . LEU B 1 7  ? 4.924   11.468  -2.249  1.00 25.96  ? 18  LEU B CD1 1 
ATOM   485 C  CD2 . LEU B 1 7  ? 6.236   13.563  -2.490  1.00 26.01  ? 18  LEU B CD2 1 
HETATM 486 N  N   . MSE B 1 8  ? 5.900   10.968  -6.797  1.00 23.37  ? 19  MSE B N   1 
HETATM 487 C  CA  . MSE B 1 8  ? 5.015   11.341  -7.897  1.00 26.76  ? 19  MSE B CA  1 
HETATM 488 C  C   . MSE B 1 8  ? 4.229   10.144  -8.407  1.00 26.24  ? 19  MSE B C   1 
HETATM 489 O  O   . MSE B 1 8  ? 3.044   10.252  -8.689  1.00 26.30  ? 19  MSE B O   1 
HETATM 490 C  CB  . MSE B 1 8  ? 5.807   11.926  -9.067  1.00 23.87  ? 19  MSE B CB  1 
HETATM 491 C  CG  . MSE B 1 8  ? 6.300   13.334  -8.846  1.00 32.13  ? 19  MSE B CG  1 
HETATM 492 SE SE  . MSE B 1 8  ? 7.354   13.920  -10.406 0.62 42.91  ? 19  MSE B SE  1 
HETATM 493 C  CE  . MSE B 1 8  ? 7.896   15.654  -9.721  1.00 33.68  ? 19  MSE B CE  1 
ATOM   494 N  N   . GLN B 1 9  ? 4.907   9.015   -8.566  1.00 23.90  ? 20  GLN B N   1 
ATOM   495 C  CA  . GLN B 1 9  ? 4.233   7.769   -8.925  1.00 25.08  ? 20  GLN B CA  1 
ATOM   496 C  C   . GLN B 1 9  ? 3.157   7.365   -7.912  1.00 24.57  ? 20  GLN B C   1 
ATOM   497 O  O   . GLN B 1 9  ? 2.052   6.960   -8.294  1.00 21.78  ? 20  GLN B O   1 
ATOM   498 C  CB  . GLN B 1 9  ? 5.257   6.657   -9.085  1.00 25.53  ? 20  GLN B CB  1 
ATOM   499 C  CG  . GLN B 1 9  ? 6.281   6.969   -10.169 1.00 30.93  ? 20  GLN B CG  1 
ATOM   500 C  CD  . GLN B 1 9  ? 7.523   6.108   -10.046 1.00 37.43  ? 20  GLN B CD  1 
ATOM   501 O  OE1 . GLN B 1 9  ? 7.611   5.259   -9.171  1.00 39.17  ? 20  GLN B OE1 1 
ATOM   502 N  NE2 . GLN B 1 9  ? 8.490   6.330   -10.921 1.00 38.77  ? 20  GLN B NE2 1 
ATOM   503 N  N   . LEU B 1 10 ? 3.467   7.480   -6.623  1.00 22.27  ? 21  LEU B N   1 
ATOM   504 C  CA  . LEU B 1 10 ? 2.505   7.122   -5.570  1.00 21.19  ? 21  LEU B CA  1 
ATOM   505 C  C   . LEU B 1 10 ? 1.283   8.024   -5.594  1.00 23.94  ? 21  LEU B C   1 
ATOM   506 O  O   . LEU B 1 10 ? 0.152   7.558   -5.515  1.00 21.89  ? 21  LEU B O   1 
ATOM   507 C  CB  . LEU B 1 10 ? 3.151   7.218   -4.194  1.00 20.39  ? 21  LEU B CB  1 
ATOM   508 C  CG  . LEU B 1 10 ? 4.218   6.171   -3.865  1.00 17.97  ? 21  LEU B CG  1 
ATOM   509 C  CD1 . LEU B 1 10 ? 4.918   6.540   -2.585  1.00 21.32  ? 21  LEU B CD1 1 
ATOM   510 C  CD2 . LEU B 1 10 ? 3.601   4.758   -3.721  1.00 23.34  ? 21  LEU B CD2 1 
HETATM 511 N  N   . MSE B 1 11 ? 1.530   9.323   -5.688  1.00 20.36  ? 22  MSE B N   1 
HETATM 512 C  CA  . MSE B 1 11 ? 0.477   10.328  -5.759  1.00 22.95  ? 22  MSE B CA  1 
HETATM 513 C  C   . MSE B 1 11 ? -0.370  10.185  -7.027  1.00 25.07  ? 22  MSE B C   1 
HETATM 514 O  O   . MSE B 1 11 ? -1.562  10.432  -7.002  1.00 24.05  ? 22  MSE B O   1 
HETATM 515 C  CB  . MSE B 1 11 ? 1.087   11.737  -5.629  1.00 20.46  ? 22  MSE B CB  1 
HETATM 516 C  CG  . MSE B 1 11 ? 1.628   11.954  -4.210  1.00 27.36  ? 22  MSE B CG  1 
HETATM 517 SE SE  . MSE B 1 11 ? 2.250   13.743  -3.796  0.56 28.78  ? 22  MSE B SE  1 
HETATM 518 C  CE  . MSE B 1 11 ? 0.520   14.701  -3.892  1.00 29.32  ? 22  MSE B CE  1 
ATOM   519 N  N   . ASN B 1 12 ? 0.239   9.767   -8.131  1.00 22.76  ? 23  ASN B N   1 
ATOM   520 C  CA  . ASN B 1 12 ? -0.540  9.395   -9.310  1.00 24.82  ? 23  ASN B CA  1 
ATOM   521 C  C   . ASN B 1 12 ? -1.447  8.184   -9.070  1.00 22.42  ? 23  ASN B C   1 
ATOM   522 O  O   . ASN B 1 12 ? -2.612  8.146   -9.516  1.00 22.78  ? 23  ASN B O   1 
ATOM   523 C  CB  . ASN B 1 12 ? 0.377   9.135   -10.504 1.00 29.16  ? 23  ASN B CB  1 
ATOM   524 C  CG  . ASN B 1 12 ? 0.791   10.403  -11.175 1.00 36.60  ? 23  ASN B CG  1 
ATOM   525 O  OD1 . ASN B 1 12 ? 0.157   11.438  -10.982 1.00 40.19  ? 23  ASN B OD1 1 
ATOM   526 N  ND2 . ASN B 1 12 ? 1.864   10.348  -11.961 1.00 32.80  ? 23  ASN B ND2 1 
ATOM   527 N  N   . ASP B 1 13 ? -0.910  7.195   -8.376  1.00 14.81  ? 24  ASP B N   1 
ATOM   528 C  CA  . ASP B 1 13 ? -1.685  6.012   -7.975  1.00 20.02  ? 24  ASP B CA  1 
ATOM   529 C  C   . ASP B 1 13 ? -2.870  6.440   -7.095  1.00 22.17  ? 24  ASP B C   1 
ATOM   530 O  O   . ASP B 1 13 ? -3.988  5.933   -7.230  1.00 19.36  ? 24  ASP B O   1 
ATOM   531 C  CB  . ASP B 1 13 ? -0.805  5.051   -7.155  1.00 25.30  ? 24  ASP B CB  1 
ATOM   532 C  CG  . ASP B 1 13 ? 0.024   4.102   -8.027  1.00 29.27  ? 24  ASP B CG  1 
ATOM   533 O  OD1 . ASP B 1 13 ? -0.027  4.209   -9.271  1.00 26.55  ? 24  ASP B OD1 1 
ATOM   534 O  OD2 . ASP B 1 13 ? 0.720   3.228   -7.456  1.00 28.78  ? 24  ASP B OD2 1 
ATOM   535 N  N   . LYS B 1 14 ? -2.614  7.376   -6.193  1.00 22.60  ? 25  LYS B N   1 
ATOM   536 C  CA  . LYS B 1 14 ? -3.643  7.854   -5.272  1.00 22.67  ? 25  LYS B CA  1 
ATOM   537 C  C   . LYS B 1 14 ? -4.745  8.602   -6.038  1.00 21.35  ? 25  LYS B C   1 
ATOM   538 O  O   . LYS B 1 14 ? -5.933  8.319   -5.850  1.00 24.84  ? 25  LYS B O   1 
ATOM   539 C  CB  . LYS B 1 14 ? -3.014  8.709   -4.158  1.00 18.85  ? 25  LYS B CB  1 
ATOM   540 C  CG  . LYS B 1 14 ? -4.021  9.484   -3.290  1.00 22.82  ? 25  LYS B CG  1 
ATOM   541 C  CD  . LYS B 1 14 ? -5.051  8.566   -2.605  1.00 22.48  ? 25  LYS B CD  1 
ATOM   542 C  CE  . LYS B 1 14 ? -5.899  9.381   -1.583  1.00 21.75  ? 25  LYS B CE  1 
ATOM   543 N  NZ  . LYS B 1 14 ? -6.667  8.504   -0.678  1.00 23.49  ? 25  LYS B NZ  1 
ATOM   544 N  N   . LYS B 1 15 ? -4.354  9.498   -6.946  1.00 19.40  ? 26  LYS B N   1 
ATOM   545 C  CA  . LYS B 1 15 ? -5.347  10.180  -7.787  1.00 21.65  ? 26  LYS B CA  1 
ATOM   546 C  C   . LYS B 1 15 ? -6.153  9.181   -8.590  1.00 21.88  ? 26  LYS B C   1 
ATOM   547 O  O   . LYS B 1 15 ? -7.353  9.360   -8.801  1.00 24.20  ? 26  LYS B O   1 
ATOM   548 C  CB  . LYS B 1 15 ? -4.696  11.161  -8.755  1.00 26.58  ? 26  LYS B CB  1 
ATOM   549 C  CG  . LYS B 1 15 ? -4.290  12.509  -8.145  1.00 39.45  ? 26  LYS B CG  1 
ATOM   550 C  CD  . LYS B 1 15 ? -3.997  13.532  -9.247  1.00 47.71  ? 26  LYS B CD  1 
ATOM   551 C  CE  . LYS B 1 15 ? -3.386  14.812  -8.676  1.00 61.98  ? 26  LYS B CE  1 
ATOM   552 N  NZ  . LYS B 1 15 ? -2.045  14.589  -8.033  1.00 64.93  ? 26  LYS B NZ  1 
ATOM   553 N  N   . LEU B 1 16 ? -5.501  8.122   -9.056  1.00 22.20  ? 27  LEU B N   1 
ATOM   554 C  CA  . LEU B 1 16 ? -6.213  7.145   -9.877  1.00 22.77  ? 27  LEU B CA  1 
ATOM   555 C  C   . LEU B 1 16 ? -7.235  6.396   -9.016  1.00 25.82  ? 27  LEU B C   1 
ATOM   556 O  O   . LEU B 1 16 ? -8.365  6.167   -9.447  1.00 25.08  ? 27  LEU B O   1 
ATOM   557 C  CB  . LEU B 1 16 ? -5.234  6.190   -10.574 1.00 23.00  ? 27  LEU B CB  1 
ATOM   558 C  CG  . LEU B 1 16 ? -5.786  5.148   -11.539 1.00 30.51  ? 27  LEU B CG  1 
ATOM   559 C  CD1 . LEU B 1 16 ? -6.808  5.760   -12.511 1.00 34.01  ? 27  LEU B CD1 1 
ATOM   560 C  CD2 . LEU B 1 16 ? -4.621  4.502   -12.317 1.00 23.50  ? 27  LEU B CD2 1 
HETATM 561 N  N   . MSE B 1 17 ? -6.848  6.045   -7.794  1.00 24.16  ? 28  MSE B N   1 
HETATM 562 C  CA  A MSE B 1 17 ? -7.762  5.398   -6.852  0.61 27.27  ? 28  MSE B CA  1 
HETATM 563 C  CA  B MSE B 1 17 ? -7.768  5.398   -6.859  0.39 26.93  ? 28  MSE B CA  1 
HETATM 564 C  C   . MSE B 1 17 ? -8.972  6.280   -6.555  1.00 27.11  ? 28  MSE B C   1 
HETATM 565 O  O   . MSE B 1 17 ? -10.105 5.801   -6.528  1.00 28.07  ? 28  MSE B O   1 
HETATM 566 C  CB  A MSE B 1 17 ? -7.042  5.066   -5.543  0.61 24.29  ? 28  MSE B CB  1 
HETATM 567 C  CB  B MSE B 1 17 ? -7.067  5.050   -5.548  0.39 24.85  ? 28  MSE B CB  1 
HETATM 568 C  CG  A MSE B 1 17 ? -6.252  3.780   -5.589  0.61 27.40  ? 28  MSE B CG  1 
HETATM 569 C  CG  B MSE B 1 17 ? -6.116  3.888   -5.643  0.39 26.12  ? 28  MSE B CG  1 
HETATM 570 SE SE  A MSE B 1 17 ? -7.400  2.200   -5.748  0.61 49.60  ? 28  MSE B SE  1 
HETATM 571 SE SE  B MSE B 1 17 ? -5.974  2.951   -3.937  0.39 43.24  ? 28  MSE B SE  1 
HETATM 572 C  CE  A MSE B 1 17 ? -7.525  1.676   -3.863  0.61 34.74  ? 28  MSE B CE  1 
HETATM 573 C  CE  B MSE B 1 17 ? -7.579  1.841   -4.008  0.39 35.88  ? 28  MSE B CE  1 
ATOM   574 N  N   . SER B 1 18 ? -8.719  7.570   -6.321  1.00 23.27  ? 29  SER B N   1 
ATOM   575 C  CA  . SER B 1 18 ? -9.800  8.518   -6.048  1.00 27.35  ? 29  SER B CA  1 
ATOM   576 C  C   . SER B 1 18 ? -10.723 8.584   -7.230  1.00 34.48  ? 29  SER B C   1 
ATOM   577 O  O   . SER B 1 18 ? -11.923 8.801   -7.078  1.00 43.00  ? 29  SER B O   1 
ATOM   578 C  CB  . SER B 1 18 ? -9.245  9.908   -5.756  1.00 25.59  ? 29  SER B CB  1 
ATOM   579 O  OG  . SER B 1 18 ? -8.330  9.838   -4.685  1.00 28.92  ? 29  SER B OG  1 
ATOM   580 N  N   . SER B 1 19 ? -10.158 8.381   -8.418  1.00 25.74  ? 30  SER B N   1 
ATOM   581 C  CA  . SER B 1 19 ? -10.933 8.495   -9.642  1.00 23.71  ? 30  SER B CA  1 
ATOM   582 C  C   . SER B 1 19 ? -11.802 7.269   -9.818  1.00 30.88  ? 30  SER B C   1 
ATOM   583 O  O   . SER B 1 19 ? -12.722 7.266   -10.631 1.00 32.20  ? 30  SER B O   1 
ATOM   584 C  CB  . SER B 1 19 ? -9.998  8.618   -10.849 1.00 27.96  ? 30  SER B CB  1 
ATOM   585 O  OG  . SER B 1 19 ? -9.225  9.807   -10.790 1.00 34.67  ? 30  SER B OG  1 
ATOM   586 N  N   . LEU B 1 20 ? -11.493 6.208   -9.075  1.00 29.77  ? 31  LEU B N   1 
ATOM   587 C  CA  . LEU B 1 20 ? -12.235 4.952   -9.213  1.00 42.05  ? 31  LEU B CA  1 
ATOM   588 C  C   . LEU B 1 20 ? -12.838 4.465   -7.877  1.00 43.90  ? 31  LEU B C   1 
ATOM   589 O  O   . LEU B 1 20 ? -12.444 3.422   -7.354  1.00 40.52  ? 31  LEU B O   1 
ATOM   590 C  CB  . LEU B 1 20 ? -11.333 3.881   -9.837  1.00 36.14  ? 31  LEU B CB  1 
ATOM   591 C  CG  . LEU B 1 20 ? -10.740 4.237   -11.202 1.00 35.85  ? 31  LEU B CG  1 
ATOM   592 C  CD1 . LEU B 1 20 ? -9.557  3.339   -11.534 1.00 34.26  ? 31  LEU B CD1 1 
ATOM   593 C  CD2 . LEU B 1 20 ? -11.810 4.151   -12.289 1.00 38.86  ? 31  LEU B CD2 1 
ATOM   594 N  N   . PRO B 1 21 ? -13.803 5.224   -7.326  1.00 47.39  ? 32  PRO B N   1 
ATOM   595 C  CA  . PRO B 1 21 ? -14.382 4.903   -6.015  1.00 45.91  ? 32  PRO B CA  1 
ATOM   596 C  C   . PRO B 1 21 ? -14.998 3.509   -5.945  1.00 40.57  ? 32  PRO B C   1 
ATOM   597 O  O   . PRO B 1 21 ? -14.922 2.884   -4.888  1.00 41.46  ? 32  PRO B O   1 
ATOM   598 C  CB  . PRO B 1 21 ? -15.464 5.972   -5.841  1.00 46.00  ? 32  PRO B CB  1 
ATOM   599 C  CG  . PRO B 1 21 ? -15.799 6.397   -7.237  1.00 51.88  ? 32  PRO B CG  1 
ATOM   600 C  CD  . PRO B 1 21 ? -14.478 6.377   -7.944  1.00 49.21  ? 32  PRO B CD  1 
ATOM   601 N  N   . ASN B 1 22 ? -15.582 3.025   -7.037  1.00 40.52  ? 33  ASN B N   1 
ATOM   602 C  CA  . ASN B 1 22 ? -16.158 1.679   -7.047  1.00 46.21  ? 33  ASN B CA  1 
ATOM   603 C  C   . ASN B 1 22 ? -15.105 0.585   -6.972  1.00 50.00  ? 33  ASN B C   1 
ATOM   604 O  O   . ASN B 1 22 ? -15.310 -0.437  -6.310  1.00 48.65  ? 33  ASN B O   1 
ATOM   605 C  CB  . ASN B 1 22 ? -17.033 1.452   -8.274  1.00 54.70  ? 33  ASN B CB  1 
ATOM   606 C  CG  . ASN B 1 22 ? -18.299 2.264   -8.237  1.00 62.12  ? 33  ASN B CG  1 
ATOM   607 O  OD1 . ASN B 1 22 ? -18.679 2.796   -7.189  1.00 61.03  ? 33  ASN B OD1 1 
ATOM   608 N  ND2 . ASN B 1 22 ? -18.973 2.360   -9.379  1.00 67.77  ? 33  ASN B ND2 1 
ATOM   609 N  N   . PHE B 1 23 ? -13.984 0.795   -7.659  1.00 44.51  ? 34  PHE B N   1 
ATOM   610 C  CA  . PHE B 1 23 ? -12.868 -0.136  -7.573  1.00 40.56  ? 34  PHE B CA  1 
ATOM   611 C  C   . PHE B 1 23 ? -12.244 -0.075  -6.178  1.00 33.40  ? 34  PHE B C   1 
ATOM   612 O  O   . PHE B 1 23 ? -11.990 -1.099  -5.552  1.00 34.87  ? 34  PHE B O   1 
ATOM   613 C  CB  . PHE B 1 23 ? -11.817 0.167   -8.646  1.00 41.20  ? 34  PHE B CB  1 
ATOM   614 C  CG  . PHE B 1 23 ? -10.547 -0.638  -8.508  1.00 39.55  ? 34  PHE B CG  1 
ATOM   615 C  CD1 . PHE B 1 23 ? -10.507 -1.970  -8.894  1.00 44.34  ? 34  PHE B CD1 1 
ATOM   616 C  CD2 . PHE B 1 23 ? -9.391  -0.053  -8.008  1.00 40.78  ? 34  PHE B CD2 1 
ATOM   617 C  CE1 . PHE B 1 23 ? -9.336  -2.710  -8.770  1.00 44.98  ? 34  PHE B CE1 1 
ATOM   618 C  CE2 . PHE B 1 23 ? -8.210  -0.782  -7.883  1.00 39.46  ? 34  PHE B CE2 1 
ATOM   619 C  CZ  . PHE B 1 23 ? -8.185  -2.114  -8.261  1.00 38.95  ? 34  PHE B CZ  1 
ATOM   620 N  N   . SER B 1 24 ? -12.003 1.129   -5.690  1.00 29.75  ? 35  SER B N   1 
ATOM   621 C  CA  . SER B 1 24 ? -11.369 1.288   -4.391  1.00 33.38  ? 35  SER B CA  1 
ATOM   622 C  C   . SER B 1 24 ? -12.224 0.704   -3.275  1.00 37.86  ? 35  SER B C   1 
ATOM   623 O  O   . SER B 1 24 ? -11.708 0.174   -2.298  1.00 36.16  ? 35  SER B O   1 
ATOM   624 C  CB  . SER B 1 24 ? -11.099 2.758   -4.118  1.00 38.84  ? 35  SER B CB  1 
ATOM   625 O  OG  . SER B 1 24 ? -10.759 2.927   -2.757  1.00 44.61  ? 35  SER B OG  1 
ATOM   626 N  N   . GLY B 1 25 ? -13.538 0.771   -3.453  1.00 37.68  ? 36  GLY B N   1 
ATOM   627 C  CA  . GLY B 1 25 ? -14.473 0.370   -2.421  1.00 40.74  ? 36  GLY B CA  1 
ATOM   628 C  C   . GLY B 1 25 ? -14.692 -1.118  -2.253  1.00 41.32  ? 36  GLY B C   1 
ATOM   629 O  O   . GLY B 1 25 ? -15.402 -1.528  -1.338  1.00 46.27  ? 36  GLY B O   1 
ATOM   630 N  N   . ILE B 1 26 ? -14.095 -1.939  -3.112  1.00 37.15  ? 37  ILE B N   1 
ATOM   631 C  CA  . ILE B 1 26 ? -14.235 -3.383  -2.945  1.00 37.70  ? 37  ILE B CA  1 
ATOM   632 C  C   . ILE B 1 26 ? -13.093 -3.988  -2.123  1.00 34.28  ? 37  ILE B C   1 
ATOM   633 O  O   . ILE B 1 26 ? -13.073 -5.194  -1.880  1.00 37.55  ? 37  ILE B O   1 
ATOM   634 C  CB  . ILE B 1 26 ? -14.346 -4.120  -4.286  1.00 39.93  ? 37  ILE B CB  1 
ATOM   635 C  CG1 . ILE B 1 26 ? -13.050 -3.983  -5.090  1.00 33.33  ? 37  ILE B CG1 1 
ATOM   636 C  CG2 . ILE B 1 26 ? -15.543 -3.610  -5.083  1.00 43.69  ? 37  ILE B CG2 1 
ATOM   637 C  CD1 . ILE B 1 26 ? -13.176 -4.604  -6.494  1.00 37.09  ? 37  ILE B CD1 1 
ATOM   638 N  N   . PHE B 1 27 ? -12.149 -3.143  -1.718  1.00 32.54  ? 38  PHE B N   1 
ATOM   639 C  CA  . PHE B 1 27 ? -11.025 -3.546  -0.872  1.00 36.81  ? 38  PHE B CA  1 
ATOM   640 C  C   . PHE B 1 27 ? -11.188 -3.039  0.552   1.00 39.87  ? 38  PHE B C   1 
ATOM   641 O  O   . PHE B 1 27 ? -11.772 -1.975  0.774   1.00 35.78  ? 38  PHE B O   1 
ATOM   642 C  CB  . PHE B 1 27 ? -9.715  -2.996  -1.431  1.00 26.95  ? 38  PHE B CB  1 
ATOM   643 C  CG  . PHE B 1 27 ? -9.421  -3.443  -2.830  1.00 30.35  ? 38  PHE B CG  1 
ATOM   644 C  CD1 . PHE B 1 27 ? -8.884  -4.692  -3.068  1.00 29.20  ? 38  PHE B CD1 1 
ATOM   645 C  CD2 . PHE B 1 27 ? -9.698  -2.618  -3.906  1.00 29.51  ? 38  PHE B CD2 1 
ATOM   646 C  CE1 . PHE B 1 27 ? -8.621  -5.115  -4.354  1.00 30.97  ? 38  PHE B CE1 1 
ATOM   647 C  CE2 . PHE B 1 27 ? -9.441  -3.034  -5.192  1.00 33.21  ? 38  PHE B CE2 1 
ATOM   648 C  CZ  . PHE B 1 27 ? -8.908  -4.292  -5.414  1.00 34.34  ? 38  PHE B CZ  1 
ATOM   649 N  N   . ASN B 1 28 ? -10.646 -3.796  1.505   1.00 38.73  ? 39  ASN B N   1 
ATOM   650 C  CA  . ASN B 1 28 ? -10.709 -3.448  2.923   1.00 37.83  ? 39  ASN B CA  1 
ATOM   651 C  C   . ASN B 1 28 ? -9.709  -2.373  3.288   1.00 37.52  ? 39  ASN B C   1 
ATOM   652 O  O   . ASN B 1 28 ? -10.002 -1.469  4.082   1.00 34.48  ? 39  ASN B O   1 
ATOM   653 C  CB  . ASN B 1 28 ? -10.377 -4.662  3.795   1.00 46.50  ? 39  ASN B CB  1 
ATOM   654 C  CG  . ASN B 1 28 ? -11.451 -5.716  3.790   1.00 53.90  ? 39  ASN B CG  1 
ATOM   655 O  OD1 . ASN B 1 28 ? -12.570 -5.472  4.242   1.00 62.18  ? 39  ASN B OD1 1 
ATOM   656 N  ND2 . ASN B 1 28 ? -11.106 -6.924  3.324   1.00 50.44  ? 39  ASN B ND2 1 
ATOM   657 N  N   . HIS B 1 29 ? -8.510  -2.483  2.726   1.00 32.76  ? 40  HIS B N   1 
ATOM   658 C  CA  . HIS B 1 29 ? -7.375  -1.745  3.260   1.00 27.70  ? 40  HIS B CA  1 
ATOM   659 C  C   . HIS B 1 29 ? -6.510  -1.085  2.221   1.00 29.78  ? 40  HIS B C   1 
ATOM   660 O  O   . HIS B 1 29 ? -5.591  -0.334  2.559   1.00 30.30  ? 40  HIS B O   1 
ATOM   661 C  CB  . HIS B 1 29 ? -6.502  -2.697  4.085   1.00 25.69  ? 40  HIS B CB  1 
ATOM   662 C  CG  . HIS B 1 29 ? -7.217  -3.284  5.252   1.00 26.55  ? 40  HIS B CG  1 
ATOM   663 N  ND1 . HIS B 1 29 ? -7.679  -2.516  6.297   1.00 30.94  ? 40  HIS B ND1 1 
ATOM   664 C  CD2 . HIS B 1 29 ? -7.576  -4.558  5.531   1.00 26.47  ? 40  HIS B CD2 1 
ATOM   665 C  CE1 . HIS B 1 29 ? -8.286  -3.295  7.174   1.00 36.66  ? 40  HIS B CE1 1 
ATOM   666 N  NE2 . HIS B 1 29 ? -8.234  -4.538  6.733   1.00 33.22  ? 40  HIS B NE2 1 
ATOM   667 N  N   . LEU B 1 30 ? -6.791  -1.359  0.954   1.00 31.39  ? 41  LEU B N   1 
ATOM   668 C  CA  . LEU B 1 30 ? -5.850  -1.010  -0.097  1.00 28.96  ? 41  LEU B CA  1 
ATOM   669 C  C   . LEU B 1 30 ? -5.545  0.486   -0.183  1.00 28.72  ? 41  LEU B C   1 
ATOM   670 O  O   . LEU B 1 30 ? -4.388  0.893   -0.225  1.00 25.11  ? 41  LEU B O   1 
ATOM   671 C  CB  . LEU B 1 30 ? -6.348  -1.541  -1.441  1.00 32.22  ? 41  LEU B CB  1 
ATOM   672 C  CG  . LEU B 1 30 ? -5.284  -1.620  -2.533  1.00 37.98  ? 41  LEU B CG  1 
ATOM   673 C  CD1 . LEU B 1 30 ? -4.025  -2.312  -2.016  1.00 37.38  ? 41  LEU B CD1 1 
ATOM   674 C  CD2 . LEU B 1 30 ? -5.846  -2.374  -3.734  1.00 35.94  ? 41  LEU B CD2 1 
ATOM   675 N  N   . GLU B 1 31 ? -6.575  1.317   -0.193  1.00 28.75  ? 42  GLU B N   1 
ATOM   676 C  CA  . GLU B 1 31 ? -6.316  2.738   -0.318  1.00 26.97  ? 42  GLU B CA  1 
ATOM   677 C  C   . GLU B 1 31 ? -5.599  3.322   0.900   1.00 22.34  ? 42  GLU B C   1 
ATOM   678 O  O   . GLU B 1 31 ? -4.758  4.206   0.758   1.00 28.13  ? 42  GLU B O   1 
ATOM   679 C  CB  . GLU B 1 31 ? -7.592  3.521   -0.617  1.00 32.98  ? 42  GLU B CB  1 
ATOM   680 C  CG  . GLU B 1 31 ? -7.270  4.887   -1.203  1.00 33.35  ? 42  GLU B CG  1 
ATOM   681 C  CD  . GLU B 1 31 ? -8.489  5.573   -1.803  1.00 39.11  ? 42  GLU B CD  1 
ATOM   682 O  OE1 . GLU B 1 31 ? -9.517  4.888   -2.003  1.00 37.57  ? 42  GLU B OE1 1 
ATOM   683 O  OE2 . GLU B 1 31 ? -8.417  6.792   -2.083  1.00 38.85  ? 42  GLU B OE2 1 
ATOM   684 N  N   . ARG B 1 32 ? -5.901  2.816   2.089   1.00 25.20  ? 43  ARG B N   1 
ATOM   685 C  CA  . ARG B 1 32 ? -5.245  3.324   3.297   1.00 20.44  ? 43  ARG B CA  1 
ATOM   686 C  C   . ARG B 1 32 ? -3.749  2.991   3.263   1.00 19.56  ? 43  ARG B C   1 
ATOM   687 O  O   . ARG B 1 32 ? -2.925  3.823   3.598   1.00 29.82  ? 43  ARG B O   1 
ATOM   688 C  CB  . ARG B 1 32 ? -5.921  2.752   4.549   1.00 24.36  ? 43  ARG B CB  1 
ATOM   689 C  CG  . ARG B 1 32 ? -5.287  3.137   5.871   1.00 26.63  ? 43  ARG B CG  1 
ATOM   690 C  CD  . ARG B 1 32 ? -6.003  2.468   7.041   1.00 24.87  ? 43  ARG B CD  1 
ATOM   691 N  NE  . ARG B 1 32 ? -5.999  1.005   6.960   1.00 33.05  ? 43  ARG B NE  1 
ATOM   692 C  CZ  . ARG B 1 32 ? -4.965  0.222   7.275   1.00 34.13  ? 43  ARG B CZ  1 
ATOM   693 N  NH1 . ARG B 1 32 ? -3.811  0.737   7.682   1.00 30.02  ? 43  ARG B NH1 1 
ATOM   694 N  NH2 . ARG B 1 32 ? -5.079  -1.090  7.160   1.00 39.00  ? 43  ARG B NH2 1 
ATOM   695 N  N   . LEU B 1 33 ? -3.396  1.780   2.846   1.00 25.77  ? 44  LEU B N   1 
ATOM   696 C  CA  . LEU B 1 33 ? -1.983  1.404   2.717   1.00 23.68  ? 44  LEU B CA  1 
ATOM   697 C  C   . LEU B 1 33 ? -1.268  2.345   1.755   1.00 25.90  ? 44  LEU B C   1 
ATOM   698 O  O   . LEU B 1 33 ? -0.131  2.725   1.982   1.00 21.86  ? 44  LEU B O   1 
ATOM   699 C  CB  . LEU B 1 33 ? -1.847  -0.039  2.222   1.00 23.60  ? 44  LEU B CB  1 
ATOM   700 C  CG  . LEU B 1 33 ? -2.357  -1.098  3.204   1.00 31.83  ? 44  LEU B CG  1 
ATOM   701 C  CD1 . LEU B 1 33 ? -2.206  -2.507  2.636   1.00 28.11  ? 44  LEU B CD1 1 
ATOM   702 C  CD2 . LEU B 1 33 ? -1.651  -0.988  4.556   1.00 40.20  ? 44  LEU B CD2 1 
ATOM   703 N  N   . LEU B 1 34 ? -1.943  2.738   0.679   1.00 23.85  ? 45  LEU B N   1 
ATOM   704 C  CA  . LEU B 1 34 ? -1.357  3.701   -0.229  1.00 23.63  ? 45  LEU B CA  1 
ATOM   705 C  C   . LEU B 1 34 ? -1.187  5.054   0.485   1.00 22.49  ? 45  LEU B C   1 
ATOM   706 O  O   . LEU B 1 34 ? -0.130  5.659   0.395   1.00 21.92  ? 45  LEU B O   1 
ATOM   707 C  CB  . LEU B 1 34 ? -2.189  3.828   -1.505  1.00 22.97  ? 45  LEU B CB  1 
ATOM   708 C  CG  . LEU B 1 34 ? -1.728  4.888   -2.497  1.00 23.53  ? 45  LEU B CG  1 
ATOM   709 C  CD1 . LEU B 1 34 ? -0.264  4.674   -2.904  1.00 22.07  ? 45  LEU B CD1 1 
ATOM   710 C  CD2 . LEU B 1 34 ? -2.656  4.886   -3.733  1.00 17.42  ? 45  LEU B CD2 1 
ATOM   711 N  N   . ASP B 1 35 ? -2.218  5.521   1.190   1.00 22.78  ? 46  ASP B N   1 
ATOM   712 C  CA  . ASP B 1 35 ? -2.115  6.776   1.940   1.00 23.18  ? 46  ASP B CA  1 
ATOM   713 C  C   . ASP B 1 35 ? -0.938  6.729   2.908   1.00 24.58  ? 46  ASP B C   1 
ATOM   714 O  O   . ASP B 1 35 ? -0.201  7.699   3.060   1.00 26.07  ? 46  ASP B O   1 
ATOM   715 C  CB  . ASP B 1 35 ? -3.393  7.070   2.743   1.00 20.71  ? 46  ASP B CB  1 
ATOM   716 C  CG  . ASP B 1 35 ? -4.564  7.443   1.860   1.00 29.43  ? 46  ASP B CG  1 
ATOM   717 O  OD1 . ASP B 1 35 ? -4.334  7.839   0.701   1.00 30.74  ? 46  ASP B OD1 1 
ATOM   718 O  OD2 . ASP B 1 35 ? -5.718  7.349   2.324   1.00 32.38  ? 46  ASP B OD2 1 
ATOM   719 N  N   . GLU B 1 36 ? -0.781  5.598   3.580   1.00 26.25  ? 47  GLU B N   1 
ATOM   720 C  CA  . GLU B 1 36 ? 0.242   5.477   4.607   1.00 24.20  ? 47  GLU B CA  1 
ATOM   721 C  C   . GLU B 1 36 ? 1.648   5.511   4.030   1.00 26.42  ? 47  GLU B C   1 
ATOM   722 O  O   . GLU B 1 36 ? 2.554   6.118   4.615   1.00 28.43  ? 47  GLU B O   1 
ATOM   723 C  CB  . GLU B 1 36 ? 0.000   4.232   5.467   1.00 22.56  ? 47  GLU B CB  1 
ATOM   724 C  CG  . GLU B 1 36 ? -1.234  4.401   6.341   1.00 20.37  ? 47  GLU B CG  1 
ATOM   725 C  CD  . GLU B 1 36 ? -1.468  3.248   7.283   1.00 31.30  ? 47  GLU B CD  1 
ATOM   726 O  OE1 . GLU B 1 36 ? -0.672  2.283   7.260   1.00 37.20  ? 47  GLU B OE1 1 
ATOM   727 O  OE2 . GLU B 1 36 ? -2.469  3.297   8.035   1.00 32.46  ? 47  GLU B OE2 1 
ATOM   728 N  N   . GLU B 1 37 ? 1.826   4.880   2.874   1.00 21.30  ? 48  GLU B N   1 
ATOM   729 C  CA  . GLU B 1 37 ? 3.127   4.874   2.210   1.00 20.88  ? 48  GLU B CA  1 
ATOM   730 C  C   . GLU B 1 37 ? 3.501   6.280   1.772   1.00 25.26  ? 48  GLU B C   1 
ATOM   731 O  O   . GLU B 1 37 ? 4.647   6.705   1.913   1.00 29.52  ? 48  GLU B O   1 
ATOM   732 C  CB  . GLU B 1 37 ? 3.137   3.924   1.005   1.00 22.08  ? 48  GLU B CB  1 
ATOM   733 C  CG  . GLU B 1 37 ? 4.398   4.024   0.145   1.00 22.02  ? 48  GLU B CG  1 
ATOM   734 C  CD  . GLU B 1 37 ? 5.586   3.313   0.771   1.00 27.06  ? 48  GLU B CD  1 
ATOM   735 O  OE1 . GLU B 1 37 ? 5.488   2.914   1.934   1.00 28.49  ? 48  GLU B OE1 1 
ATOM   736 O  OE2 . GLU B 1 37 ? 6.602   3.129   0.087   1.00 30.37  ? 48  GLU B OE2 1 
ATOM   737 N  N   . ILE B 1 38 ? 2.521   7.012   1.261   1.00 21.25  ? 49  ILE B N   1 
ATOM   738 C  CA  . ILE B 1 38 ? 2.760   8.392   0.854   1.00 21.01  ? 49  ILE B CA  1 
ATOM   739 C  C   . ILE B 1 38 ? 3.229   9.251   2.034   1.00 24.19  ? 49  ILE B C   1 
ATOM   740 O  O   . ILE B 1 38 ? 4.206   9.977   1.916   1.00 24.85  ? 49  ILE B O   1 
ATOM   741 C  CB  . ILE B 1 38 ? 1.502   9.004   0.209   1.00 17.70  ? 49  ILE B CB  1 
ATOM   742 C  CG1 . ILE B 1 38 ? 1.193   8.282   -1.111  1.00 22.24  ? 49  ILE B CG1 1 
ATOM   743 C  CG2 . ILE B 1 38 ? 1.700   10.490  -0.058  1.00 23.91  ? 49  ILE B CG2 1 
ATOM   744 C  CD1 . ILE B 1 38 ? -0.016  8.856   -1.863  1.00 19.13  ? 49  ILE B CD1 1 
ATOM   745 N  N   . SER B 1 39 ? 2.528   9.170   3.167   1.00 21.08  ? 50  SER B N   1 
ATOM   746 C  CA  . SER B 1 39 ? 2.925   9.899   4.368   1.00 23.86  ? 50  SER B CA  1 
ATOM   747 C  C   . SER B 1 39 ? 4.332   9.536   4.833   1.00 25.61  ? 50  SER B C   1 
ATOM   748 O  O   . SER B 1 39 ? 5.121   10.414  5.191   1.00 33.55  ? 50  SER B O   1 
ATOM   749 C  CB  . SER B 1 39 ? 1.939   9.623   5.501   1.00 27.13  ? 50  SER B CB  1 
ATOM   750 O  OG  . SER B 1 39 ? 0.656   10.102  5.137   1.00 37.40  ? 50  SER B OG  1 
ATOM   751 N  N   . ARG B 1 40 ? 4.634   8.241   4.830   1.00 19.21  ? 51  ARG B N   1 
ATOM   752 C  CA  . ARG B 1 40 ? 5.972   7.747   5.174   1.00 25.24  ? 51  ARG B CA  1 
ATOM   753 C  C   . ARG B 1 40 ? 7.042   8.355   4.257   1.00 26.85  ? 51  ARG B C   1 
ATOM   754 O  O   . ARG B 1 40 ? 8.073   8.831   4.725   1.00 27.94  ? 51  ARG B O   1 
ATOM   755 C  CB  . ARG B 1 40 ? 5.991   6.210   5.055   1.00 29.89  ? 51  ARG B CB  1 
ATOM   756 C  CG  . ARG B 1 40 ? 6.915   5.494   6.014   1.00 42.22  ? 51  ARG B CG  1 
ATOM   757 C  CD  . ARG B 1 40 ? 6.298   4.158   6.475   1.00 46.79  ? 51  ARG B CD  1 
ATOM   758 N  NE  . ARG B 1 40 ? 5.789   3.387   5.343   1.00 43.56  ? 51  ARG B NE  1 
ATOM   759 C  CZ  . ARG B 1 40 ? 4.624   2.744   5.321   1.00 40.84  ? 51  ARG B CZ  1 
ATOM   760 N  NH1 . ARG B 1 40 ? 3.825   2.746   6.394   1.00 40.43  ? 51  ARG B NH1 1 
ATOM   761 N  NH2 . ARG B 1 40 ? 4.262   2.091   4.220   1.00 29.29  ? 51  ARG B NH2 1 
ATOM   762 N  N   . VAL B 1 41 ? 6.779   8.359   2.951   1.00 26.93  ? 52  VAL B N   1 
ATOM   763 C  CA  . VAL B 1 41 ? 7.729   8.889   1.972   1.00 23.36  ? 52  VAL B CA  1 
ATOM   764 C  C   . VAL B 1 41 ? 7.963   10.387  2.173   1.00 27.23  ? 52  VAL B C   1 
ATOM   765 O  O   . VAL B 1 41 ? 9.103   10.839  2.181   1.00 30.80  ? 52  VAL B O   1 
ATOM   766 C  CB  . VAL B 1 41 ? 7.265   8.587   0.512   1.00 24.25  ? 52  VAL B CB  1 
ATOM   767 C  CG1 . VAL B 1 41 ? 8.139   9.320   -0.509  1.00 27.07  ? 52  VAL B CG1 1 
ATOM   768 C  CG2 . VAL B 1 41 ? 7.285   7.088   0.246   1.00 24.84  ? 52  VAL B CG2 1 
ATOM   769 N  N   . ARG B 1 42 ? 6.887   11.154  2.345   1.00 27.79  ? 53  ARG B N   1 
ATOM   770 C  CA  . ARG B 1 42 ? 7.014   12.599  2.565   1.00 26.73  ? 53  ARG B CA  1 
ATOM   771 C  C   . ARG B 1 42 ? 7.789   12.875  3.857   1.00 25.92  ? 53  ARG B C   1 
ATOM   772 O  O   . ARG B 1 42 ? 8.641   13.777  3.908   1.00 21.26  ? 53  ARG B O   1 
ATOM   773 C  CB  . ARG B 1 42 ? 5.630   13.276  2.574   1.00 26.47  ? 53  ARG B CB  1 
ATOM   774 C  CG  . ARG B 1 42 ? 4.865   13.094  1.238   1.00 34.83  ? 53  ARG B CG  1 
ATOM   775 C  CD  . ARG B 1 42 ? 3.481   13.783  1.210   1.00 36.37  ? 53  ARG B CD  1 
ATOM   776 N  NE  . ARG B 1 42 ? 3.645   15.223  1.296   1.00 38.23  ? 53  ARG B NE  1 
ATOM   777 C  CZ  . ARG B 1 42 ? 2.920   16.135  0.654   1.00 24.91  ? 53  ARG B CZ  1 
ATOM   778 N  NH1 . ARG B 1 42 ? 1.898   15.791  -0.121  1.00 16.00  ? 53  ARG B NH1 1 
ATOM   779 N  NH2 . ARG B 1 42 ? 3.207   17.419  0.837   1.00 21.00  ? 53  ARG B NH2 1 
ATOM   780 N  N   . LYS B 1 43 ? 7.509   12.081  4.890   1.00 26.04  ? 54  LYS B N   1 
ATOM   781 C  CA  . LYS B 1 43 ? 8.212   12.210  6.166   1.00 30.48  ? 54  LYS B CA  1 
ATOM   782 C  C   . LYS B 1 43 ? 9.716   11.941  6.013   1.00 30.43  ? 54  LYS B C   1 
ATOM   783 O  O   . LYS B 1 43 ? 10.534  12.698  6.522   1.00 33.04  ? 54  LYS B O   1 
ATOM   784 C  CB  . LYS B 1 43 ? 7.616   11.257  7.212   1.00 32.09  ? 54  LYS B CB  1 
ATOM   785 C  CG  . LYS B 1 43 ? 8.170   11.431  8.621   1.00 47.71  ? 54  LYS B CG  1 
ATOM   786 C  CD  . LYS B 1 43 ? 7.526   10.421  9.581   1.00 59.52  ? 54  LYS B CD  1 
ATOM   787 C  CE  . LYS B 1 43 ? 8.022   10.598  11.020  1.00 69.74  ? 54  LYS B CE  1 
ATOM   788 N  NZ  . LYS B 1 43 ? 7.394   9.627   11.976  1.00 70.87  ? 54  LYS B NZ  1 
ATOM   789 N  N   . ASP B 1 44 ? 10.076  10.860  5.325   1.00 26.77  ? 55  ASP B N   1 
ATOM   790 C  CA  . ASP B 1 44 ? 11.485  10.528  5.112   1.00 29.25  ? 55  ASP B CA  1 
ATOM   791 C  C   . ASP B 1 44 ? 12.204  11.591  4.291   1.00 31.08  ? 55  ASP B C   1 
ATOM   792 O  O   . ASP B 1 44 ? 13.344  11.941  4.583   1.00 30.89  ? 55  ASP B O   1 
ATOM   793 C  CB  . ASP B 1 44 ? 11.616  9.183   4.404   1.00 42.64  ? 55  ASP B CB  1 
ATOM   794 C  CG  . ASP B 1 44 ? 11.416  8.012   5.334   1.00 55.89  ? 55  ASP B CG  1 
ATOM   795 O  OD1 . ASP B 1 44 ? 10.586  8.101   6.267   1.00 58.54  ? 55  ASP B OD1 1 
ATOM   796 O  OD2 . ASP B 1 44 ? 12.100  6.990   5.132   1.00 67.86  ? 55  ASP B OD2 1 
HETATM 797 N  N   . MSE B 1 45 ? 11.543  12.111  3.257   1.00 25.71  ? 56  MSE B N   1 
HETATM 798 C  CA  . MSE B 1 45 ? 12.180  13.101  2.405   1.00 25.87  ? 56  MSE B CA  1 
HETATM 799 C  C   . MSE B 1 45 ? 12.462  14.350  3.213   1.00 30.03  ? 56  MSE B C   1 
HETATM 800 O  O   . MSE B 1 45 ? 13.446  15.045  2.977   1.00 34.11  ? 56  MSE B O   1 
HETATM 801 C  CB  . MSE B 1 45 ? 11.291  13.453  1.212   1.00 26.65  ? 56  MSE B CB  1 
HETATM 802 C  CG  . MSE B 1 45 ? 11.036  12.289  0.265   1.00 33.88  ? 56  MSE B CG  1 
HETATM 803 SE SE  . MSE B 1 45 ? 9.751   12.824  -1.092  0.64 31.54  ? 56  MSE B SE  1 
HETATM 804 C  CE  . MSE B 1 45 ? 10.768  14.253  -1.916  1.00 28.77  ? 56  MSE B CE  1 
ATOM   805 N  N   . TYR B 1 46 ? 11.589  14.637  4.169   1.00 29.35  ? 57  TYR B N   1 
ATOM   806 C  CA  . TYR B 1 46 ? 11.725  15.847  4.963   1.00 31.87  ? 57  TYR B CA  1 
ATOM   807 C  C   . TYR B 1 46 ? 12.798  15.659  6.018   1.00 36.95  ? 57  TYR B C   1 
ATOM   808 O  O   . TYR B 1 46 ? 13.602  16.550  6.258   1.00 37.06  ? 57  TYR B O   1 
ATOM   809 C  CB  . TYR B 1 46 ? 10.408  16.235  5.638   1.00 29.46  ? 57  TYR B CB  1 
ATOM   810 C  CG  . TYR B 1 46 ? 10.598  17.440  6.528   1.00 39.54  ? 57  TYR B CG  1 
ATOM   811 C  CD1 . TYR B 1 46 ? 10.879  18.683  5.984   1.00 42.39  ? 57  TYR B CD1 1 
ATOM   812 C  CD2 . TYR B 1 46 ? 10.530  17.333  7.911   1.00 49.38  ? 57  TYR B CD2 1 
ATOM   813 C  CE1 . TYR B 1 46 ? 11.080  19.802  6.794   1.00 46.67  ? 57  TYR B CE1 1 
ATOM   814 C  CE2 . TYR B 1 46 ? 10.730  18.450  8.730   1.00 53.85  ? 57  TYR B CE2 1 
ATOM   815 C  CZ  . TYR B 1 46 ? 11.002  19.679  8.158   1.00 47.84  ? 57  TYR B CZ  1 
ATOM   816 O  OH  . TYR B 1 46 ? 11.200  20.788  8.945   1.00 55.34  ? 57  TYR B OH  1 
ATOM   817 N  N   . ASN B 1 47 ? 12.794  14.496  6.662   1.00 31.82  ? 58  ASN B N   1 
ATOM   818 C  CA  . ASN B 1 47 ? 13.819  14.184  7.653   1.00 41.97  ? 58  ASN B CA  1 
ATOM   819 C  C   . ASN B 1 47 ? 15.221  14.129  7.062   1.00 43.05  ? 58  ASN B C   1 
ATOM   820 O  O   . ASN B 1 47 ? 16.168  14.545  7.716   1.00 45.89  ? 58  ASN B O   1 
ATOM   821 C  CB  . ASN B 1 47 ? 13.507  12.885  8.402   1.00 45.98  ? 58  ASN B CB  1 
ATOM   822 C  CG  . ASN B 1 47 ? 12.270  12.996  9.274   1.00 54.45  ? 58  ASN B CG  1 
ATOM   823 O  OD1 . ASN B 1 47 ? 11.862  14.095  9.659   1.00 57.76  ? 58  ASN B OD1 1 
ATOM   824 N  ND2 . ASN B 1 47 ? 11.660  11.856  9.582   1.00 56.76  ? 58  ASN B ND2 1 
ATOM   825 N  N   . ASP B 1 48 ? 15.352  13.634  5.832   1.00 45.67  ? 59  ASP B N   1 
ATOM   826 C  CA  . ASP B 1 48 ? 16.662  13.567  5.167   1.00 54.91  ? 59  ASP B CA  1 
ATOM   827 C  C   . ASP B 1 48 ? 17.262  14.959  4.981   1.00 61.56  ? 59  ASP B C   1 
ATOM   828 O  O   . ASP B 1 48 ? 18.465  15.109  4.771   1.00 64.43  ? 59  ASP B O   1 
ATOM   829 C  CB  . ASP B 1 48 ? 16.568  12.868  3.803   1.00 56.08  ? 59  ASP B CB  1 
ATOM   830 C  CG  . ASP B 1 48 ? 16.232  11.385  3.918   1.00 63.18  ? 59  ASP B CG  1 
ATOM   831 O  OD1 . ASP B 1 48 ? 16.324  10.821  5.032   1.00 66.04  ? 59  ASP B OD1 1 
ATOM   832 O  OD2 . ASP B 1 48 ? 15.870  10.779  2.885   1.00 65.80  ? 59  ASP B OD2 1 
ATOM   833 N  N   . THR B 1 49 ? 16.399  15.965  5.071   1.00 60.70  ? 60  THR B N   1 
ATOM   834 C  CA  . THR B 1 49 ? 16.748  17.362  4.857   1.00 62.51  ? 60  THR B CA  1 
ATOM   835 C  C   . THR B 1 49 ? 17.276  18.016  6.136   1.00 64.68  ? 60  THR B C   1 
ATOM   836 O  O   . THR B 1 49 ? 18.063  18.963  6.090   1.00 66.79  ? 60  THR B O   1 
ATOM   837 C  CB  . THR B 1 49 ? 15.505  18.114  4.323   1.00 65.68  ? 60  THR B CB  1 
ATOM   838 O  OG1 . THR B 1 49 ? 15.605  18.245  2.899   1.00 67.03  ? 60  THR B OG1 1 
ATOM   839 C  CG2 . THR B 1 49 ? 15.323  19.485  4.978   1.00 67.50  ? 60  THR B CG2 1 
ATOM   840 N  N   . LEU B 1 50 ? 16.858  17.484  7.277   1.00 66.42  ? 61  LEU B N   1 
ATOM   841 C  CA  . LEU B 1 50 ? 17.284  18.007  8.567   1.00 73.31  ? 61  LEU B CA  1 
ATOM   842 C  C   . LEU B 1 50 ? 18.671  17.490  8.979   1.00 86.29  ? 61  LEU B C   1 
ATOM   843 O  O   . LEU B 1 50 ? 19.130  17.736  10.098  1.00 93.22  ? 61  LEU B O   1 
ATOM   844 C  CB  . LEU B 1 50 ? 16.250  17.653  9.633   1.00 69.12  ? 61  LEU B CB  1 
ATOM   845 C  CG  . LEU B 1 50 ? 14.813  18.067  9.340   1.00 59.88  ? 61  LEU B CG  1 
ATOM   846 C  CD1 . LEU B 1 50 ? 13.925  17.671  10.500  1.00 58.91  ? 61  LEU B CD1 1 
ATOM   847 C  CD2 . LEU B 1 50 ? 14.752  19.556  9.098   1.00 63.28  ? 61  LEU B CD2 1 
ATOM   848 N  N   . ASN B 1 51 ? 19.330  16.782  8.065   1.00 90.48  ? 62  ASN B N   1 
ATOM   849 C  CA  . ASN B 1 51 ? 20.658  16.220  8.311   1.00 92.69  ? 62  ASN B CA  1 
ATOM   850 C  C   . ASN B 1 51 ? 21.789  17.250  8.220   1.00 88.61  ? 62  ASN B C   1 
ATOM   851 O  O   . ASN B 1 51 ? 22.127  17.729  7.135   1.00 82.63  ? 62  ASN B O   1 
ATOM   852 C  CB  . ASN B 1 51 ? 20.925  15.066  7.340   1.00 93.53  ? 62  ASN B CB  1 
ATOM   853 C  CG  . ASN B 1 51 ? 20.085  13.833  7.642   1.00 87.79  ? 62  ASN B CG  1 
ATOM   854 O  OD1 . ASN B 1 51 ? 19.691  13.597  8.785   1.00 94.72  ? 62  ASN B OD1 1 
ATOM   855 N  ND2 . ASN B 1 51 ? 19.823  13.030  6.616   1.00 75.96  ? 62  ASN B ND2 1 
HETATM 856 CA CA  . CA  C 2 .  ? -8.842  6.923   1.550   1.00 119.53 ? 101 CA  B CA  1 
HETATM 857 O  O   . HOH D 3 .  ? 2.881   -1.170  2.476   1.00 23.93  ? 101 HOH A O   1 
HETATM 858 O  O   . HOH D 3 .  ? -0.198  -2.481  -8.795  1.00 24.83  ? 102 HOH A O   1 
HETATM 859 O  O   . HOH D 3 .  ? 6.118   -1.374  -7.475  1.00 33.05  ? 103 HOH A O   1 
HETATM 860 O  O   . HOH D 3 .  ? 2.733   -2.937  -7.690  1.00 29.09  ? 104 HOH A O   1 
HETATM 861 O  O   . HOH D 3 .  ? 3.633   -10.619 0.864   1.00 32.88  ? 105 HOH A O   1 
HETATM 862 O  O   . HOH D 3 .  ? -2.860  -8.586  -10.235 1.00 34.31  ? 106 HOH A O   1 
HETATM 863 O  O   . HOH D 3 .  ? 5.565   -0.965  2.107   1.00 32.91  ? 107 HOH A O   1 
HETATM 864 O  O   . HOH D 3 .  ? 1.679   -11.176 -0.934  1.00 39.28  ? 108 HOH A O   1 
HETATM 865 O  O   . HOH D 3 .  ? 5.578   -7.657  -4.459  1.00 50.09  ? 109 HOH A O   1 
HETATM 866 O  O   . HOH D 3 .  ? -3.878  -3.169  -17.753 1.00 34.56  ? 110 HOH A O   1 
HETATM 867 O  O   . HOH D 3 .  ? 3.833   -12.908 2.811   1.00 44.46  ? 111 HOH A O   1 
HETATM 868 O  O   . HOH D 3 .  ? 9.117   -5.720  -2.229  1.00 42.63  ? 112 HOH A O   1 
HETATM 869 O  O   . HOH D 3 .  ? -2.977  -1.115  -18.952 1.00 31.65  ? 113 HOH A O   1 
HETATM 870 O  O   . HOH D 3 .  ? 7.582   -5.925  3.844   1.00 42.16  ? 114 HOH A O   1 
HETATM 871 O  O   . HOH D 3 .  ? -1.276  -10.570 -11.256 1.00 52.11  ? 115 HOH A O   1 
HETATM 872 O  O   . HOH D 3 .  ? -5.155  -4.152  -20.043 1.00 45.52  ? 116 HOH A O   1 
HETATM 873 O  O   . HOH D 3 .  ? -0.144  -13.372 0.141   1.00 41.35  ? 117 HOH A O   1 
HETATM 874 O  O   . HOH D 3 .  ? 1.507   -14.460 2.112   1.00 46.64  ? 118 HOH A O   1 
HETATM 875 O  O   . HOH E 3 .  ? 2.706   7.860   -12.806 1.00 27.42  ? 201 HOH B O   1 
HETATM 876 O  O   . HOH E 3 .  ? -1.126  10.331  2.735   1.00 30.09  ? 202 HOH B O   1 
HETATM 877 O  O   . HOH E 3 .  ? -6.967  9.758   -12.471 1.00 28.66  ? 203 HOH B O   1 
HETATM 878 O  O   . HOH E 3 .  ? -2.739  10.219  0.264   1.00 32.77  ? 204 HOH B O   1 
HETATM 879 O  O   . HOH E 3 .  ? 1.429   0.828   3.530   1.00 26.62  ? 205 HOH B O   1 
HETATM 880 O  O   . HOH E 3 .  ? -8.541  1.390   2.770   1.00 30.92  ? 206 HOH B O   1 
HETATM 881 O  O   . HOH E 3 .  ? 5.532   16.946  2.642   1.00 24.00  ? 207 HOH B O   1 
HETATM 882 O  O   . HOH E 3 .  ? 7.921   0.543   -0.284  1.00 34.81  ? 208 HOH B O   1 
HETATM 883 O  O   . HOH E 3 .  ? 1.369   0.943   6.201   1.00 32.84  ? 209 HOH B O   1 
HETATM 884 O  O   . HOH E 3 .  ? -13.410 9.915   -5.022  1.00 44.79  ? 210 HOH B O   1 
HETATM 885 O  O   . HOH E 3 .  ? 4.058   12.948  6.133   1.00 35.91  ? 211 HOH B O   1 
HETATM 886 O  O   . HOH E 3 .  ? -11.420 6.103   -3.823  1.00 39.65  ? 212 HOH B O   1 
HETATM 887 O  O   . HOH E 3 .  ? -1.643  11.959  -1.648  1.00 29.41  ? 213 HOH B O   1 
HETATM 888 O  O   . HOH E 3 .  ? 2.438   6.352   7.429   1.00 34.99  ? 214 HOH B O   1 
HETATM 889 O  O   . HOH E 3 .  ? -8.450  0.387   6.179   1.00 36.39  ? 215 HOH B O   1 
HETATM 890 O  O   . HOH E 3 .  ? 12.405  8.941   -6.207  1.00 41.76  ? 216 HOH B O   1 
HETATM 891 O  O   . HOH E 3 .  ? -3.810  5.497   8.388   1.00 41.38  ? 217 HOH B O   1 
HETATM 892 O  O   . HOH E 3 .  ? -1.524  8.426   6.189   1.00 40.43  ? 218 HOH B O   1 
HETATM 893 O  O   . HOH E 3 .  ? -9.425  4.236   3.217   1.00 47.02  ? 219 HOH B O   1 
HETATM 894 O  O   . HOH E 3 .  ? 10.328  10.454  -4.097  1.00 47.11  ? 220 HOH B O   1 
HETATM 895 O  O   . HOH E 3 .  ? -2.374  12.519  -4.815  1.00 39.07  ? 221 HOH B O   1 
HETATM 896 O  O   . HOH E 3 .  ? -9.193  0.341   -0.480  1.00 34.46  ? 222 HOH B O   1 
HETATM 897 O  O   . HOH E 3 .  ? -10.403 8.930   -2.157  1.00 50.79  ? 223 HOH B O   1 
HETATM 898 O  O   . HOH E 3 .  ? 4.577   8.340   8.310   1.00 45.52  ? 224 HOH B O   1 
HETATM 899 O  O   . HOH E 3 .  ? 0.339   12.754  2.979   1.00 28.36  ? 225 HOH B O   1 
HETATM 900 O  O   . HOH E 3 .  ? 0.329   7.618   8.371   1.00 41.05  ? 226 HOH B O   1 
# 
loop_
_atom_site_anisotrop.id 
_atom_site_anisotrop.type_symbol 
_atom_site_anisotrop.pdbx_label_atom_id 
_atom_site_anisotrop.pdbx_label_alt_id 
_atom_site_anisotrop.pdbx_label_comp_id 
_atom_site_anisotrop.pdbx_label_asym_id 
_atom_site_anisotrop.pdbx_label_seq_id 
_atom_site_anisotrop.pdbx_PDB_ins_code 
_atom_site_anisotrop.U[1][1] 
_atom_site_anisotrop.U[2][2] 
_atom_site_anisotrop.U[3][3] 
_atom_site_anisotrop.U[1][2] 
_atom_site_anisotrop.U[1][3] 
_atom_site_anisotrop.U[2][3] 
_atom_site_anisotrop.pdbx_auth_seq_id 
_atom_site_anisotrop.pdbx_auth_comp_id 
_atom_site_anisotrop.pdbx_auth_asym_id 
_atom_site_anisotrop.pdbx_auth_atom_id 
1   N  N   . GLY A 1  ? 1.2447 1.0398 0.7496 -0.0234 -0.1461 0.2362  -2 GLY A N   
2   C  CA  . GLY A 1  ? 1.2932 1.1004 0.8178 -0.0226 -0.1095 0.2477  -2 GLY A CA  
3   C  C   . GLY A 1  ? 1.3358 1.1606 0.8934 -0.0258 -0.0955 0.2312  -2 GLY A C   
4   O  O   . GLY A 1  ? 1.3877 1.2057 0.9062 -0.0210 -0.0820 0.2124  -2 GLY A O   
5   N  N   . SER A 2  ? 1.3284 1.1794 0.9668 -0.0308 -0.0942 0.2333  -1 SER A N   
6   C  CA  . SER A 2  ? 1.2939 1.1711 0.9854 -0.0304 -0.0814 0.2091  -1 SER A CA  
7   C  C   . SER A 2  ? 1.2845 1.1840 1.0039 -0.0306 -0.0434 0.2100  -1 SER A C   
8   O  O   . SER A 2  ? 1.2792 1.1806 1.0073 -0.0344 -0.0290 0.2312  -1 SER A O   
9   C  CB  . SER A 2  ? 1.2330 1.1241 0.9959 -0.0341 -0.1037 0.2043  -1 SER A CB  
10  O  OG  . SER A 2  ? 1.2326 1.1200 1.0240 -0.0368 -0.1131 0.2280  -1 SER A OG  
11  N  N   . THR A 3  ? 1.2523 1.1689 0.9876 -0.0273 -0.0292 0.1883  14 THR A N   
12  C  CA  . THR A 3  ? 1.1284 1.0718 0.8976 -0.0283 0.0020  0.1885  14 THR A CA  
13  C  C   . THR A 3  ? 0.9502 0.9166 0.7893 -0.0338 -0.0014 0.1741  14 THR A C   
14  O  O   . THR A 3  ? 0.9272 0.8963 0.7758 -0.0306 -0.0116 0.1534  14 THR A O   
15  C  CB  . THR A 3  ? 1.1171 1.0629 0.8442 -0.0177 0.0285  0.1809  14 THR A CB  
16  O  OG1 . THR A 3  ? 1.0369 1.0143 0.8061 -0.0197 0.0572  0.1882  14 THR A OG1 
17  C  CG2 . THR A 3  ? 1.1063 1.0476 0.8219 -0.0105 0.0193  0.1537  14 THR A CG2 
18  N  N   . PRO A 4  ? 0.7929 0.7722 0.6773 -0.0431 0.0076  0.1855  15 PRO A N   
19  C  CA  . PRO A 4  ? 0.7256 0.7186 0.6688 -0.0505 0.0047  0.1743  15 PRO A CA  
20  C  C   . PRO A 4  ? 0.5693 0.5885 0.5325 -0.0502 0.0199  0.1599  15 PRO A C   
21  O  O   . PRO A 4  ? 0.5303 0.5573 0.5317 -0.0556 0.0151  0.1475  15 PRO A O   
22  C  CB  . PRO A 4  ? 0.7386 0.7283 0.7086 -0.0620 0.0104  0.1944  15 PRO A CB  
23  C  CG  . PRO A 4  ? 0.7907 0.7820 0.7262 -0.0609 0.0285  0.2148  15 PRO A CG  
24  C  CD  . PRO A 4  ? 0.7633 0.7378 0.6379 -0.0483 0.0208  0.2118  15 PRO A CD  
25  N  N   . ASP A 5  ? 0.5668 0.5972 0.5025 -0.0426 0.0382  0.1622  16 ASP A N   
26  C  CA  . ASP A 5  ? 0.4829 0.5421 0.4431 -0.0409 0.0535  0.1540  16 ASP A CA  
27  C  C   . ASP A 5  ? 0.4983 0.5572 0.4652 -0.0356 0.0412  0.1298  16 ASP A C   
28  O  O   . ASP A 5  ? 0.3845 0.4606 0.3896 -0.0410 0.0401  0.1214  16 ASP A O   
29  C  CB  . ASP A 5  ? 0.5421 0.6107 0.4705 -0.0296 0.0791  0.1632  16 ASP A CB  
30  C  CG  . ASP A 5  ? 0.7033 0.7730 0.6254 -0.0350 0.0954  0.1899  16 ASP A CG  
31  O  OD1 . ASP A 5  ? 0.7973 0.8385 0.6728 -0.0322 0.0906  0.1988  16 ASP A OD1 
32  O  OD2 . ASP A 5  ? 0.7583 0.8570 0.7233 -0.0434 0.1112  0.2035  16 ASP A OD2 
33  N  N   . TYR A 6  ? 0.4976 0.5344 0.4260 -0.0266 0.0300  0.1194  17 TYR A N   
34  C  CA  . TYR A 6  ? 0.4774 0.5115 0.4139 -0.0229 0.0183  0.0983  17 TYR A CA  
35  C  C   . TYR A 6  ? 0.3813 0.4163 0.3615 -0.0324 0.0049  0.0933  17 TYR A C   
36  O  O   . TYR A 6  ? 0.3694 0.4162 0.3750 -0.0338 0.0065  0.0817  17 TYR A O   
37  C  CB  . TYR A 6  ? 0.5517 0.5596 0.4436 -0.0157 0.0047  0.0896  17 TYR A CB  
38  C  CG  . TYR A 6  ? 0.4824 0.4875 0.3827 -0.0123 -0.0044 0.0696  17 TYR A CG  
39  C  CD1 . TYR A 6  ? 0.4662 0.4881 0.3822 -0.0072 0.0089  0.0598  17 TYR A CD1 
40  C  CD2 . TYR A 6  ? 0.4971 0.4839 0.3922 -0.0145 -0.0268 0.0629  17 TYR A CD2 
41  C  CE1 . TYR A 6  ? 0.4686 0.4852 0.3904 -0.0042 0.0015  0.0435  17 TYR A CE1 
42  C  CE2 . TYR A 6  ? 0.4969 0.4810 0.4026 -0.0128 -0.0334 0.0467  17 TYR A CE2 
43  C  CZ  . TYR A 6  ? 0.4500 0.4469 0.3662 -0.0074 -0.0183 0.0369  17 TYR A CZ  
44  O  OH  . TYR A 6  ? 0.4262 0.4175 0.3502 -0.0056 -0.0239 0.0228  17 TYR A OH  
45  N  N   . LEU A 7  ? 0.4250 0.4451 0.4115 -0.0379 -0.0072 0.1026  18 LEU A N   
46  C  CA  . LEU A 7  ? 0.4278 0.4433 0.4534 -0.0443 -0.0154 0.0978  18 LEU A CA  
47  C  C   . LEU A 7  ? 0.4017 0.4302 0.4561 -0.0535 -0.0050 0.0967  18 LEU A C   
48  O  O   . LEU A 7  ? 0.3970 0.4243 0.4717 -0.0559 -0.0074 0.0833  18 LEU A O   
49  C  CB  . LEU A 7  ? 0.4880 0.4855 0.5205 -0.0470 -0.0267 0.1121  18 LEU A CB  
50  C  CG  . LEU A 7  ? 0.3889 0.3764 0.4607 -0.0507 -0.0303 0.1074  18 LEU A CG  
51  C  CD1 . LEU A 7  ? 0.2973 0.2844 0.3808 -0.0445 -0.0362 0.0904  18 LEU A CD1 
52  C  CD2 . LEU A 7  ? 0.4543 0.4236 0.5367 -0.0513 -0.0386 0.1250  18 LEU A CD2 
53  N  N   . MSE A 8  ? 0.4032 0.4431 0.4581 -0.0596 0.0060  0.1116  19 MSE A N   
54  C  CA  . MSE A 8  ? 0.4109 0.4648 0.4965 -0.0721 0.0120  0.1129  19 MSE A CA  
55  C  C   . MSE A 8  ? 0.4082 0.4826 0.5018 -0.0691 0.0142  0.0981  19 MSE A C   
56  O  O   . MSE A 8  ? 0.3583 0.4323 0.4725 -0.0779 0.0086  0.0889  19 MSE A O   
57  C  CB  . MSE A 8  ? 0.4050 0.4725 0.4954 -0.0799 0.0246  0.1348  19 MSE A CB  
58  C  CG  . MSE A 8  ? 0.4499 0.4938 0.5366 -0.0855 0.0215  0.1512  19 MSE A CG  
59  SE SE  . MSE A 8  ? 0.5608 0.6184 0.6505 -0.0955 0.0409  0.1833  19 MSE A SE  
60  C  CE  . MSE A 8  ? 1.0882 1.1045 1.1599 -0.0958 0.0302  0.2000  19 MSE A CE  
61  N  N   . GLN A 9  ? 0.3460 0.4331 0.4186 -0.0562 0.0218  0.0957  20 GLN A N   
62  C  CA  . GLN A 9  ? 0.3331 0.4375 0.4118 -0.0502 0.0242  0.0837  20 GLN A CA  
63  C  C   . GLN A 9  ? 0.3491 0.4368 0.4289 -0.0491 0.0119  0.0649  20 GLN A C   
64  O  O   . GLN A 9  ? 0.3260 0.4211 0.4209 -0.0532 0.0087  0.0568  20 GLN A O   
65  C  CB  . GLN A 9  ? 0.3076 0.4200 0.3586 -0.0339 0.0369  0.0845  20 GLN A CB  
66  C  CG  . GLN A 9  ? 0.3422 0.4750 0.3939 -0.0325 0.0562  0.1046  20 GLN A CG  
67  C  CD  . GLN A 9  ? 0.4355 0.5598 0.4432 -0.0145 0.0712  0.1053  20 GLN A CD  
68  O  OE1 . GLN A 9  ? 0.4525 0.5584 0.4321 -0.0041 0.0658  0.0897  20 GLN A OE1 
69  N  NE2 . GLN A 9  ? 0.4409 0.5753 0.4401 -0.0114 0.0914  0.1235  20 GLN A NE2 
70  N  N   . LEU A 10 ? 0.3657 0.4306 0.4301 -0.0440 0.0047  0.0598  21 LEU A N   
71  C  CA  . LEU A 10 ? 0.3148 0.3651 0.3847 -0.0422 -0.0033 0.0450  21 LEU A CA  
72  C  C   . LEU A 10 ? 0.3801 0.4201 0.4715 -0.0528 -0.0060 0.0415  21 LEU A C   
73  O  O   . LEU A 10 ? 0.3962 0.4317 0.4908 -0.0533 -0.0068 0.0293  21 LEU A O   
74  C  CB  . LEU A 10 ? 0.2520 0.2843 0.3116 -0.0369 -0.0118 0.0453  21 LEU A CB  
75  C  CG  . LEU A 10 ? 0.3025 0.3338 0.3321 -0.0275 -0.0133 0.0430  21 LEU A CG  
76  C  CD1 . LEU A 10 ? 0.2915 0.3061 0.3128 -0.0269 -0.0275 0.0474  21 LEU A CD1 
77  C  CD2 . LEU A 10 ? 0.3018 0.3348 0.3287 -0.0213 -0.0113 0.0281  21 LEU A CD2 
78  N  N   . MSE A 11 ? 0.4009 0.4320 0.5020 -0.0614 -0.0070 0.0523  22 MSE A N   
79  C  CA  A MSE A 11 ? 0.3852 0.3968 0.5003 -0.0713 -0.0089 0.0475  22 MSE A CA  
80  C  CA  B MSE A 11 ? 0.3934 0.4054 0.5091 -0.0720 -0.0088 0.0487  22 MSE A CA  
81  C  C   . MSE A 11 ? 0.3737 0.3972 0.4948 -0.0831 -0.0096 0.0437  22 MSE A C   
82  O  O   . MSE A 11 ? 0.4252 0.4293 0.5461 -0.0898 -0.0129 0.0326  22 MSE A O   
83  C  CB  A MSE A 11 ? 0.4262 0.4194 0.5499 -0.0765 -0.0099 0.0604  22 MSE A CB  
84  C  CB  B MSE A 11 ? 0.4168 0.4160 0.5407 -0.0793 -0.0091 0.0640  22 MSE A CB  
85  C  CG  A MSE A 11 ? 0.4379 0.4200 0.5602 -0.0647 -0.0137 0.0642  22 MSE A CG  
86  C  CG  B MSE A 11 ? 0.4323 0.3976 0.5660 -0.0815 -0.0103 0.0593  22 MSE A CG  
87  SE SE  A MSE A 11 ? 1.1214 1.0751 1.2590 -0.0662 -0.0165 0.0814  22 MSE A SE  
88  SE SE  B MSE A 11 ? 0.4316 0.3866 0.5672 -0.0630 -0.0111 0.0501  22 MSE A SE  
89  C  CE  A MSE A 11 ? 0.4437 0.3639 0.5946 -0.0744 -0.0097 0.0665  22 MSE A CE  
90  C  CE  B MSE A 11 ? 1.1240 1.0774 1.2647 -0.0572 -0.0187 0.0733  22 MSE A CE  
91  N  N   . ASN A 12 ? 0.3748 0.4292 0.5005 -0.0849 -0.0066 0.0533  23 ASN A N   
92  C  CA  . ASN A 12 ? 0.3379 0.4115 0.4756 -0.0948 -0.0107 0.0518  23 ASN A CA  
93  C  C   . ASN A 12 ? 0.3683 0.4449 0.4946 -0.0862 -0.0138 0.0371  23 ASN A C   
94  O  O   . ASN A 12 ? 0.3278 0.4000 0.4548 -0.0957 -0.0225 0.0296  23 ASN A O   
95  C  CB  . ASN A 12 ? 0.3472 0.4575 0.5028 -0.0979 -0.0043 0.0698  23 ASN A CB  
96  C  CG  . ASN A 12 ? 0.4582 0.5653 0.6315 -0.1146 -0.0039 0.0852  23 ASN A CG  
97  O  OD1 . ASN A 12 ? 0.4935 0.5736 0.6705 -0.1290 -0.0128 0.0802  23 ASN A OD1 
98  N  ND2 . ASN A 12 ? 0.4318 0.5614 0.6126 -0.1121 0.0085  0.1041  23 ASN A ND2 
99  N  N   . ASP A 13 ? 0.2919 0.3728 0.4047 -0.0693 -0.0077 0.0335  24 ASP A N   
100 C  CA  . ASP A 13 ? 0.3001 0.3757 0.4001 -0.0604 -0.0092 0.0199  24 ASP A CA  
101 C  C   . ASP A 13 ? 0.2989 0.3414 0.3906 -0.0643 -0.0124 0.0070  24 ASP A C   
102 O  O   . ASP A 13 ? 0.2584 0.2934 0.3402 -0.0658 -0.0158 -0.0025 24 ASP A O   
103 C  CB  . ASP A 13 ? 0.2914 0.3676 0.3773 -0.0440 -0.0029 0.0179  24 ASP A CB  
104 C  CG  . ASP A 13 ? 0.3544 0.4574 0.4393 -0.0351 0.0042  0.0258  24 ASP A CG  
105 O  OD1 . ASP A 13 ? 0.2936 0.4210 0.3964 -0.0410 0.0053  0.0361  24 ASP A OD1 
106 O  OD2 . ASP A 13 ? 0.3396 0.4380 0.4070 -0.0220 0.0092  0.0223  24 ASP A OD2 
107 N  N   . LYS A 14 ? 0.2678 0.2891 0.3622 -0.0646 -0.0102 0.0079  25 LYS A N   
108 C  CA  . LYS A 14 ? 0.2770 0.2655 0.3666 -0.0647 -0.0079 -0.0027 25 LYS A CA  
109 C  C   . LYS A 14 ? 0.3323 0.3010 0.4153 -0.0792 -0.0122 -0.0086 25 LYS A C   
110 O  O   . LYS A 14 ? 0.4005 0.3435 0.4661 -0.0789 -0.0098 -0.0213 25 LYS A O   
111 C  CB  . LYS A 14 ? 0.3562 0.3300 0.4573 -0.0598 -0.0046 0.0033  25 LYS A CB  
112 C  CG  . LYS A 14 ? 0.3320 0.2712 0.4345 -0.0582 0.0021  -0.0047 25 LYS A CG  
113 C  CD  . LYS A 14 ? 0.3006 0.2326 0.3963 -0.0481 0.0098  -0.0155 25 LYS A CD  
114 C  CE  . LYS A 14 ? 0.3992 0.2951 0.4973 -0.0436 0.0224  -0.0217 25 LYS A CE  
115 N  NZ  . LYS A 14 ? 0.3952 0.2847 0.4919 -0.0325 0.0344  -0.0287 25 LYS A NZ  
116 N  N   . LYS A 15 ? 0.3340 0.3115 0.4283 -0.0928 -0.0184 0.0009  26 LYS A N   
117 C  CA  . LYS A 15 ? 0.4140 0.3710 0.5017 -0.1108 -0.0269 -0.0045 26 LYS A CA  
118 C  C   . LYS A 15 ? 0.3937 0.3612 0.4672 -0.1146 -0.0362 -0.0121 26 LYS A C   
119 O  O   . LYS A 15 ? 0.4232 0.3597 0.4724 -0.1229 -0.0421 -0.0249 26 LYS A O   
120 C  CB  . LYS A 15 ? 0.4204 0.3918 0.5300 -0.1269 -0.0329 0.0107  26 LYS A CB  
121 C  CG  . LYS A 15 ? 0.5385 0.4862 0.6566 -0.1280 -0.0267 0.0184  26 LYS A CG  
122 C  CD  . LYS A 15 ? 0.6660 0.6222 0.8040 -0.1478 -0.0326 0.0336  26 LYS A CD  
123 C  CE  . LYS A 15 ? 0.7580 0.6805 0.9009 -0.1509 -0.0275 0.0411  26 LYS A CE  
124 N  NZ  . LYS A 15 ? 0.7345 0.6640 0.8809 -0.1323 -0.0180 0.0517  26 LYS A NZ  
125 N  N   . LEU A 16 ? 0.4060 0.4150 0.4921 -0.1078 -0.0375 -0.0035 27 LEU A N   
126 C  CA  . LEU A 16 ? 0.4324 0.4583 0.5111 -0.1087 -0.0471 -0.0062 27 LEU A CA  
127 C  C   . LEU A 16 ? 0.4006 0.3988 0.4471 -0.0977 -0.0424 -0.0214 27 LEU A C   
128 O  O   . LEU A 16 ? 0.3312 0.3125 0.3540 -0.1053 -0.0525 -0.0298 27 LEU A O   
129 C  CB  . LEU A 16 ? 0.4078 0.4816 0.5094 -0.0987 -0.0441 0.0080  27 LEU A CB  
130 C  CG  . LEU A 16 ? 0.4810 0.5875 0.5946 -0.1023 -0.0564 0.0150  27 LEU A CG  
131 C  CD1 . LEU A 16 ? 0.5361 0.6408 0.6585 -0.1272 -0.0761 0.0175  27 LEU A CD1 
132 C  CD2 . LEU A 16 ? 0.4192 0.5699 0.5622 -0.0915 -0.0466 0.0319  27 LEU A CD2 
133 N  N   . MSE A 17 ? 0.3703 0.3627 0.4151 -0.0812 -0.0280 -0.0240 28 MSE A N   
134 C  CA  A MSE A 17 ? 0.3876 0.3553 0.4080 -0.0710 -0.0200 -0.0357 28 MSE A CA  
135 C  CA  B MSE A 17 ? 0.3953 0.3629 0.4158 -0.0709 -0.0199 -0.0357 28 MSE A CA  
136 C  C   . MSE A 17 ? 0.4269 0.3490 0.4216 -0.0785 -0.0176 -0.0481 28 MSE A C   
137 O  O   . MSE A 17 ? 0.4393 0.3400 0.4025 -0.0779 -0.0173 -0.0575 28 MSE A O   
138 C  CB  A MSE A 17 ? 0.4064 0.3746 0.4377 -0.0558 -0.0064 -0.0345 28 MSE A CB  
139 C  CB  B MSE A 17 ? 0.4082 0.3765 0.4398 -0.0558 -0.0064 -0.0344 28 MSE A CB  
140 C  CG  A MSE A 17 ? 0.4534 0.4416 0.4842 -0.0437 -0.0043 -0.0323 28 MSE A CG  
141 C  CG  B MSE A 17 ? 0.4038 0.4036 0.4465 -0.0460 -0.0066 -0.0268 28 MSE A CG  
142 SE SE  A MSE A 17 ? 0.8549 0.8323 0.8540 -0.0411 -0.0064 -0.0397 28 MSE A SE  
143 SE SE  B MSE A 17 ? 0.8365 0.8245 0.8768 -0.0303 0.0054  -0.0316 28 MSE A SE  
144 C  CE  A MSE A 17 ? 0.7295 0.7168 0.7343 -0.0233 0.0039  -0.0371 28 MSE A CE  
145 C  CE  B MSE A 17 ? 0.7351 0.7020 0.7449 -0.0292 0.0090  -0.0413 28 MSE A CE  
146 N  N   . SER A 18 ? 0.4180 0.3216 0.4224 -0.0844 -0.0143 -0.0476 29 SER A N   
147 C  CA  . SER A 18 ? 0.5051 0.3585 0.4840 -0.0906 -0.0094 -0.0598 29 SER A CA  
148 C  C   . SER A 18 ? 0.5142 0.3503 0.4613 -0.1082 -0.0264 -0.0678 29 SER A C   
149 O  O   . SER A 18 ? 0.5634 0.3520 0.4700 -0.1108 -0.0222 -0.0821 29 SER A O   
150 C  CB  . SER A 18 ? 0.5539 0.3937 0.5535 -0.0955 -0.0063 -0.0545 29 SER A CB  
151 O  OG  . SER A 18 ? 0.6445 0.4971 0.6716 -0.0799 0.0060  -0.0462 29 SER A OG  
152 N  N   . SER A 19 ? 0.5148 0.3884 0.4804 -0.1206 -0.0456 -0.0576 30 SER A N   
153 C  CA  . SER A 19 ? 0.5786 0.4448 0.5232 -0.1409 -0.0687 -0.0613 30 SER A CA  
154 C  C   . SER A 19 ? 0.5784 0.4462 0.4919 -0.1353 -0.0752 -0.0662 30 SER A C   
155 O  O   . SER A 19 ? 0.5894 0.4411 0.4736 -0.1510 -0.0957 -0.0716 30 SER A O   
156 C  CB  . SER A 19 ? 0.5212 0.4362 0.5082 -0.1548 -0.0858 -0.0440 30 SER A CB  
157 O  OG  . SER A 19 ? 0.6481 0.5654 0.6644 -0.1584 -0.0781 -0.0358 30 SER A OG  
158 N  N   . LEU A 20 ? 0.5372 0.4226 0.4564 -0.1143 -0.0598 -0.0635 31 LEU A N   
159 C  CA  . LEU A 20 ? 0.5457 0.4355 0.4396 -0.1066 -0.0640 -0.0646 31 LEU A CA  
160 C  C   . LEU A 20 ? 0.5586 0.4171 0.4252 -0.0892 -0.0401 -0.0738 31 LEU A C   
161 O  O   . LEU A 20 ? 0.5226 0.4030 0.4021 -0.0738 -0.0303 -0.0678 31 LEU A O   
162 C  CB  . LEU A 20 ? 0.4591 0.4063 0.3914 -0.0980 -0.0693 -0.0484 31 LEU A CB  
163 C  CG  . LEU A 20 ? 0.5049 0.4907 0.4710 -0.1135 -0.0903 -0.0353 31 LEU A CG  
164 C  CD1 . LEU A 20 ? 0.4883 0.5261 0.4968 -0.1000 -0.0844 -0.0193 31 LEU A CD1 
165 C  CD2 . LEU A 20 ? 0.5159 0.4981 0.4584 -0.1278 -0.1168 -0.0356 31 LEU A CD2 
166 N  N   . PRO A 21 ? 0.5662 0.3715 0.3956 -0.0914 -0.0288 -0.0878 32 PRO A N   
167 C  CA  . PRO A 21 ? 0.5951 0.3723 0.4060 -0.0739 -0.0009 -0.0941 32 PRO A CA  
168 C  C   . PRO A 21 ? 0.5892 0.3667 0.3700 -0.0658 0.0000  -0.0930 32 PRO A C   
169 O  O   . PRO A 21 ? 0.6131 0.3895 0.3993 -0.0501 0.0219  -0.0909 32 PRO A O   
170 C  CB  . PRO A 21 ? 0.7026 0.4184 0.4710 -0.0795 0.0091  -0.1094 32 PRO A CB  
171 C  CG  . PRO A 21 ? 0.7249 0.4294 0.4659 -0.1026 -0.0213 -0.1141 32 PRO A CG  
172 C  CD  . PRO A 21 ? 0.6365 0.4011 0.4341 -0.1103 -0.0411 -0.0986 32 PRO A CD  
173 N  N   . ASN A 22 ? 0.5937 0.3734 0.3457 -0.0771 -0.0248 -0.0923 33 ASN A N   
174 C  CA  . ASN A 22 ? 0.5827 0.3636 0.3053 -0.0695 -0.0274 -0.0883 33 ASN A CA  
175 C  C   . ASN A 22 ? 0.5329 0.3618 0.3002 -0.0554 -0.0235 -0.0740 33 ASN A C   
176 O  O   . ASN A 22 ? 0.5581 0.3797 0.3115 -0.0423 -0.0092 -0.0714 33 ASN A O   
177 C  CB  . ASN A 22 ? 0.6437 0.4210 0.3311 -0.0856 -0.0603 -0.0876 33 ASN A CB  
178 C  CG  . ASN A 22 ? 0.8920 0.6074 0.5138 -0.0977 -0.0630 -0.1039 33 ASN A CG  
179 O  OD1 . ASN A 22 ? 0.9318 0.6115 0.5379 -0.0870 -0.0335 -0.1121 33 ASN A OD1 
180 N  ND2 . ASN A 22 ? 0.9494 0.6684 0.5566 -0.1136 -0.0943 -0.1011 33 ASN A ND2 
181 N  N   . PHE A 23 ? 0.4362 0.3099 0.2536 -0.0582 -0.0350 -0.0647 34 PHE A N   
182 C  CA  . PHE A 23 ? 0.4275 0.3403 0.2839 -0.0442 -0.0292 -0.0533 34 PHE A CA  
183 C  C   . PHE A 23 ? 0.4259 0.3328 0.3031 -0.0336 -0.0054 -0.0558 34 PHE A C   
184 O  O   . PHE A 23 ? 0.3720 0.2852 0.2569 -0.0213 0.0053  -0.0516 34 PHE A O   
185 C  CB  . PHE A 23 ? 0.3998 0.3584 0.2989 -0.0490 -0.0447 -0.0424 34 PHE A CB  
186 C  CG  . PHE A 23 ? 0.5116 0.4925 0.4079 -0.0556 -0.0691 -0.0332 34 PHE A CG  
187 C  CD1 . PHE A 23 ? 0.5577 0.5251 0.4334 -0.0751 -0.0905 -0.0368 34 PHE A CD1 
188 C  CD2 . PHE A 23 ? 0.4202 0.4335 0.3351 -0.0426 -0.0721 -0.0203 34 PHE A CD2 
189 C  CE1 . PHE A 23 ? 0.5810 0.5722 0.4587 -0.0830 -0.1176 -0.0261 34 PHE A CE1 
190 C  CE2 . PHE A 23 ? 0.5187 0.5567 0.4382 -0.0472 -0.0957 -0.0085 34 PHE A CE2 
191 C  CZ  . PHE A 23 ? 0.5806 0.6104 0.4838 -0.0682 -0.1201 -0.0106 34 PHE A CZ  
192 N  N   . SER A 24 ? 0.4847 0.3790 0.3732 -0.0389 0.0015  -0.0614 35 SER A N   
193 C  CA  . SER A 24 ? 0.5117 0.4029 0.4249 -0.0295 0.0209  -0.0614 35 SER A CA  
194 C  C   . SER A 24 ? 0.4896 0.3543 0.3824 -0.0197 0.0409  -0.0646 35 SER A C   
195 O  O   . SER A 24 ? 0.5200 0.3947 0.4359 -0.0106 0.0519  -0.0596 35 SER A O   
196 C  CB  . SER A 24 ? 0.5815 0.4586 0.5077 -0.0356 0.0252  -0.0654 35 SER A CB  
197 O  OG  . SER A 24 ? 0.6483 0.5286 0.6051 -0.0263 0.0401  -0.0621 35 SER A OG  
198 N  N   . GLY A 25 ? 0.5199 0.3489 0.3671 -0.0225 0.0453  -0.0724 36 GLY A N   
199 C  CA  . GLY A 25 ? 0.5145 0.3135 0.3365 -0.0131 0.0687  -0.0746 36 GLY A CA  
200 C  C   . GLY A 25 ? 0.5940 0.4044 0.4118 -0.0051 0.0707  -0.0664 36 GLY A C   
201 O  O   . GLY A 25 ? 0.6254 0.4156 0.4326 0.0030  0.0932  -0.0649 36 GLY A O   
202 N  N   . ILE A 26 ? 0.5474 0.3880 0.3743 -0.0063 0.0499  -0.0596 37 ILE A N   
203 C  CA  . ILE A 26 ? 0.5106 0.3572 0.3328 0.0028  0.0523  -0.0511 37 ILE A CA  
204 C  C   . ILE A 26 ? 0.5168 0.3886 0.3849 0.0092  0.0564  -0.0449 37 ILE A C   
205 O  O   . ILE A 26 ? 0.4283 0.3025 0.2956 0.0165  0.0587  -0.0381 37 ILE A O   
206 C  CB  . ILE A 26 ? 0.4414 0.3007 0.2415 0.0015  0.0292  -0.0450 37 ILE A CB  
207 C  CG1 . ILE A 26 ? 0.4685 0.3684 0.3054 -0.0021 0.0095  -0.0406 37 ILE A CG1 
208 C  CG2 . ILE A 26 ? 0.5404 0.3682 0.2840 -0.0065 0.0209  -0.0507 37 ILE A CG2 
209 C  CD1 . ILE A 26 ? 0.5771 0.4967 0.4045 -0.0026 -0.0136 -0.0312 37 ILE A CD1 
210 N  N   . PHE A 27 ? 0.4518 0.3382 0.3553 0.0059  0.0561  -0.0472 38 PHE A N   
211 C  CA  . PHE A 27 ? 0.4246 0.3274 0.3657 0.0097  0.0589  -0.0430 38 PHE A CA  
212 C  C   . PHE A 27 ? 0.4399 0.3306 0.4037 0.0101  0.0765  -0.0433 38 PHE A C   
213 O  O   . PHE A 27 ? 0.4734 0.3515 0.4363 0.0078  0.0847  -0.0474 38 PHE A O   
214 C  CB  . PHE A 27 ? 0.2814 0.2104 0.2453 0.0062  0.0438  -0.0424 38 PHE A CB  
215 C  CG  . PHE A 27 ? 0.3385 0.2863 0.2925 0.0075  0.0293  -0.0387 38 PHE A CG  
216 C  CD1 . PHE A 27 ? 0.3718 0.3300 0.3294 0.0163  0.0273  -0.0337 38 PHE A CD1 
217 C  CD2 . PHE A 27 ? 0.3078 0.2619 0.2511 0.0000  0.0178  -0.0395 38 PHE A CD2 
218 C  CE1 . PHE A 27 ? 0.3460 0.3247 0.3015 0.0205  0.0168  -0.0278 38 PHE A CE1 
219 C  CE2 . PHE A 27 ? 0.3511 0.3289 0.2952 0.0011  0.0040  -0.0327 38 PHE A CE2 
220 C  CZ  . PHE A 27 ? 0.3159 0.3079 0.2684 0.0128  0.0048  -0.0260 38 PHE A CZ  
221 N  N   . ASN A 28 ? 0.3965 0.2902 0.3831 0.0129  0.0824  -0.0381 39 ASN A N   
222 C  CA  . ASN A 28 ? 0.4071 0.2972 0.4278 0.0125  0.0972  -0.0345 39 ASN A CA  
223 C  C   . ASN A 28 ? 0.4038 0.3103 0.4592 0.0085  0.0879  -0.0342 39 ASN A C   
224 O  O   . ASN A 28 ? 0.4517 0.3541 0.5297 0.0094  0.0997  -0.0321 39 ASN A O   
225 C  CB  . ASN A 28 ? 0.4526 0.3430 0.4930 0.0129  0.1009  -0.0277 39 ASN A CB  
226 C  CG  . ASN A 28 ? 0.5785 0.4496 0.5869 0.0175  0.1126  -0.0247 39 ASN A CG  
227 O  OD1 . ASN A 28 ? 0.5344 0.3870 0.5268 0.0207  0.1330  -0.0230 39 ASN A OD1 
228 N  ND2 . ASN A 28 ? 0.4989 0.3711 0.4958 0.0194  0.1015  -0.0232 39 ASN A ND2 
229 N  N   . HIS A 29 ? 0.3595 0.2830 0.4182 0.0056  0.0683  -0.0348 40 HIS A N   
230 C  CA  . HIS A 29 ? 0.3664 0.3039 0.4574 0.0018  0.0581  -0.0315 40 HIS A CA  
231 C  C   . HIS A 29 ? 0.3548 0.3041 0.4361 -0.0009 0.0432  -0.0333 40 HIS A C   
232 O  O   . HIS A 29 ? 0.3555 0.3139 0.4573 -0.0038 0.0341  -0.0294 40 HIS A O   
233 C  CB  . HIS A 29 ? 0.2705 0.2130 0.3802 -0.0008 0.0494  -0.0274 40 HIS A CB  
234 C  CG  . HIS A 29 ? 0.2504 0.1852 0.3828 -0.0010 0.0634  -0.0221 40 HIS A CG  
235 N  ND1 . HIS A 29 ? 0.2640 0.2006 0.4317 -0.0004 0.0770  -0.0155 40 HIS A ND1 
236 C  CD2 . HIS A 29 ? 0.2153 0.1402 0.3429 -0.0012 0.0684  -0.0204 40 HIS A CD2 
237 C  CE1 . HIS A 29 ? 0.3172 0.2485 0.5031 -0.0007 0.0908  -0.0093 40 HIS A CE1 
238 N  NE2 . HIS A 29 ? 0.2970 0.2198 0.4580 -0.0022 0.0850  -0.0122 40 HIS A NE2 
239 N  N   . LEU A 30 ? 0.3111 0.2615 0.3632 0.0000  0.0404  -0.0372 41 LEU A N   
240 C  CA  . LEU A 30 ? 0.3107 0.2771 0.3563 -0.0021 0.0277  -0.0364 41 LEU A CA  
241 C  C   . LEU A 30 ? 0.3409 0.3110 0.3997 -0.0077 0.0239  -0.0342 41 LEU A C   
242 O  O   . LEU A 30 ? 0.3255 0.3068 0.3930 -0.0092 0.0151  -0.0297 41 LEU A O   
243 C  CB  . LEU A 30 ? 0.3848 0.3557 0.4059 -0.0007 0.0254  -0.0378 41 LEU A CB  
244 C  CG  . LEU A 30 ? 0.4520 0.4447 0.4717 0.0004  0.0161  -0.0338 41 LEU A CG  
245 C  CD1 . LEU A 30 ? 0.4564 0.4514 0.4804 0.0054  0.0145  -0.0323 41 LEU A CD1 
246 C  CD2 . LEU A 30 ? 0.4363 0.4367 0.4407 0.0047  0.0136  -0.0319 41 LEU A CD2 
247 N  N   . GLU A 31 ? 0.3768 0.3328 0.4328 -0.0104 0.0311  -0.0374 42 GLU A N   
248 C  CA  . GLU A 31 ? 0.3194 0.2724 0.3874 -0.0154 0.0291  -0.0352 42 GLU A CA  
249 C  C   . GLU A 31 ? 0.3516 0.3051 0.4516 -0.0128 0.0303  -0.0286 42 GLU A C   
250 O  O   . GLU A 31 ? 0.4222 0.3821 0.5337 -0.0157 0.0223  -0.0224 42 GLU A O   
251 C  CB  . GLU A 31 ? 0.3488 0.2777 0.3993 -0.0190 0.0367  -0.0422 42 GLU A CB  
252 C  CG  . GLU A 31 ? 0.4372 0.3619 0.4935 -0.0267 0.0310  -0.0402 42 GLU A CG  
253 C  CD  . GLU A 31 ? 0.5361 0.4301 0.5664 -0.0332 0.0351  -0.0495 42 GLU A CD  
254 O  OE1 . GLU A 31 ? 0.4674 0.3476 0.4685 -0.0329 0.0386  -0.0573 42 GLU A OE1 
255 O  OE2 . GLU A 31 ? 0.5724 0.4523 0.6075 -0.0392 0.0338  -0.0490 42 GLU A OE2 
256 N  N   . ARG A 32 ? 0.3182 0.2668 0.4351 -0.0076 0.0397  -0.0275 43 ARG A N   
257 C  CA  . ARG A 32 ? 0.2870 0.2426 0.4423 -0.0059 0.0368  -0.0180 43 ARG A CA  
258 C  C   . ARG A 32 ? 0.3085 0.2808 0.4662 -0.0098 0.0164  -0.0125 43 ARG A C   
259 O  O   . ARG A 32 ? 0.2565 0.2347 0.4336 -0.0112 0.0064  -0.0038 43 ARG A O   
260 C  CB  . ARG A 32 ? 0.3224 0.2755 0.5010 -0.0015 0.0495  -0.0155 43 ARG A CB  
261 C  CG  . ARG A 32 ? 0.3592 0.3253 0.5877 -0.0010 0.0436  -0.0029 43 ARG A CG  
262 C  CD  . ARG A 32 ? 0.4039 0.3716 0.6650 0.0021  0.0583  0.0025  43 ARG A CD  
263 N  NE  . ARG A 32 ? 0.3547 0.3215 0.5962 -0.0019 0.0555  -0.0023 43 ARG A NE  
264 C  CZ  . ARG A 32 ? 0.3953 0.3714 0.6411 -0.0092 0.0348  -0.0002 43 ARG A CZ  
265 N  NH1 . ARG A 32 ? 0.3848 0.3732 0.6507 -0.0141 0.0133  0.0070  43 ARG A NH1 
266 N  NH2 . ARG A 32 ? 0.4117 0.3806 0.6368 -0.0114 0.0352  -0.0052 43 ARG A NH2 
267 N  N   . LEU A 33 ? 0.3372 0.3137 0.4710 -0.0105 0.0106  -0.0172 44 LEU A N   
268 C  CA  . LEU A 33 ? 0.2752 0.2590 0.3996 -0.0130 -0.0058 -0.0144 44 LEU A CA  
269 C  C   . LEU A 33 ? 0.3280 0.3182 0.4392 -0.0149 -0.0124 -0.0104 44 LEU A C   
270 O  O   . LEU A 33 ? 0.4049 0.3975 0.5130 -0.0170 -0.0253 -0.0042 44 LEU A O   
271 C  CB  . LEU A 33 ? 0.2545 0.2353 0.3526 -0.0106 -0.0059 -0.0212 44 LEU A CB  
272 C  CG  . LEU A 33 ? 0.3102 0.2824 0.4182 -0.0102 -0.0014 -0.0235 44 LEU A CG  
273 C  CD1 . LEU A 33 ? 0.2856 0.2503 0.3631 -0.0063 -0.0009 -0.0296 44 LEU A CD1 
274 C  CD2 . LEU A 33 ? 0.2806 0.2532 0.4178 -0.0162 -0.0134 -0.0172 44 LEU A CD2 
275 N  N   . LEU A 34 ? 0.2145 0.2055 0.3158 -0.0154 -0.0044 -0.0131 45 LEU A N   
276 C  CA  . LEU A 34 ? 0.2164 0.2139 0.3106 -0.0191 -0.0082 -0.0073 45 LEU A CA  
277 C  C   . LEU A 34 ? 0.2899 0.2814 0.4070 -0.0214 -0.0114 0.0011  45 LEU A C   
278 O  O   . LEU A 34 ? 0.3478 0.3430 0.4628 -0.0234 -0.0199 0.0104  45 LEU A O   
279 C  CB  . LEU A 34 ? 0.2478 0.2476 0.3321 -0.0223 -0.0016 -0.0115 45 LEU A CB  
280 C  CG  . LEU A 34 ? 0.3288 0.3341 0.4137 -0.0295 -0.0037 -0.0048 45 LEU A CG  
281 C  CD1 . LEU A 34 ? 0.3229 0.3427 0.3992 -0.0283 -0.0081 0.0044  45 LEU A CD1 
282 C  CD2 . LEU A 34 ? 0.2832 0.2926 0.3601 -0.0349 -0.0018 -0.0095 45 LEU A CD2 
283 N  N   . ASP A 35 ? 0.2669 0.2469 0.4044 -0.0194 -0.0028 -0.0010 46 ASP A N   
284 C  CA  . ASP A 35 ? 0.3570 0.3294 0.5218 -0.0179 -0.0028 0.0081  46 ASP A CA  
285 C  C   . ASP A 35 ? 0.3334 0.3162 0.5168 -0.0169 -0.0182 0.0196  46 ASP A C   
286 O  O   . ASP A 35 ? 0.3797 0.3624 0.5735 -0.0175 -0.0268 0.0315  46 ASP A O   
287 C  CB  . ASP A 35 ? 0.3856 0.3428 0.5689 -0.0124 0.0141  0.0035  46 ASP A CB  
288 C  CG  . ASP A 35 ? 0.4448 0.3820 0.6044 -0.0151 0.0262  -0.0070 46 ASP A CG  
289 O  OD1 . ASP A 35 ? 0.4579 0.3958 0.6007 -0.0228 0.0192  -0.0068 46 ASP A OD1 
290 O  OD2 . ASP A 35 ? 0.4415 0.3609 0.5981 -0.0105 0.0423  -0.0146 46 ASP A OD2 
291 N  N   . GLU A 36 ? 0.2512 0.2403 0.4378 -0.0163 -0.0231 0.0168  47 GLU A N   
292 C  CA  . GLU A 36 ? 0.3374 0.3340 0.5391 -0.0184 -0.0424 0.0264  47 GLU A CA  
293 C  C   . GLU A 36 ? 0.3337 0.3306 0.5003 -0.0225 -0.0588 0.0299  47 GLU A C   
294 O  O   . GLU A 36 ? 0.3260 0.3247 0.4994 -0.0248 -0.0769 0.0417  47 GLU A O   
295 C  CB  . GLU A 36 ? 0.2707 0.2699 0.4833 -0.0196 -0.0438 0.0216  47 GLU A CB  
296 C  CG  . GLU A 36 ? 0.3603 0.3604 0.6152 -0.0146 -0.0266 0.0238  47 GLU A CG  
297 C  CD  . GLU A 36 ? 0.3454 0.3489 0.6170 -0.0171 -0.0256 0.0220  47 GLU A CD  
298 O  OE1 . GLU A 36 ? 0.3303 0.3324 0.5802 -0.0235 -0.0412 0.0180  47 GLU A OE1 
299 O  OE2 . GLU A 36 ? 0.4018 0.4062 0.7066 -0.0122 -0.0071 0.0248  47 GLU A OE2 
300 N  N   . GLU A 37 ? 0.3355 0.3308 0.4642 -0.0225 -0.0518 0.0211  48 GLU A N   
301 C  CA  . GLU A 37 ? 0.3374 0.3313 0.4290 -0.0240 -0.0604 0.0246  48 GLU A CA  
302 C  C   . GLU A 37 ? 0.3283 0.3229 0.4237 -0.0255 -0.0608 0.0373  48 GLU A C   
303 O  O   . GLU A 37 ? 0.3791 0.3699 0.4572 -0.0271 -0.0738 0.0476  48 GLU A O   
304 C  CB  . GLU A 37 ? 0.3400 0.3352 0.3989 -0.0209 -0.0485 0.0144  48 GLU A CB  
305 C  CG  . GLU A 37 ? 0.3746 0.3683 0.3949 -0.0197 -0.0491 0.0192  48 GLU A CG  
306 C  CD  . GLU A 37 ? 0.4549 0.4326 0.4415 -0.0197 -0.0641 0.0180  48 GLU A CD  
307 O  OE1 . GLU A 37 ? 0.4355 0.4065 0.4363 -0.0235 -0.0785 0.0154  48 GLU A OE1 
308 O  OE2 . GLU A 37 ? 0.4621 0.4320 0.4069 -0.0165 -0.0613 0.0197  48 GLU A OE2 
309 N  N   . ILE A 38 ? 0.3089 0.3042 0.4230 -0.0256 -0.0473 0.0365  49 ILE A N   
310 C  CA  . ILE A 38 ? 0.3903 0.3814 0.5105 -0.0282 -0.0463 0.0485  49 ILE A CA  
311 C  C   . ILE A 38 ? 0.3594 0.3460 0.5050 -0.0263 -0.0597 0.0628  49 ILE A C   
312 O  O   . ILE A 38 ? 0.3528 0.3362 0.4879 -0.0278 -0.0689 0.0770  49 ILE A O   
313 C  CB  . ILE A 38 ? 0.3377 0.3230 0.4702 -0.0307 -0.0310 0.0423  49 ILE A CB  
314 C  CG1 . ILE A 38 ? 0.3192 0.3141 0.4293 -0.0347 -0.0233 0.0347  49 ILE A CG1 
315 C  CG2 . ILE A 38 ? 0.3120 0.2852 0.4584 -0.0337 -0.0304 0.0546  49 ILE A CG2 
316 C  CD1 . ILE A 38 ? 0.2974 0.2846 0.4148 -0.0393 -0.0135 0.0255  49 ILE A CD1 
317 N  N   . SER A 39 ? 0.2636 0.2510 0.4436 -0.0222 -0.0604 0.0612  50 SER A N   
318 C  CA  . SER A 39 ? 0.3358 0.3249 0.5511 -0.0190 -0.0741 0.0772  50 SER A CA  
319 C  C   . SER A 39 ? 0.4032 0.3968 0.5987 -0.0231 -0.1001 0.0867  50 SER A C   
320 O  O   . SER A 39 ? 0.3906 0.3828 0.5931 -0.0227 -0.1159 0.1044  50 SER A O   
321 C  CB  . SER A 39 ? 0.3554 0.3500 0.6152 -0.0136 -0.0676 0.0747  50 SER A CB  
322 O  OG  . SER A 39 ? 0.4428 0.4254 0.7160 -0.0084 -0.0432 0.0675  50 SER A OG  
323 N  N   . ARG A 40 ? 0.4373 0.4323 0.6040 -0.0268 -0.1052 0.0746  51 ARG A N   
324 C  CA  . ARG A 40 ? 0.4377 0.4279 0.5713 -0.0319 -0.1297 0.0789  51 ARG A CA  
325 C  C   . ARG A 40 ? 0.4086 0.3891 0.4966 -0.0326 -0.1318 0.0875  51 ARG A C   
326 O  O   . ARG A 40 ? 0.4187 0.3934 0.4938 -0.0350 -0.1533 0.1023  51 ARG A O   
327 C  CB  . ARG A 40 ? 0.4846 0.4701 0.5894 -0.0345 -0.1285 0.0613  51 ARG A CB  
328 C  CG  . ARG A 40 ? 0.6157 0.5913 0.6979 -0.0417 -0.1569 0.0625  51 ARG A CG  
329 C  CD  . ARG A 40 ? 0.6029 0.5770 0.6942 -0.0451 -0.1566 0.0485  51 ARG A CD  
330 N  NE  . ARG A 40 ? 0.5525 0.5242 0.6245 -0.0388 -0.1292 0.0332  51 ARG A NE  
331 C  CZ  . ARG A 40 ? 0.4583 0.4357 0.5567 -0.0370 -0.1147 0.0246  51 ARG A CZ  
332 N  NH1 . ARG A 40 ? 0.4420 0.4282 0.5893 -0.0408 -0.1213 0.0293  51 ARG A NH1 
333 N  NH2 . ARG A 40 ? 0.3944 0.3696 0.4715 -0.0311 -0.0933 0.0130  51 ARG A NH2 
334 N  N   . VAL A 41 ? 0.3937 0.3734 0.4588 -0.0309 -0.1097 0.0803  52 VAL A N   
335 C  CA  . VAL A 41 ? 0.3664 0.3393 0.3915 -0.0315 -0.1058 0.0897  52 VAL A CA  
336 C  C   . VAL A 41 ? 0.3845 0.3539 0.4283 -0.0320 -0.1132 0.1107  52 VAL A C   
337 O  O   . VAL A 41 ? 0.5062 0.4658 0.5180 -0.0332 -0.1261 0.1248  52 VAL A O   
338 C  CB  . VAL A 41 ? 0.4141 0.3940 0.4291 -0.0306 -0.0799 0.0816  52 VAL A CB  
339 C  CG1 . VAL A 41 ? 0.4617 0.4382 0.4490 -0.0320 -0.0722 0.0962  52 VAL A CG1 
340 C  CG2 . VAL A 41 ? 0.4684 0.4494 0.4572 -0.0274 -0.0728 0.0646  52 VAL A CG2 
341 N  N   . ARG A 42 ? 0.3653 0.3385 0.4575 -0.0302 -0.1045 0.1128  53 ARG A N   
342 C  CA  . ARG A 42 ? 0.4595 0.4256 0.5733 -0.0289 -0.1084 0.1325  53 ARG A CA  
343 C  C   . ARG A 42 ? 0.3992 0.3650 0.5235 -0.0270 -0.1364 0.1490  53 ARG A C   
344 O  O   . ARG A 42 ? 0.3844 0.3412 0.4940 -0.0271 -0.1478 0.1688  53 ARG A O   
345 C  CB  . ARG A 42 ? 0.4850 0.4482 0.6448 -0.0258 -0.0917 0.1283  53 ARG A CB  
346 C  CG  . ARG A 42 ? 0.4618 0.4230 0.6092 -0.0309 -0.0694 0.1146  53 ARG A CG  
347 C  CD  . ARG A 42 ? 0.4387 0.3881 0.6203 -0.0288 -0.0551 0.1079  53 ARG A CD  
348 N  NE  . ARG A 42 ? 0.5698 0.5025 0.7728 -0.0260 -0.0566 0.1255  53 ARG A NE  
349 C  CZ  . ARG A 42 ? 0.6091 0.5213 0.8168 -0.0301 -0.0437 0.1260  53 ARG A CZ  
350 N  NH1 . ARG A 42 ? 0.5864 0.4956 0.7798 -0.0389 -0.0311 0.1100  53 ARG A NH1 
351 N  NH2 . ARG A 42 ? 0.6117 0.5049 0.8388 -0.0258 -0.0451 0.1434  53 ARG A NH2 
352 N  N   . LYS A 43 ? 0.3659 0.3418 0.5157 -0.0263 -0.1487 0.1427  54 LYS A N   
353 C  CA  . LYS A 43 ? 0.4699 0.4504 0.6364 -0.0269 -0.1803 0.1590  54 LYS A CA  
354 C  C   . LYS A 43 ? 0.5204 0.4878 0.6208 -0.0334 -0.2028 0.1646  54 LYS A C   
355 O  O   . LYS A 43 ? 0.5617 0.5244 0.6573 -0.0341 -0.2274 0.1858  54 LYS A O   
356 C  CB  . LYS A 43 ? 0.4202 0.4159 0.6274 -0.0279 -0.1881 0.1503  54 LYS A CB  
357 C  CG  . LYS A 43 ? 0.5752 0.5815 0.8144 -0.0307 -0.2219 0.1685  54 LYS A CG  
358 C  CD  . LYS A 43 ? 0.6712 0.6906 0.9410 -0.0362 -0.2255 0.1567  54 LYS A CD  
359 C  CE  . LYS A 43 ? 0.8041 0.8304 1.0991 -0.0435 -0.2484 0.1686  54 LYS A CE  
360 N  NZ  . LYS A 43 ? 0.7919 0.8269 1.1148 -0.0504 -0.2510 0.1598  54 LYS A NZ  
361 N  N   . ASP A 44 ? 0.4981 0.4571 0.5453 -0.0369 -0.1934 0.1463  55 ASP A N   
362 C  CA  . ASP A 44 ? 0.5970 0.5361 0.5704 -0.0412 -0.2086 0.1483  55 ASP A CA  
363 C  C   . ASP A 44 ? 0.5956 0.5230 0.5352 -0.0391 -0.2021 0.1664  55 ASP A C   
364 O  O   . ASP A 44 ? 0.6775 0.5897 0.5790 -0.0416 -0.2262 0.1823  55 ASP A O   
365 C  CB  . ASP A 44 ? 0.7285 0.6588 0.6546 -0.0417 -0.1924 0.1247  55 ASP A CB  
366 C  CG  . ASP A 44 ? 0.8381 0.7719 0.7825 -0.0458 -0.2038 0.1085  55 ASP A CG  
367 O  OD1 . ASP A 44 ? 0.8638 0.8034 0.8414 -0.0513 -0.2323 0.1171  55 ASP A OD1 
368 O  OD2 . ASP A 44 ? 0.8577 0.7895 0.7868 -0.0436 -0.1844 0.0892  55 ASP A OD2 
369 N  N   . MSE A 45 ? 0.4954 0.4281 0.4469 -0.0360 -0.1711 0.1652  56 MSE A N   
370 C  CA  . MSE A 45 ? 0.5183 0.4405 0.4440 -0.0354 -0.1609 0.1839  56 MSE A CA  
371 C  C   . MSE A 45 ? 0.5237 0.4411 0.4749 -0.0342 -0.1827 0.2098  56 MSE A C   
372 O  O   . MSE A 45 ? 0.5740 0.4754 0.4832 -0.0349 -0.1934 0.2294  56 MSE A O   
373 C  CB  . MSE A 45 ? 0.4705 0.4021 0.4209 -0.0355 -0.1278 0.1787  56 MSE A CB  
374 C  CG  . MSE A 45 ? 0.5015 0.4410 0.4287 -0.0354 -0.1063 0.1579  56 MSE A CG  
375 SE SE  . MSE A 45 ? 0.5691 0.5255 0.5432 -0.0388 -0.0743 0.1508  56 MSE A SE  
376 C  CE  . MSE A 45 ? 0.5215 0.4648 0.4969 -0.0435 -0.0700 0.1812  56 MSE A CE  
377 N  N   . TYR A 46 ? 0.4901 0.4203 0.5096 -0.0310 -0.1885 0.2112  57 TYR A N   
378 C  CA  . TYR A 46 ? 0.6102 0.5391 0.6635 -0.0270 -0.2067 0.2347  57 TYR A CA  
379 C  C   . TYR A 46 ? 0.6769 0.6071 0.7094 -0.0303 -0.2373 0.2368  57 TYR A C   
380 O  O   . TYR A 46 ? 0.6898 0.6140 0.7144 -0.0288 -0.2491 0.2533  57 TYR A O   
381 C  CB  . TYR A 46 ? 0.5536 0.4956 0.6869 -0.0201 -0.1977 0.2334  57 TYR A CB  
382 C  CG  . TYR A 46 ? 0.6498 0.5932 0.8165 -0.0145 -0.2062 0.2510  57 TYR A CG  
383 C  CD1 . TYR A 46 ? 0.6509 0.5777 0.8037 -0.0122 -0.1973 0.2669  57 TYR A CD1 
384 C  CD2 . TYR A 46 ? 0.6721 0.6336 0.8845 -0.0122 -0.2230 0.2536  57 TYR A CD2 
385 C  CE1 . TYR A 46 ? 0.6981 0.6246 0.8794 -0.0059 -0.2058 0.2841  57 TYR A CE1 
386 C  CE2 . TYR A 46 ? 0.6369 0.6010 0.8807 -0.0064 -0.2310 0.2722  57 TYR A CE2 
387 C  CZ  . TYR A 46 ? 0.7181 0.6640 0.9448 -0.0023 -0.2229 0.2869  57 TYR A CZ  
388 O  OH  . TYR A 46 ? 0.8084 0.7558 1.0659 0.0048  -0.2310 0.3060  57 TYR A OH  
389 N  N   . ASN A 47 ? 0.6897 0.6253 0.7126 -0.0355 -0.2505 0.2205  58 ASN A N   
390 C  CA  . ASN A 47 ? 0.8104 0.7438 0.8161 -0.0417 -0.2805 0.2215  58 ASN A CA  
391 C  C   . ASN A 47 ? 0.9158 0.8229 0.8319 -0.0455 -0.2894 0.2220  58 ASN A C   
392 O  O   . ASN A 47 ? 1.0217 0.9217 0.9188 -0.0495 -0.3140 0.2295  58 ASN A O   
393 C  CB  . ASN A 47 ? 0.7829 0.7291 0.8180 -0.0479 -0.2916 0.2051  58 ASN A CB  
394 C  CG  . ASN A 47 ? 0.8270 0.7995 0.9539 -0.0436 -0.2874 0.2111  58 ASN A CG  
395 O  OD1 . ASN A 47 ? 0.8519 0.8317 1.0172 -0.0381 -0.2889 0.2290  58 ASN A OD1 
396 N  ND2 . ASN A 47 ? 0.8277 0.8124 0.9884 -0.0448 -0.2793 0.1963  58 ASN A ND2 
397 N  N   . ASP A 48 ? 0.9717 0.8637 0.8329 -0.0437 -0.2673 0.2154  59 ASP A N   
398 C  CA  . ASP A 48 ? 1.1206 0.9862 0.8967 -0.0436 -0.2655 0.2184  59 ASP A CA  
399 C  C   . ASP A 48 ? 1.1117 0.9725 0.8866 -0.0386 -0.2602 0.2435  59 ASP A C   
400 O  O   . ASP A 48 ? 1.1577 0.9991 0.8697 -0.0361 -0.2465 0.2503  59 ASP A O   
401 C  CB  . ASP A 48 ? 1.1999 1.0534 0.9228 -0.0418 -0.2378 0.2045  59 ASP A CB  
402 C  CG  . ASP A 48 ? 1.2535 1.1098 0.9801 -0.0452 -0.2401 0.1799  59 ASP A CG  
403 O  OD1 . ASP A 48 ? 1.2459 1.1084 1.0022 -0.0509 -0.2653 0.1728  59 ASP A OD1 
404 O  OD2 . ASP A 48 ? 1.2964 1.1492 0.9985 -0.0425 -0.2158 0.1689  59 ASP A OD2 
405 N  N   . THR A 49 ? 1.0325 0.9103 0.8783 -0.0362 -0.2682 0.2574  60 THR A N   
406 C  CA  . THR A 49 ? 1.0607 0.9335 0.9163 -0.0310 -0.2656 0.2814  60 THR A CA  
407 C  C   . THR A 49 ? 1.0577 0.9354 0.9328 -0.0315 -0.2986 0.2927  60 THR A C   
408 O  O   . THR A 49 ? 1.0725 0.9401 0.9323 -0.0278 -0.3059 0.3127  60 THR A O   
409 C  CB  . THR A 49 ? 0.7603 0.6449 0.6853 -0.0262 -0.2433 0.2877  60 THR A CB  
410 O  OG1 . THR A 49 ? 0.7964 0.6737 0.6975 -0.0280 -0.2135 0.2831  60 THR A OG1 
411 C  CG2 . THR A 49 ? 0.7641 0.6438 0.7153 -0.0203 -0.2450 0.3107  60 THR A CG2 
412 N  N   . LEU A 50 ? 1.0597 0.9528 0.9678 -0.0371 -0.3187 0.2809  61 LEU A N   
413 C  CA  . LEU A 50 ? 1.1868 1.0909 1.1295 -0.0395 -0.3496 0.2930  61 LEU A CA  
414 C  C   . LEU A 50 ? 1.3195 1.2073 1.1999 -0.0494 -0.3794 0.2877  61 LEU A C   
415 O  O   . LEU A 50 ? 1.3809 1.2501 1.1981 -0.0543 -0.3750 0.2692  61 LEU A O   
416 C  CB  . LEU A 50 ? 1.1129 1.0464 1.1453 -0.0398 -0.3508 0.2880  61 LEU A CB  
417 C  CG  . LEU A 50 ? 1.0075 0.9531 1.0996 -0.0298 -0.3198 0.2894  61 LEU A CG  
418 C  CD1 . LEU A 50 ? 0.9467 0.9172 1.1112 -0.0300 -0.3156 0.2790  61 LEU A CD1 
419 C  CD2 . LEU A 50 ? 1.0023 0.9471 1.1243 -0.0200 -0.3159 0.3129  61 LEU A CD2 
420 N  N   A GLY B 1  ? 0.2584 0.4121 0.6412 -0.0915 0.0198  0.0450  -2 GLY B N   
421 C  CA  A GLY B 1  ? 0.3173 0.4258 0.6248 -0.0890 0.0376  0.0368  -2 GLY B CA  
422 C  C   A GLY B 1  ? 0.5561 0.6592 0.8471 -0.0694 0.0644  0.0306  -2 GLY B C   
423 O  O   A GLY B 1  ? 0.6147 0.7349 0.9285 -0.0524 0.0591  0.0297  -2 GLY B O   
424 N  N   A SER B 2  ? 0.6336 0.7077 0.8808 -0.0739 0.0920  0.0272  -1 SER B N   
425 C  CA  A SER B 2  ? 0.6175 0.6711 0.8260 -0.0600 0.1148  0.0194  -1 SER B CA  
426 C  C   A SER B 2  ? 0.6162 0.6949 0.8738 -0.0531 0.1513  0.0179  -1 SER B C   
427 O  O   A SER B 2  ? 0.6111 0.7263 0.9377 -0.0603 0.1627  0.0243  -1 SER B O   
428 C  CB  A SER B 2  ? 0.6795 0.6873 0.8155 -0.0708 0.1245  0.0180  -1 SER B CB  
429 O  OG  A SER B 2  ? 0.7223 0.7097 0.8263 -0.0750 0.0926  0.0197  -1 SER B OG  
430 N  N   A THR B 3  ? 0.6176 0.6772 0.8442 -0.0393 0.1701  0.0090  14 THR B N   
431 N  N   B THR B 3  ? 0.3754 0.5129 0.7195 -0.0061 0.0584  0.0258  14 THR B N   
432 C  CA  A THR B 3  ? 0.5832 0.6026 0.7333 -0.0332 0.1568  0.0022  14 THR B CA  
433 C  CA  B THR B 3  ? 0.3679 0.4779 0.6709 -0.0005 0.0914  0.0157  14 THR B CA  
434 C  C   A THR B 3  ? 0.5354 0.5623 0.6937 -0.0147 0.1366  -0.0012 14 THR B C   
435 C  C   B THR B 3  ? 0.3532 0.4302 0.5879 0.0055  0.0770  0.0091  14 THR B C   
436 O  O   A THR B 3  ? 0.4991 0.5397 0.6928 -0.0022 0.1519  -0.0042 14 THR B O   
437 O  O   B THR B 3  ? 0.3184 0.3990 0.5562 0.0151  0.0568  0.0110  14 THR B O   
438 C  CB  A THR B 3  ? 0.4009 0.3809 0.4904 -0.0384 0.1894  -0.0049 14 THR B CB  
439 C  CB  B THR B 3  ? 0.3967 0.5215 0.7477 0.0145  0.1206  0.0136  14 THR B CB  
440 O  OG1 A THR B 3  ? 0.4258 0.3870 0.4861 -0.0583 0.1985  0.0010  14 THR B OG1 
441 O  OG1 B THR B 3  ? 0.4179 0.5684 0.8199 0.0087  0.1292  0.0193  14 THR B OG1 
442 C  CG2 A THR B 3  ? 0.4639 0.4087 0.4865 -0.0318 0.1730  -0.0110 14 THR B CG2 
443 C  CG2 B THR B 3  ? 0.4185 0.5066 0.7150 0.0172  0.1547  0.0010  14 THR B CG2 
444 N  N   A PRO B 4  ? 0.4612 0.4775 0.5876 -0.0129 0.1038  -0.0006 15 PRO B N   
445 N  N   B PRO B 4  ? 0.3993 0.4443 0.5735 -0.0014 0.0863  0.0028  15 PRO B N   
446 C  CA  A PRO B 4  ? 0.3892 0.4118 0.5192 0.0004  0.0823  -0.0017 15 PRO B CA  
447 C  CA  B PRO B 4  ? 0.3874 0.4056 0.5044 0.0028  0.0720  -0.0025 15 PRO B CA  
448 C  C   A PRO B 4  ? 0.3682 0.3646 0.4550 0.0079  0.0909  -0.0099 15 PRO B C   
449 C  C   B PRO B 4  ? 0.3648 0.3576 0.4448 0.0084  0.0902  -0.0107 15 PRO B C   
450 O  O   A PRO B 4  ? 0.3254 0.3071 0.3750 0.0094  0.0726  -0.0119 15 PRO B O   
451 O  O   B PRO B 4  ? 0.3589 0.3320 0.3947 0.0088  0.0765  -0.0137 15 PRO B O   
452 C  CB  A PRO B 4  ? 0.4075 0.4238 0.5123 -0.0044 0.0523  0.0005  15 PRO B CB  
453 C  CB  B PRO B 4  ? 0.4460 0.4446 0.5241 -0.0092 0.0637  -0.0017 15 PRO B CB  
454 C  CG  A PRO B 4  ? 0.4527 0.4415 0.5138 -0.0149 0.0592  -0.0008 15 PRO B CG  
455 C  CG  B PRO B 4  ? 0.4844 0.4814 0.5722 -0.0205 0.0902  0.0003  15 PRO B CG  
456 C  CD  A PRO B 4  ? 0.4943 0.4883 0.5775 -0.0242 0.0882  0.0014  15 PRO B CD  
457 C  CD  B PRO B 4  ? 0.4688 0.5031 0.6282 -0.0169 0.1023  0.0038  15 PRO B CD  
458 N  N   . ASP B 5  ? 0.4154 0.4063 0.5110 0.0120  0.1198  -0.0150 16 ASP B N   
459 C  CA  . ASP B 5  ? 0.3797 0.3383 0.4297 0.0152  0.1338  -0.0247 16 ASP B CA  
460 C  C   . ASP B 5  ? 0.4041 0.3592 0.4474 0.0245  0.1137  -0.0263 16 ASP B C   
461 O  O   . ASP B 5  ? 0.4266 0.3558 0.4204 0.0212  0.1071  -0.0315 16 ASP B O   
462 C  CB  . ASP B 5  ? 0.5375 0.4913 0.6064 0.0196  0.1724  -0.0316 16 ASP B CB  
463 C  CG  . ASP B 5  ? 0.7604 0.7096 0.8223 0.0067  0.2000  -0.0314 16 ASP B CG  
464 O  OD1 . ASP B 5  ? 0.8104 0.7216 0.8051 -0.0045 0.2075  -0.0360 16 ASP B OD1 
465 O  OD2 . ASP B 5  ? 0.8397 0.8226 0.9613 0.0056  0.2060  -0.0243 16 ASP B OD2 
466 N  N   . TYR B 6  ? 0.3826 0.3630 0.4754 0.0346  0.1030  -0.0205 17 TYR B N   
467 C  CA  . TYR B 6  ? 0.3880 0.3626 0.4737 0.0417  0.0861  -0.0202 17 TYR B CA  
468 C  C   . TYR B 6  ? 0.3887 0.3603 0.4389 0.0350  0.0610  -0.0185 17 TYR B C   
469 O  O   . TYR B 6  ? 0.3468 0.3010 0.3644 0.0336  0.0558  -0.0227 17 TYR B O   
470 C  CB  . TYR B 6  ? 0.4336 0.4327 0.5755 0.0524  0.0758  -0.0110 17 TYR B CB  
471 C  CG  . TYR B 6  ? 0.3523 0.3402 0.4850 0.0586  0.0614  -0.0088 17 TYR B CG  
472 C  CD1 . TYR B 6  ? 0.3741 0.3311 0.4746 0.0597  0.0733  -0.0178 17 TYR B CD1 
473 C  CD2 . TYR B 6  ? 0.3385 0.3427 0.4907 0.0607  0.0359  0.0028  17 TYR B CD2 
474 C  CE1 . TYR B 6  ? 0.3368 0.2814 0.4297 0.0626  0.0608  -0.0147 17 TYR B CE1 
475 C  CE2 . TYR B 6  ? 0.2948 0.2854 0.4347 0.0638  0.0244  0.0066  17 TYR B CE2 
476 C  CZ  . TYR B 6  ? 0.3328 0.2948 0.4459 0.0648  0.0376  -0.0019 17 TYR B CZ  
477 O  OH  . TYR B 6  ? 0.3002 0.2465 0.4016 0.0653  0.0270  0.0027  17 TYR B OH  
478 N  N   . LEU B 7  ? 0.3423 0.3303 0.4012 0.0304  0.0466  -0.0129 18 LEU B N   
479 C  CA  . LEU B 7  ? 0.3212 0.3062 0.3513 0.0267  0.0269  -0.0126 18 LEU B CA  
480 C  C   . LEU B 7  ? 0.3402 0.3023 0.3266 0.0218  0.0302  -0.0183 18 LEU B C   
481 O  O   . LEU B 7  ? 0.3383 0.2960 0.3053 0.0220  0.0183  -0.0198 18 LEU B O   
482 C  CB  . LEU B 7  ? 0.3296 0.3271 0.3707 0.0220  0.0145  -0.0082 18 LEU B CB  
483 C  CG  . LEU B 7  ? 0.3531 0.3451 0.3672 0.0207  -0.0020 -0.0098 18 LEU B CG  
484 C  CD1 . LEU B 7  ? 0.3261 0.3232 0.3371 0.0254  -0.0113 -0.0093 18 LEU B CD1 
485 C  CD2 . LEU B 7  ? 0.3239 0.3201 0.3442 0.0152  -0.0129 -0.0076 18 LEU B CD2 
486 N  N   . MSE B 8  ? 0.3231 0.2705 0.2944 0.0162  0.0458  -0.0205 19 MSE B N   
487 C  CA  . MSE B 8  ? 0.3907 0.3115 0.3144 0.0095  0.0447  -0.0235 19 MSE B CA  
488 C  C   . MSE B 8  ? 0.3976 0.3016 0.2977 0.0095  0.0456  -0.0294 19 MSE B C   
489 O  O   . MSE B 8  ? 0.4106 0.3048 0.2838 0.0059  0.0300  -0.0296 19 MSE B O   
490 C  CB  . MSE B 8  ? 0.3668 0.2691 0.2709 0.0009  0.0645  -0.0239 19 MSE B CB  
491 C  CG  . MSE B 8  ? 0.4664 0.3748 0.3796 -0.0044 0.0602  -0.0173 19 MSE B CG  
492 SE SE  . MSE B 8  ? 0.6210 0.5031 0.5062 -0.0194 0.0919  -0.0163 19 MSE B SE  
493 C  CE  . MSE B 8  ? 0.4928 0.3864 0.4007 -0.0270 0.0790  -0.0064 19 MSE B CE  
494 N  N   . GLN B 9  ? 0.3653 0.2651 0.2777 0.0131  0.0635  -0.0341 20 GLN B N   
495 C  CA  . GLN B 9  ? 0.3941 0.2736 0.2851 0.0122  0.0641  -0.0407 20 GLN B CA  
496 C  C   . GLN B 9  ? 0.3790 0.2736 0.2811 0.0141  0.0415  -0.0369 20 GLN B C   
497 O  O   . GLN B 9  ? 0.3569 0.2380 0.2327 0.0073  0.0306  -0.0397 20 GLN B O   
498 C  CB  . GLN B 9  ? 0.3960 0.2674 0.3065 0.0193  0.0886  -0.0463 20 GLN B CB  
499 C  CG  . GLN B 9  ? 0.4731 0.3292 0.3726 0.0166  0.1182  -0.0516 20 GLN B CG  
500 C  CD  . GLN B 9  ? 0.5370 0.4026 0.4824 0.0277  0.1409  -0.0532 20 GLN B CD  
501 O  OE1 . GLN B 9  ? 0.5437 0.4206 0.5238 0.0386  0.1342  -0.0508 20 GLN B OE1 
502 N  NE2 . GLN B 9  ? 0.5543 0.4166 0.5022 0.0243  0.1644  -0.0547 20 GLN B NE2 
503 N  N   . LEU B 10 ? 0.3283 0.2501 0.2679 0.0213  0.0342  -0.0303 21 LEU B N   
504 C  CA  . LEU B 10 ? 0.3075 0.2429 0.2549 0.0219  0.0175  -0.0263 21 LEU B CA  
505 C  C   . LEU B 10 ? 0.3451 0.2871 0.2775 0.0174  0.0024  -0.0256 21 LEU B C   
506 O  O   . LEU B 10 ? 0.3207 0.2639 0.2471 0.0131  -0.0067 -0.0259 21 LEU B O   
507 C  CB  . LEU B 10 ? 0.2791 0.2366 0.2590 0.0283  0.0122  -0.0189 21 LEU B CB  
508 C  CG  . LEU B 10 ? 0.2400 0.1961 0.2466 0.0354  0.0202  -0.0158 21 LEU B CG  
509 C  CD1 . LEU B 10 ? 0.2659 0.2436 0.3007 0.0392  0.0087  -0.0065 21 LEU B CD1 
510 C  CD2 . LEU B 10 ? 0.3161 0.2559 0.3150 0.0348  0.0195  -0.0160 21 LEU B CD2 
511 N  N   . MSE B 11 ? 0.2985 0.2454 0.2297 0.0185  -0.0001 -0.0240 22 MSE B N   
512 C  CA  . MSE B 11 ? 0.3332 0.2839 0.2551 0.0179  -0.0138 -0.0228 22 MSE B CA  
513 C  C   . MSE B 11 ? 0.3757 0.3079 0.2689 0.0108  -0.0207 -0.0244 22 MSE B C   
514 O  O   . MSE B 11 ? 0.3593 0.2997 0.2549 0.0104  -0.0356 -0.0226 22 MSE B O   
515 C  CB  . MSE B 11 ? 0.3005 0.2521 0.2247 0.0204  -0.0144 -0.0206 22 MSE B CB  
516 C  CG  . MSE B 11 ? 0.3740 0.3433 0.3220 0.0249  -0.0153 -0.0190 22 MSE B CG  
517 SE SE  . MSE B 11 ? 0.3928 0.3589 0.3419 0.0250  -0.0200 -0.0178 22 MSE B SE  
518 C  CE  . MSE B 11 ? 0.4054 0.3665 0.3420 0.0316  -0.0325 -0.0197 22 MSE B CE  
519 N  N   . ASN B 12 ? 0.3640 0.2703 0.2305 0.0046  -0.0098 -0.0280 23 ASN B N   
520 C  CA  . ASN B 12 ? 0.4107 0.2923 0.2401 -0.0057 -0.0182 -0.0303 23 ASN B CA  
521 C  C   . ASN B 12 ? 0.3772 0.2627 0.2121 -0.0104 -0.0265 -0.0328 23 ASN B C   
522 O  O   . ASN B 12 ? 0.3856 0.2696 0.2102 -0.0181 -0.0460 -0.0311 23 ASN B O   
523 C  CB  . ASN B 12 ? 0.4902 0.3369 0.2809 -0.0128 0.0005  -0.0359 23 ASN B CB  
524 C  CG  . ASN B 12 ? 0.5964 0.4298 0.3645 -0.0157 0.0022  -0.0313 23 ASN B CG  
525 O  OD1 . ASN B 12 ? 0.6369 0.4796 0.4105 -0.0132 -0.0167 -0.0240 23 ASN B OD1 
526 N  ND2 . ASN B 12 ? 0.5640 0.3740 0.3082 -0.0206 0.0266  -0.0354 23 ASN B ND2 
527 N  N   . ASP B 13 ? 0.2730 0.1629 0.1267 -0.0068 -0.0137 -0.0355 24 ASP B N   
528 C  CA  . ASP B 13 ? 0.3357 0.2278 0.1971 -0.0122 -0.0197 -0.0365 24 ASP B CA  
529 C  C   . ASP B 13 ? 0.3421 0.2680 0.2320 -0.0117 -0.0359 -0.0300 24 ASP B C   
530 O  O   . ASP B 13 ? 0.3044 0.2347 0.1965 -0.0214 -0.0486 -0.0292 24 ASP B O   
531 C  CB  . ASP B 13 ? 0.3959 0.2878 0.2775 -0.0054 -0.0045 -0.0369 24 ASP B CB  
532 C  CG  . ASP B 13 ? 0.4660 0.3213 0.3250 -0.0067 0.0131  -0.0455 24 ASP B CG  
533 O  OD1 . ASP B 13 ? 0.4539 0.2810 0.2739 -0.0146 0.0162  -0.0525 24 ASP B OD1 
534 O  OD2 . ASP B 13 ? 0.4546 0.3059 0.3330 0.0007  0.0241  -0.0452 24 ASP B OD2 
535 N  N   . LYS B 14 ? 0.3323 0.2815 0.2451 -0.0012 -0.0339 -0.0259 25 LYS B N   
536 C  CA  . LYS B 14 ? 0.3141 0.2935 0.2538 0.0019  -0.0422 -0.0219 25 LYS B CA  
537 C  C   . LYS B 14 ? 0.2952 0.2807 0.2354 -0.0001 -0.0594 -0.0201 25 LYS B C   
538 O  O   . LYS B 14 ? 0.3255 0.3311 0.2873 -0.0047 -0.0690 -0.0177 25 LYS B O   
539 C  CB  . LYS B 14 ? 0.2563 0.2498 0.2102 0.0128  -0.0350 -0.0204 25 LYS B CB  
540 C  CG  . LYS B 14 ? 0.2910 0.3098 0.2664 0.0183  -0.0385 -0.0192 25 LYS B CG  
541 C  CD  . LYS B 14 ? 0.2746 0.3120 0.2676 0.0119  -0.0368 -0.0173 25 LYS B CD  
542 C  CE  . LYS B 14 ? 0.2493 0.3122 0.2649 0.0192  -0.0318 -0.0179 25 LYS B CE  
543 N  NZ  . LYS B 14 ? 0.2608 0.3410 0.2907 0.0116  -0.0230 -0.0155 25 LYS B NZ  
544 N  N   . LYS B 15 ? 0.2836 0.2513 0.2021 0.0019  -0.0643 -0.0197 26 LYS B N   
545 C  CA  . LYS B 15 ? 0.3132 0.2807 0.2286 -0.0002 -0.0856 -0.0153 26 LYS B CA  
546 C  C   . LYS B 15 ? 0.3232 0.2822 0.2260 -0.0155 -0.1002 -0.0154 26 LYS B C   
547 O  O   . LYS B 15 ? 0.3397 0.3165 0.2635 -0.0184 -0.1211 -0.0102 26 LYS B O   
548 C  CB  . LYS B 15 ? 0.3965 0.3355 0.2779 0.0006  -0.0886 -0.0133 26 LYS B CB  
549 C  CG  . LYS B 15 ? 0.5524 0.4982 0.4481 0.0140  -0.0841 -0.0109 26 LYS B CG  
550 C  CD  . LYS B 15 ? 0.6785 0.5938 0.5402 0.0119  -0.0931 -0.0055 26 LYS B CD  
551 C  CE  . LYS B 15 ? 0.8568 0.7707 0.7274 0.0222  -0.0864 -0.0041 26 LYS B CE  
552 N  NZ  . LYS B 15 ? 0.8931 0.8083 0.7658 0.0212  -0.0637 -0.0095 26 LYS B NZ  
553 N  N   . LEU B 16 ? 0.3471 0.2780 0.2181 -0.0256 -0.0902 -0.0215 27 LEU B N   
554 C  CA  . LEU B 16 ? 0.3672 0.2808 0.2171 -0.0431 -0.1046 -0.0235 27 LEU B CA  
555 C  C   . LEU B 16 ? 0.3809 0.3269 0.2734 -0.0482 -0.1105 -0.0211 27 LEU B C   
556 O  O   . LEU B 16 ? 0.3641 0.3205 0.2684 -0.0593 -0.1308 -0.0172 27 LEU B O   
557 C  CB  . LEU B 16 ? 0.3984 0.2701 0.2053 -0.0501 -0.0860 -0.0322 27 LEU B CB  
558 C  CG  . LEU B 16 ? 0.5096 0.3572 0.2923 -0.0661 -0.0926 -0.0347 27 LEU B CG  
559 C  CD1 . LEU B 16 ? 0.5548 0.4049 0.3325 -0.0728 -0.1163 -0.0264 27 LEU B CD1 
560 C  CD2 . LEU B 16 ? 0.4492 0.2540 0.1897 -0.0675 -0.0688 -0.0434 27 LEU B CD2 
561 N  N   . MSE B 17 ? 0.3453 0.3089 0.2637 -0.0403 -0.0911 -0.0217 28 MSE B N   
562 C  CA  A MSE B 17 ? 0.3619 0.3556 0.3185 -0.0459 -0.0912 -0.0182 28 MSE B CA  
563 C  CA  B MSE B 17 ? 0.3576 0.3514 0.3142 -0.0460 -0.0914 -0.0182 28 MSE B CA  
564 C  C   . MSE B 17 ? 0.3308 0.3669 0.3323 -0.0414 -0.1041 -0.0118 28 MSE B C   
565 O  O   . MSE B 17 ? 0.3257 0.3844 0.3563 -0.0532 -0.1157 -0.0081 28 MSE B O   
566 C  CB  A MSE B 17 ? 0.3180 0.3187 0.2860 -0.0373 -0.0688 -0.0181 28 MSE B CB  
567 C  CB  B MSE B 17 ? 0.3252 0.3258 0.2933 -0.0377 -0.0691 -0.0180 28 MSE B CB  
568 C  CG  A MSE B 17 ? 0.3769 0.3442 0.3203 -0.0437 -0.0584 -0.0216 28 MSE B CG  
569 C  CG  B MSE B 17 ? 0.3620 0.3277 0.3030 -0.0420 -0.0577 -0.0220 28 MSE B CG  
570 SE SE  A MSE B 17 ? 0.6600 0.6188 0.6059 -0.0690 -0.0684 -0.0207 28 MSE B SE  
571 SE SE  B MSE B 17 ? 0.5680 0.5449 0.5299 -0.0418 -0.0423 -0.0156 28 MSE B SE  
572 C  CE  A MSE B 17 ? 0.4530 0.4371 0.4302 -0.0672 -0.0513 -0.0117 28 MSE B CE  
573 C  CE  B MSE B 17 ? 0.4664 0.4525 0.4441 -0.0665 -0.0533 -0.0123 28 MSE B CE  
574 N  N   . SER B 18 ? 0.2758 0.3222 0.2863 -0.0242 -0.1013 -0.0106 29 SER B N   
575 C  CA  . SER B 18 ? 0.3000 0.3833 0.3560 -0.0149 -0.1108 -0.0056 29 SER B CA  
576 C  C   . SER B 18 ? 0.3881 0.4727 0.4492 -0.0245 -0.1415 0.0001  29 SER B C   
577 O  O   . SER B 18 ? 0.4675 0.5886 0.5778 -0.0232 -0.1508 0.0055  29 SER B O   
578 C  CB  . SER B 18 ? 0.2791 0.3596 0.3335 0.0047  -0.1040 -0.0065 29 SER B CB  
579 O  OG  . SER B 18 ? 0.3258 0.4021 0.3707 0.0106  -0.0802 -0.0112 29 SER B OG  
580 N  N   . SER B 19 ? 0.3093 0.3518 0.3170 -0.0335 -0.1501 -0.0015 30 SER B N   
581 C  CA  . SER B 19 ? 0.2900 0.3230 0.2879 -0.0412 -0.1691 0.0037  30 SER B CA  
582 C  C   . SER B 19 ? 0.3740 0.4152 0.3840 -0.0599 -0.1782 0.0037  30 SER B C   
583 O  O   . SER B 19 ? 0.3880 0.4317 0.4039 -0.0675 -0.1976 0.0091  30 SER B O   
584 C  CB  . SER B 19 ? 0.3824 0.3644 0.3155 -0.0458 -0.1680 0.0014  30 SER B CB  
585 O  OG  . SER B 19 ? 0.4743 0.4470 0.3963 -0.0313 -0.1604 0.0028  30 SER B OG  
586 N  N   . LEU B 20 ? 0.3595 0.4010 0.3707 -0.0690 -0.1656 -0.0017 31 LEU B N   
587 C  CA  . LEU B 20 ? 0.5125 0.5548 0.5305 -0.0894 -0.1723 -0.0020 31 LEU B CA  
588 C  C   . LEU B 20 ? 0.5027 0.5885 0.5766 -0.0937 -0.1624 0.0006  31 LEU B C   
589 O  O   . LEU B 20 ? 0.4689 0.5404 0.5304 -0.1060 -0.1511 -0.0026 31 LEU B O   
590 C  CB  . LEU B 20 ? 0.4764 0.4642 0.4325 -0.1018 -0.1649 -0.0106 31 LEU B CB  
591 C  CG  . LEU B 20 ? 0.5063 0.4501 0.4056 -0.1005 -0.1686 -0.0130 31 LEU B CG  
592 C  CD1 . LEU B 20 ? 0.5206 0.4149 0.3665 -0.1050 -0.1495 -0.0235 31 LEU B CD1 
593 C  CD2 . LEU B 20 ? 0.5471 0.4870 0.4424 -0.1131 -0.1933 -0.0074 31 LEU B CD2 
594 N  N   . PRO B 21 ? 0.5098 0.6461 0.6447 -0.0836 -0.1636 0.0068  32 PRO B N   
595 C  CA  . PRO B 21 ? 0.4578 0.6385 0.6480 -0.0863 -0.1466 0.0098  32 PRO B CA  
596 C  C   . PRO B 21 ? 0.3880 0.5685 0.5849 -0.1117 -0.1472 0.0109  32 PRO B C   
597 O  O   . PRO B 21 ? 0.3903 0.5829 0.6022 -0.1200 -0.1276 0.0127  32 PRO B O   
598 C  CB  . PRO B 21 ? 0.4236 0.6514 0.6727 -0.0703 -0.1486 0.0142  32 PRO B CB  
599 C  CG  . PRO B 21 ? 0.5116 0.7201 0.7396 -0.0698 -0.1758 0.0168  32 PRO B CG  
600 C  CD  . PRO B 21 ? 0.5207 0.6733 0.6759 -0.0700 -0.1785 0.0119  32 PRO B CD  
601 N  N   . ASN B 22 ? 0.3977 0.5616 0.5801 -0.1249 -0.1685 0.0108  33 ASN B N   
602 C  CA  . ASN B 22 ? 0.4711 0.6287 0.6561 -0.1496 -0.1708 0.0112  33 ASN B CA  
603 C  C   . ASN B 22 ? 0.5554 0.6604 0.6840 -0.1612 -0.1605 0.0055  33 ASN B C   
604 O  O   . ASN B 22 ? 0.5357 0.6396 0.6731 -0.1772 -0.1495 0.0072  33 ASN B O   
605 C  CB  . ASN B 22 ? 0.5823 0.7328 0.7631 -0.1615 -0.1984 0.0129  33 ASN B CB  
606 C  CG  . ASN B 22 ? 0.6354 0.8420 0.8831 -0.1542 -0.2090 0.0202  33 ASN B CG  
607 O  OD1 . ASN B 22 ? 0.5875 0.8411 0.8902 -0.1426 -0.1910 0.0226  33 ASN B OD1 
608 N  ND2 . ASN B 22 ? 0.7106 0.9110 0.9534 -0.1608 -0.2374 0.0240  33 ASN B ND2 
609 N  N   . PHE B 23 ? 0.5204 0.5797 0.5910 -0.1526 -0.1618 -0.0013 34 PHE B N   
610 C  CA  . PHE B 23 ? 0.5046 0.5126 0.5240 -0.1581 -0.1483 -0.0084 34 PHE B CA  
611 C  C   . PHE B 23 ? 0.4038 0.4259 0.4393 -0.1507 -0.1253 -0.0056 34 PHE B C   
612 O  O   . PHE B 23 ? 0.4321 0.4346 0.4580 -0.1591 -0.1109 -0.0049 34 PHE B O   
613 C  CB  . PHE B 23 ? 0.5491 0.5088 0.5076 -0.1480 -0.1492 -0.0169 34 PHE B CB  
614 C  CG  . PHE B 23 ? 0.5598 0.4695 0.4732 -0.1467 -0.1299 -0.0256 34 PHE B CG  
615 C  CD1 . PHE B 23 ? 0.6440 0.5126 0.5282 -0.1603 -0.1271 -0.0306 34 PHE B CD1 
616 C  CD2 . PHE B 23 ? 0.5807 0.4846 0.4841 -0.1286 -0.1131 -0.0285 34 PHE B CD2 
617 C  CE1 . PHE B 23 ? 0.6791 0.5015 0.5284 -0.1544 -0.1072 -0.0385 34 PHE B CE1 
618 C  CE2 . PHE B 23 ? 0.5882 0.4505 0.4606 -0.1212 -0.0921 -0.0351 34 PHE B CE2 
619 C  CZ  . PHE B 23 ? 0.6059 0.4239 0.4503 -0.1360 -0.0908 -0.0411 34 PHE B CZ  
620 N  N   . SER B 24 ? 0.3410 0.3928 0.3966 -0.1273 -0.1155 -0.0036 35 SER B N   
621 C  CA  . SER B 24 ? 0.3819 0.4428 0.4436 -0.1118 -0.0880 -0.0017 35 SER B CA  
622 C  C   . SER B 24 ? 0.4159 0.5073 0.5151 -0.1243 -0.0754 0.0060  35 SER B C   
623 O  O   . SER B 24 ? 0.4033 0.4818 0.4890 -0.1233 -0.0562 0.0089  35 SER B O   
624 C  CB  . SER B 24 ? 0.4384 0.5234 0.5138 -0.0875 -0.0825 -0.0021 35 SER B CB  
625 O  OG  . SER B 24 ? 0.5043 0.6025 0.5883 -0.0772 -0.0588 0.0002  35 SER B OG  
626 N  N   . GLY B 25 ? 0.3845 0.5160 0.5312 -0.1377 -0.0874 0.0107  36 GLY B N   
627 C  CA  . GLY B 25 ? 0.3958 0.5651 0.5870 -0.1504 -0.0719 0.0184  36 GLY B CA  
628 C  C   . GLY B 25 ? 0.4153 0.5606 0.5943 -0.1784 -0.0706 0.0226  36 GLY B C   
629 O  O   . GLY B 25 ? 0.4582 0.6307 0.6690 -0.1917 -0.0541 0.0303  36 GLY B O   
630 N  N   . ILE B 26 ? 0.3964 0.4876 0.5277 -0.1882 -0.0854 0.0174  37 ILE B N   
631 C  CA  . ILE B 26 ? 0.4202 0.4780 0.5340 -0.2120 -0.0830 0.0203  37 ILE B CA  
632 C  C   . ILE B 26 ? 0.4052 0.4198 0.4775 -0.2043 -0.0627 0.0222  37 ILE B C   
633 O  O   . ILE B 26 ? 0.4645 0.4439 0.5184 -0.2226 -0.0598 0.0264  37 ILE B O   
634 C  CB  . ILE B 26 ? 0.4732 0.4892 0.5549 -0.2209 -0.1045 0.0117  37 ILE B CB  
635 C  CG1 . ILE B 26 ? 0.4261 0.3902 0.4501 -0.2069 -0.1084 0.0010  37 ILE B CG1 
636 C  CG2 . ILE B 26 ? 0.4956 0.5503 0.6143 -0.2242 -0.1252 0.0114  37 ILE B CG2 
637 C  CD1 . ILE B 26 ? 0.4999 0.4231 0.4861 -0.2143 -0.1255 -0.0082 37 ILE B CD1 
638 N  N   . PHE B 27 ? 0.3874 0.4031 0.4459 -0.1763 -0.0509 0.0200  38 PHE B N   
639 C  CA  . PHE B 27 ? 0.4636 0.4456 0.4894 -0.1642 -0.0350 0.0236  38 PHE B CA  
640 C  C   . PHE B 27 ? 0.4864 0.5007 0.5278 -0.1580 -0.0150 0.0325  38 PHE B C   
641 O  O   . PHE B 27 ? 0.4086 0.4695 0.4814 -0.1503 -0.0098 0.0310  38 PHE B O   
642 C  CB  . PHE B 27 ? 0.3567 0.3133 0.3538 -0.1392 -0.0372 0.0148  38 PHE B CB  
643 C  CG  . PHE B 27 ? 0.4216 0.3392 0.3923 -0.1437 -0.0512 0.0039  38 PHE B CG  
644 C  CD1 . PHE B 27 ? 0.4357 0.2982 0.3755 -0.1509 -0.0499 0.0017  38 PHE B CD1 
645 C  CD2 . PHE B 27 ? 0.4061 0.3368 0.3783 -0.1412 -0.0652 -0.0042 38 PHE B CD2 
646 C  CE1 . PHE B 27 ? 0.4827 0.3031 0.3908 -0.1557 -0.0589 -0.0110 38 PHE B CE1 
647 C  CE2 . PHE B 27 ? 0.4789 0.3675 0.4155 -0.1480 -0.0768 -0.0148 38 PHE B CE2 
648 C  CZ  . PHE B 27 ? 0.5229 0.3557 0.4261 -0.1557 -0.0719 -0.0195 38 PHE B CZ  
649 N  N   . ASN B 28 ? 0.4905 0.4751 0.5060 -0.1609 -0.0040 0.0418  39 ASN B N   
650 C  CA  . ASN B 28 ? 0.4736 0.4763 0.4873 -0.1585 0.0151  0.0510  39 ASN B CA  
651 C  C   . ASN B 28 ? 0.4739 0.4794 0.4724 -0.1318 0.0177  0.0468  39 ASN B C   
652 O  O   . ASN B 28 ? 0.4229 0.4583 0.4289 -0.1255 0.0313  0.0465  39 ASN B O   
653 C  CB  . ASN B 28 ? 0.6081 0.5689 0.5897 -0.1719 0.0210  0.0650  39 ASN B CB  
654 C  CG  . ASN B 28 ? 0.6984 0.6566 0.6930 -0.2033 0.0235  0.0724  39 ASN B CG  
655 O  OD1 . ASN B 28 ? 0.7789 0.7794 0.8042 -0.2183 0.0374  0.0758  39 ASN B OD1 
656 N  ND2 . ASN B 28 ? 0.6789 0.5857 0.6519 -0.2138 0.0121  0.0750  39 ASN B ND2 
657 N  N   . HIS B 29 ? 0.4316 0.4042 0.4089 -0.1169 0.0062  0.0428  40 HIS B N   
658 C  CA  . HIS B 29 ? 0.3749 0.3422 0.3352 -0.0959 0.0071  0.0429  40 HIS B CA  
659 C  C   . HIS B 29 ? 0.4018 0.3652 0.3644 -0.0773 -0.0025 0.0318  40 HIS B C   
660 O  O   . HIS B 29 ? 0.4103 0.3751 0.3659 -0.0612 -0.0030 0.0310  40 HIS B O   
661 C  CB  . HIS B 29 ? 0.3725 0.2996 0.3039 -0.0967 0.0056  0.0559  40 HIS B CB  
662 C  CG  . HIS B 29 ? 0.3889 0.3134 0.3067 -0.1160 0.0165  0.0692  40 HIS B CG  
663 N  ND1 . HIS B 29 ? 0.4381 0.3879 0.3494 -0.1184 0.0307  0.0715  40 HIS B ND1 
664 C  CD2 . HIS B 29 ? 0.4014 0.2973 0.3072 -0.1353 0.0175  0.0808  40 HIS B CD2 
665 C  CE1 . HIS B 29 ? 0.5197 0.4586 0.4146 -0.1391 0.0420  0.0843  40 HIS B CE1 
666 N  NE2 . HIS B 29 ? 0.4878 0.3943 0.3801 -0.1502 0.0330  0.0912  40 HIS B NE2 
667 N  N   . LEU B 30 ? 0.4223 0.3786 0.3916 -0.0818 -0.0104 0.0236  41 LEU B N   
668 C  CA  . LEU B 30 ? 0.3998 0.3398 0.3609 -0.0673 -0.0163 0.0141  41 LEU B CA  
669 C  C   . LEU B 30 ? 0.3849 0.3520 0.3543 -0.0515 -0.0162 0.0087  41 LEU B C   
670 O  O   . LEU B 30 ? 0.3447 0.3021 0.3071 -0.0369 -0.0154 0.0071  41 LEU B O   
671 C  CB  . LEU B 30 ? 0.4485 0.3714 0.4043 -0.0789 -0.0247 0.0056  41 LEU B CB  
672 C  CG  . LEU B 30 ? 0.5395 0.4291 0.4745 -0.0679 -0.0251 -0.0044 41 LEU B CG  
673 C  CD1 . LEU B 30 ? 0.5440 0.4042 0.4721 -0.0555 -0.0170 -0.0001 41 LEU B CD1 
674 C  CD2 . LEU B 30 ? 0.5294 0.3900 0.4459 -0.0845 -0.0332 -0.0131 41 LEU B CD2 
675 N  N   . GLU B 31 ? 0.3676 0.3689 0.3559 -0.0543 -0.0170 0.0066  42 GLU B N   
676 C  CA  . GLU B 31 ? 0.3368 0.3568 0.3312 -0.0392 -0.0176 0.0016  42 GLU B CA  
677 C  C   . GLU B 31 ? 0.2795 0.3030 0.2663 -0.0287 -0.0095 0.0050  42 GLU B C   
678 O  O   . GLU B 31 ? 0.3552 0.3767 0.3370 -0.0163 -0.0115 0.0012  42 GLU B O   
679 C  CB  . GLU B 31 ? 0.3925 0.4466 0.4142 -0.0415 -0.0215 -0.0009 42 GLU B CB  
680 C  CG  . GLU B 31 ? 0.3947 0.4550 0.4173 -0.0263 -0.0272 -0.0066 42 GLU B CG  
681 C  CD  . GLU B 31 ? 0.4488 0.5367 0.5007 -0.0268 -0.0372 -0.0075 42 GLU B CD  
682 O  OE1 . GLU B 31 ? 0.4175 0.5199 0.4901 -0.0410 -0.0429 -0.0045 42 GLU B OE1 
683 O  OE2 . GLU B 31 ? 0.4416 0.5362 0.4982 -0.0136 -0.0414 -0.0102 42 GLU B OE2 
684 N  N   . ARG B 32 ? 0.3167 0.3422 0.2987 -0.0364 -0.0012 0.0124  43 ARG B N   
685 C  CA  . ARG B 32 ? 0.2632 0.2859 0.2277 -0.0300 0.0036  0.0160  43 ARG B CA  
686 C  C   . ARG B 32 ? 0.2653 0.2617 0.2163 -0.0221 -0.0057 0.0200  43 ARG B C   
687 O  O   . ARG B 32 ? 0.3969 0.3939 0.3421 -0.0127 -0.0094 0.0187  43 ARG B O   
688 C  CB  . ARG B 32 ? 0.3163 0.3401 0.2690 -0.0430 0.0153  0.0243  43 ARG B CB  
689 C  CG  . ARG B 32 ? 0.3592 0.3717 0.2809 -0.0408 0.0183  0.0290  43 ARG B CG  
690 C  CD  . ARG B 32 ? 0.3456 0.3530 0.2464 -0.0572 0.0322  0.0382  43 ARG B CD  
691 N  NE  . ARG B 32 ? 0.4579 0.4434 0.3542 -0.0698 0.0273  0.0503  43 ARG B NE  
692 C  CZ  . ARG B 32 ? 0.4902 0.4420 0.3645 -0.0692 0.0137  0.0618  43 ARG B CZ  
693 N  NH1 . ARG B 32 ? 0.4470 0.3878 0.3057 -0.0576 0.0013  0.0638  43 ARG B NH1 
694 N  NH2 . ARG B 32 ? 0.5605 0.4891 0.4322 -0.0800 0.0108  0.0720  43 ARG B NH2 
695 N  N   . LEU B 33 ? 0.3520 0.3254 0.3016 -0.0258 -0.0096 0.0247  44 LEU B N   
696 C  CA  . LEU B 33 ? 0.3331 0.2850 0.2819 -0.0155 -0.0166 0.0284  44 LEU B CA  
697 C  C   . LEU B 33 ? 0.3547 0.3144 0.3150 -0.0033 -0.0177 0.0186  44 LEU B C   
698 O  O   . LEU B 33 ? 0.3019 0.2607 0.2680 0.0061  -0.0220 0.0211  44 LEU B O   
699 C  CB  . LEU B 33 ? 0.3421 0.2642 0.2904 -0.0195 -0.0172 0.0319  44 LEU B CB  
700 C  CG  . LEU B 33 ? 0.4565 0.3623 0.3906 -0.0326 -0.0174 0.0448  44 LEU B CG  
701 C  CD1 . LEU B 33 ? 0.4219 0.2913 0.3547 -0.0360 -0.0185 0.0471  44 LEU B CD1 
702 C  CD2 . LEU B 33 ? 0.5687 0.4697 0.4890 -0.0293 -0.0243 0.0584  44 LEU B CD2 
703 N  N   . LEU B 34 ? 0.3250 0.2923 0.2889 -0.0054 -0.0150 0.0088  45 LEU B N   
704 C  CA  . LEU B 34 ? 0.3194 0.2908 0.2874 0.0034  -0.0150 0.0010  45 LEU B CA  
705 C  C   . LEU B 34 ? 0.2982 0.2886 0.2680 0.0091  -0.0170 0.0009  45 LEU B C   
706 O  O   . LEU B 34 ? 0.2897 0.2793 0.2637 0.0163  -0.0186 0.0004  45 LEU B O   
707 C  CB  . LEU B 34 ? 0.3130 0.2832 0.2766 -0.0021 -0.0158 -0.0072 45 LEU B CB  
708 C  CG  . LEU B 34 ? 0.3216 0.2914 0.2809 0.0042  -0.0161 -0.0136 45 LEU B CG  
709 C  CD1 . LEU B 34 ? 0.3088 0.2617 0.2682 0.0118  -0.0081 -0.0149 45 LEU B CD1 
710 C  CD2 . LEU B 34 ? 0.2505 0.2136 0.1978 -0.0042 -0.0221 -0.0191 45 LEU B CD2 
711 N  N   . ASP B 35 ? 0.2971 0.3035 0.2648 0.0052  -0.0154 0.0007  46 ASP B N   
712 C  CA  . ASP B 35 ? 0.3001 0.3170 0.2635 0.0104  -0.0152 -0.0017 46 ASP B CA  
713 C  C   . ASP B 35 ? 0.3246 0.3314 0.2779 0.0117  -0.0207 0.0046  46 ASP B C   
714 O  O   . ASP B 35 ? 0.3440 0.3510 0.2955 0.0163  -0.0255 0.0023  46 ASP B O   
715 C  CB  . ASP B 35 ? 0.2641 0.2965 0.2265 0.0065  -0.0069 -0.0034 46 ASP B CB  
716 C  CG  . ASP B 35 ? 0.3617 0.4116 0.3449 0.0073  -0.0056 -0.0088 46 ASP B CG  
717 O  OD1 . ASP B 35 ? 0.3780 0.4240 0.3660 0.0117  -0.0133 -0.0120 46 ASP B OD1 
718 O  OD2 . ASP B 35 ? 0.3890 0.4568 0.3843 0.0030  0.0028  -0.0089 46 ASP B OD2 
719 N  N   . GLU B 36 ? 0.3517 0.3478 0.2979 0.0064  -0.0227 0.0141  47 GLU B N   
720 C  CA  . GLU B 36 ? 0.3329 0.3184 0.2681 0.0063  -0.0333 0.0233  47 GLU B CA  
721 C  C   . GLU B 36 ? 0.3540 0.3378 0.3121 0.0147  -0.0421 0.0255  47 GLU B C   
722 O  O   . GLU B 36 ? 0.3789 0.3641 0.3372 0.0159  -0.0534 0.0290  47 GLU B O   
723 C  CB  . GLU B 36 ? 0.3225 0.2929 0.2419 -0.0020 -0.0351 0.0355  47 GLU B CB  
724 C  CG  . GLU B 36 ? 0.3018 0.2761 0.1962 -0.0125 -0.0234 0.0343  47 GLU B CG  
725 C  CD  . GLU B 36 ? 0.4542 0.4098 0.3251 -0.0242 -0.0238 0.0482  47 GLU B CD  
726 O  OE1 . GLU B 36 ? 0.5338 0.4707 0.4089 -0.0225 -0.0363 0.0597  47 GLU B OE1 
727 O  OE2 . GLU B 36 ? 0.4753 0.4334 0.3247 -0.0348 -0.0099 0.0480  47 GLU B OE2 
728 N  N   . GLU B 37 ? 0.2840 0.2641 0.2611 0.0194  -0.0359 0.0228  48 GLU B N   
729 C  CA  . GLU B 37 ? 0.2698 0.2503 0.2734 0.0282  -0.0371 0.0233  48 GLU B CA  
730 C  C   . GLU B 37 ? 0.3192 0.3126 0.3280 0.0298  -0.0361 0.0159  48 GLU B C   
731 O  O   . GLU B 37 ? 0.3641 0.3647 0.3929 0.0327  -0.0424 0.0195  48 GLU B O   
732 C  CB  . GLU B 37 ? 0.2861 0.2531 0.2998 0.0321  -0.0251 0.0186  48 GLU B CB  
733 C  CG  . GLU B 37 ? 0.2754 0.2439 0.3172 0.0415  -0.0177 0.0158  48 GLU B CG  
734 C  CD  . GLU B 37 ? 0.3288 0.2971 0.4024 0.0503  -0.0255 0.0276  48 GLU B CD  
735 O  OE1 . GLU B 37 ? 0.3501 0.3153 0.4171 0.0477  -0.0411 0.0392  48 GLU B OE1 
736 O  OE2 . GLU B 37 ? 0.3591 0.3298 0.4650 0.0599  -0.0156 0.0260  48 GLU B OE2 
737 N  N   . ILE B 38 ? 0.2724 0.2689 0.2660 0.0270  -0.0296 0.0068  49 ILE B N   
738 C  CA  . ILE B 38 ? 0.2674 0.2699 0.2611 0.0279  -0.0293 0.0008  49 ILE B CA  
739 C  C   . ILE B 38 ? 0.3083 0.3145 0.2962 0.0254  -0.0407 0.0035  49 ILE B C   
740 O  O   . ILE B 38 ? 0.3115 0.3209 0.3119 0.0250  -0.0452 0.0040  49 ILE B O   
741 C  CB  . ILE B 38 ? 0.2298 0.2329 0.2095 0.0270  -0.0245 -0.0071 49 ILE B CB  
742 C  CG1 . ILE B 38 ? 0.2904 0.2850 0.2697 0.0262  -0.0176 -0.0101 49 ILE B CG1 
743 C  CG2 . ILE B 38 ? 0.3097 0.3129 0.2859 0.0284  -0.0264 -0.0116 49 ILE B CG2 
744 C  CD1 . ILE B 38 ? 0.2544 0.2498 0.2228 0.0244  -0.0190 -0.0153 49 ILE B CD1 
745 N  N   . SER B 39 ? 0.2772 0.2805 0.2431 0.0215  -0.0442 0.0048  50 SER B N   
746 C  CA  . SER B 39 ? 0.3201 0.3186 0.2680 0.0166  -0.0554 0.0061  50 SER B CA  
747 C  C   . SER B 39 ? 0.3367 0.3358 0.3005 0.0144  -0.0722 0.0171  50 SER B C   
748 O  O   . SER B 39 ? 0.4370 0.4361 0.4017 0.0100  -0.0841 0.0171  50 SER B O   
749 C  CB  . SER B 39 ? 0.3748 0.3657 0.2902 0.0114  -0.0519 0.0063  50 SER B CB  
750 O  OG  . SER B 39 ? 0.5044 0.5008 0.4158 0.0145  -0.0367 -0.0038 50 SER B OG  
751 N  N   . ARG B 40 ? 0.2505 0.2494 0.2297 0.0173  -0.0747 0.0271  51 ARG B N   
752 C  CA  . ARG B 40 ? 0.3161 0.3191 0.3236 0.0189  -0.0918 0.0398  51 ARG B CA  
753 C  C   . ARG B 40 ? 0.3172 0.3365 0.3663 0.0228  -0.0894 0.0373  51 ARG B C   
754 O  O   . ARG B 40 ? 0.3217 0.3501 0.3899 0.0187  -0.1065 0.0437  51 ARG B O   
755 C  CB  . ARG B 40 ? 0.3726 0.3686 0.3946 0.0251  -0.0899 0.0493  51 ARG B CB  
756 C  CG  . ARG B 40 ? 0.5260 0.5177 0.5604 0.0255  -0.1135 0.0670  51 ARG B CG  
757 C  CD  . ARG B 40 ? 0.5977 0.5680 0.6120 0.0252  -0.1137 0.0767  51 ARG B CD  
758 N  NE  . ARG B 40 ? 0.5535 0.5195 0.5821 0.0324  -0.0917 0.0691  51 ARG B NE  
759 C  CZ  . ARG B 40 ? 0.5333 0.4845 0.5339 0.0267  -0.0804 0.0666  51 ARG B CZ  
760 N  NH1 . ARG B 40 ? 0.5453 0.4865 0.5044 0.0146  -0.0846 0.0716  51 ARG B NH1 
761 N  NH2 . ARG B 40 ? 0.3851 0.3299 0.3978 0.0313  -0.0639 0.0589  51 ARG B NH2 
762 N  N   . VAL B 41 ? 0.3133 0.3356 0.3742 0.0285  -0.0686 0.0284  52 VAL B N   
763 C  CA  . VAL B 41 ? 0.2526 0.2874 0.3477 0.0305  -0.0600 0.0258  52 VAL B CA  
764 C  C   . VAL B 41 ? 0.3035 0.3414 0.3897 0.0214  -0.0673 0.0219  52 VAL B C   
765 O  O   . VAL B 41 ? 0.3333 0.3850 0.4521 0.0175  -0.0743 0.0267  52 VAL B O   
766 C  CB  . VAL B 41 ? 0.2671 0.2948 0.3596 0.0356  -0.0354 0.0165  52 VAL B CB  
767 C  CG1 . VAL B 41 ? 0.2922 0.3283 0.4078 0.0344  -0.0223 0.0129  52 VAL B CG1 
768 C  CG2 . VAL B 41 ? 0.2729 0.2929 0.3780 0.0440  -0.0276 0.0192  52 VAL B CG2 
769 N  N   . ARG B 42 ? 0.3284 0.3532 0.3741 0.0177  -0.0656 0.0133  53 ARG B N   
770 C  CA  . ARG B 42 ? 0.3217 0.3408 0.3533 0.0098  -0.0721 0.0082  53 ARG B CA  
771 C  C   . ARG B 42 ? 0.3116 0.3310 0.3421 0.0006  -0.0959 0.0146  53 ARG B C   
772 O  O   . ARG B 42 ? 0.2473 0.2695 0.2908 -0.0084 -0.1057 0.0153  53 ARG B O   
773 C  CB  . ARG B 42 ? 0.3366 0.3399 0.3292 0.0116  -0.0649 -0.0023 53 ARG B CB  
774 C  CG  . ARG B 42 ? 0.4424 0.4451 0.4360 0.0184  -0.0479 -0.0070 53 ARG B CG  
775 C  CD  . ARG B 42 ? 0.4740 0.4664 0.4414 0.0221  -0.0438 -0.0152 53 ARG B CD  
776 N  NE  . ARG B 42 ? 0.5058 0.4849 0.4620 0.0194  -0.0480 -0.0199 53 ARG B NE  
777 C  CZ  . ARG B 42 ? 0.3445 0.3118 0.2903 0.0237  -0.0442 -0.0251 53 ARG B CZ  
778 N  NH1 . ARG B 42 ? 0.2304 0.2011 0.1766 0.0305  -0.0383 -0.0258 53 ARG B NH1 
779 N  NH2 . ARG B 42 ? 0.3044 0.2542 0.2394 0.0204  -0.0491 -0.0287 53 ARG B NH2 
780 N  N   . LYS B 43 ? 0.3210 0.3350 0.3333 0.0004  -0.1068 0.0203  54 LYS B N   
781 C  CA  . LYS B 43 ? 0.3824 0.3914 0.3843 -0.0101 -0.1330 0.0282  54 LYS B CA  
782 C  C   . LYS B 43 ? 0.3561 0.3867 0.4131 -0.0114 -0.1431 0.0394  54 LYS B C   
783 O  O   . LYS B 43 ? 0.3880 0.4185 0.4488 -0.0224 -0.1565 0.0409  54 LYS B O   
784 C  CB  . LYS B 43 ? 0.4183 0.4138 0.3872 -0.0101 -0.1347 0.0333  54 LYS B CB  
785 C  CG  . LYS B 43 ? 0.6286 0.6108 0.5733 -0.0218 -0.1514 0.0382  54 LYS B CG  
786 C  CD  . LYS B 43 ? 0.7948 0.7615 0.7050 -0.0229 -0.1515 0.0444  54 LYS B CD  
787 C  CE  . LYS B 43 ? 0.9411 0.8889 0.8198 -0.0357 -0.1691 0.0494  54 LYS B CE  
788 N  NZ  . LYS B 43 ? 0.9743 0.9035 0.8151 -0.0389 -0.1685 0.0564  54 LYS B NZ  
789 N  N   . ASP B 44 ? 0.2899 0.3373 0.3899 0.0002  -0.1349 0.0466  55 ASP B N   
790 C  CA  . ASP B 44 ? 0.2947 0.3641 0.4524 0.0019  -0.1387 0.0559  55 ASP B CA  
791 C  C   . ASP B 44 ? 0.3004 0.3874 0.4931 -0.0041 -0.1333 0.0524  55 ASP B C   
792 O  O   . ASP B 44 ? 0.2833 0.3836 0.5068 -0.0116 -0.1441 0.0586  55 ASP B O   
793 C  CB  . ASP B 44 ? 0.4496 0.5276 0.6427 0.0177  -0.1234 0.0602  55 ASP B CB  
794 C  CG  . ASP B 44 ? 0.6284 0.6920 0.8033 0.0211  -0.1341 0.0690  55 ASP B CG  
795 O  OD1 . ASP B 44 ? 0.6862 0.7296 0.8085 0.0137  -0.1439 0.0685  55 ASP B OD1 
796 O  OD2 . ASP B 44 ? 0.7650 0.8355 0.9778 0.0309  -0.1311 0.0760  55 ASP B OD2 
797 N  N   . MSE B 45 ? 0.2363 0.3203 0.4202 -0.0020 -0.1137 0.0422  56 MSE B N   
798 C  CA  . MSE B 45 ? 0.2267 0.3210 0.4352 -0.0097 -0.1020 0.0386  56 MSE B CA  
799 C  C   . MSE B 45 ? 0.2883 0.3743 0.4786 -0.0276 -0.1256 0.0381  56 MSE B C   
800 O  O   . MSE B 45 ? 0.3223 0.4241 0.5494 -0.0392 -0.1295 0.0418  56 MSE B O   
801 C  CB  . MSE B 45 ? 0.2528 0.3298 0.4300 -0.0056 -0.0734 0.0265  56 MSE B CB  
802 C  CG  . MSE B 45 ? 0.3400 0.4190 0.5282 0.0086  -0.0493 0.0248  56 MSE B CG  
803 SE SE  . MSE B 45 ? 0.3378 0.3885 0.4722 0.0095  -0.0244 0.0113  56 MSE B SE  
804 C  CE  . MSE B 45 ? 0.2954 0.3501 0.4478 -0.0051 -0.0142 0.0121  56 MSE B CE  
805 N  N   . TYR B 46 ? 0.3080 0.3672 0.4400 -0.0309 -0.1391 0.0326  57 TYR B N   
806 C  CA  . TYR B 46 ? 0.3575 0.3966 0.4567 -0.0471 -0.1563 0.0280  57 TYR B CA  
807 C  C   . TYR B 46 ? 0.4156 0.4605 0.5278 -0.0547 -0.1756 0.0383  57 TYR B C   
808 O  O   . TYR B 46 ? 0.4142 0.4585 0.5353 -0.0687 -0.1870 0.0394  57 TYR B O   
809 C  CB  . TYR B 46 ? 0.3625 0.3662 0.3907 -0.0458 -0.1545 0.0159  57 TYR B CB  
810 C  CG  . TYR B 46 ? 0.5112 0.4884 0.5027 -0.0599 -0.1655 0.0096  57 TYR B CG  
811 C  CD1 . TYR B 46 ? 0.5501 0.5168 0.5438 -0.0699 -0.1652 0.0035  57 TYR B CD1 
812 C  CD2 . TYR B 46 ? 0.6545 0.6136 0.6082 -0.0645 -0.1758 0.0100  57 TYR B CD2 
813 C  CE1 . TYR B 46 ? 0.6250 0.5634 0.5847 -0.0825 -0.1747 -0.0025 57 TYR B CE1 
814 C  CE2 . TYR B 46 ? 0.7318 0.6635 0.6507 -0.0777 -0.1853 0.0036  57 TYR B CE2 
815 C  CZ  . TYR B 46 ? 0.6577 0.5793 0.5805 -0.0858 -0.1846 -0.0029 57 TYR B CZ  
816 O  OH  . TYR B 46 ? 0.7744 0.6659 0.6622 -0.0987 -0.1936 -0.0096 57 TYR B OH  
817 N  N   . ASN B 47 ? 0.3499 0.3976 0.4616 -0.0466 -0.1807 0.0461  58 ASN B N   
818 C  CA  . ASN B 47 ? 0.4724 0.5240 0.5982 -0.0533 -0.2024 0.0577  58 ASN B CA  
819 C  C   . ASN B 47 ? 0.4503 0.5359 0.6497 -0.0541 -0.2050 0.0676  58 ASN B C   
820 O  O   . ASN B 47 ? 0.4806 0.5698 0.6933 -0.0660 -0.2252 0.0744  58 ASN B O   
821 C  CB  . ASN B 47 ? 0.5307 0.5751 0.6412 -0.0449 -0.2074 0.0653  58 ASN B CB  
822 C  CG  . ASN B 47 ? 0.6736 0.6847 0.7106 -0.0481 -0.2059 0.0572  58 ASN B CG  
823 O  OD1 . ASN B 47 ? 0.7365 0.7264 0.7316 -0.0579 -0.2065 0.0467  58 ASN B OD1 
824 N  ND2 . ASN B 47 ? 0.7099 0.7149 0.7317 -0.0398 -0.2016 0.0616  58 ASN B ND2 
825 N  N   . ASP B 48 ? 0.4594 0.5694 0.7065 -0.0420 -0.1828 0.0679  59 ASP B N   
826 C  CA  . ASP B 48 ? 0.5408 0.6845 0.8610 -0.0413 -0.1769 0.0755  59 ASP B CA  
827 C  C   . ASP B 48 ? 0.6198 0.7689 0.9502 -0.0596 -0.1815 0.0732  59 ASP B C   
828 O  O   . ASP B 48 ? 0.6286 0.8045 1.0147 -0.0646 -0.1831 0.0806  59 ASP B O   
829 C  CB  . ASP B 48 ? 0.5367 0.6985 0.8956 -0.0255 -0.1443 0.0727  59 ASP B CB  
830 C  CG  . ASP B 48 ? 0.6281 0.7851 0.9871 -0.0075 -0.1391 0.0762  59 ASP B CG  
831 O  OD1 . ASP B 48 ? 0.6731 0.8199 1.0163 -0.0077 -0.1615 0.0840  59 ASP B OD1 
832 O  OD2 . ASP B 48 ? 0.6560 0.8161 1.0278 0.0055  -0.1121 0.0709  59 ASP B OD2 
833 N  N   . THR B 49 ? 0.6362 0.7580 0.9124 -0.0697 -0.1831 0.0625  60 THR B N   
834 C  CA  . THR B 49 ? 0.6620 0.7780 0.9351 -0.0883 -0.1859 0.0580  60 THR B CA  
835 C  C   . THR B 49 ? 0.7034 0.8027 0.9512 -0.1040 -0.2155 0.0607  60 THR B C   
836 O  O   . THR B 49 ? 0.7229 0.8266 0.9883 -0.1204 -0.2230 0.0620  60 THR B O   
837 C  CB  . THR B 49 ? 0.7287 0.8153 0.9516 -0.0903 -0.1732 0.0443  60 THR B CB  
838 O  OG1 . THR B 49 ? 0.7271 0.8312 0.9885 -0.0899 -0.1475 0.0436  60 THR B OG1 
839 C  CG2 . THR B 49 ? 0.7809 0.8315 0.9522 -0.1073 -0.1876 0.0359  60 THR B CG2 
840 N  N   . LEU B 50 ? 0.7464 0.8252 0.9520 -0.1004 -0.2315 0.0620  61 LEU B N   
841 C  CA  . LEU B 50 ? 0.8512 0.9090 1.0251 -0.1158 -0.2593 0.0648  61 LEU B CA  
842 C  C   . LEU B 50 ? 0.9868 1.0737 1.2181 -0.1195 -0.2803 0.0814  61 LEU B C   
843 O  O   . LEU B 50 ? 1.0867 1.1584 1.2968 -0.1325 -0.3077 0.0868  61 LEU B O   
844 C  CB  . LEU B 50 ? 0.8341 0.8557 0.9363 -0.1122 -0.2644 0.0594  61 LEU B CB  
845 C  CG  . LEU B 50 ? 0.7448 0.7386 0.7920 -0.1060 -0.2433 0.0430  61 LEU B CG  
846 C  CD1 . LEU B 50 ? 0.7641 0.7268 0.7473 -0.1038 -0.2463 0.0390  61 LEU B CD1 
847 C  CD2 . LEU B 50 ? 0.8020 0.7748 0.8275 -0.1188 -0.2412 0.0317  61 LEU B CD2 
848 N  N   . ASN B 51 ? 1.0022 1.1294 1.3062 -0.1081 -0.2667 0.0892  62 ASN B N   
849 C  CA  . ASN B 51 ? 0.9975 1.1568 1.3674 -0.1081 -0.2827 0.1049  62 ASN B CA  
850 C  C   . ASN B 51 ? 0.9260 1.1046 1.3361 -0.1270 -0.2942 0.1088  62 ASN B C   
851 O  O   . ASN B 51 ? 0.8288 1.0307 1.2799 -0.1291 -0.2722 0.1054  62 ASN B O   
852 C  CB  . ASN B 51 ? 0.9764 1.1688 1.4086 -0.0867 -0.2585 0.1097  62 ASN B CB  
853 C  CG  . ASN B 51 ? 0.9189 1.0948 1.3216 -0.0695 -0.2547 0.1103  62 ASN B CG  
854 O  OD1 . ASN B 51 ? 1.0323 1.1810 1.3853 -0.0736 -0.2765 0.1132  62 ASN B OD1 
855 N  ND2 . ASN B 51 ? 0.7549 0.9451 1.1861 -0.0513 -0.2259 0.1074  62 ASN B ND2 
# 
